data_1DUN
# 
_entry.id   1DUN 
# 
_audit_conform.dict_name       mmcif_pdbx.dic 
_audit_conform.dict_version    5.385 
_audit_conform.dict_location   http://mmcif.pdb.org/dictionaries/ascii/mmcif_pdbx.dic 
# 
loop_
_database_2.database_id 
_database_2.database_code 
_database_2.pdbx_database_accession 
_database_2.pdbx_DOI 
PDB   1DUN         pdb_00001dun 10.2210/pdb1dun/pdb 
WWPDB D_1000172942 ?            ?                   
# 
loop_
_pdbx_audit_revision_history.ordinal 
_pdbx_audit_revision_history.data_content_type 
_pdbx_audit_revision_history.major_revision 
_pdbx_audit_revision_history.minor_revision 
_pdbx_audit_revision_history.revision_date 
1 'Structure model' 1 0 1998-05-27 
2 'Structure model' 1 1 2008-03-24 
3 'Structure model' 1 2 2011-07-13 
4 'Structure model' 1 3 2017-11-29 
5 'Structure model' 1 4 2024-02-07 
# 
_pdbx_audit_revision_details.ordinal             1 
_pdbx_audit_revision_details.revision_ordinal    1 
_pdbx_audit_revision_details.data_content_type   'Structure model' 
_pdbx_audit_revision_details.provider            repository 
_pdbx_audit_revision_details.type                'Initial release' 
_pdbx_audit_revision_details.description         ? 
_pdbx_audit_revision_details.details             ? 
# 
loop_
_pdbx_audit_revision_group.ordinal 
_pdbx_audit_revision_group.revision_ordinal 
_pdbx_audit_revision_group.data_content_type 
_pdbx_audit_revision_group.group 
1 2 'Structure model' 'Version format compliance' 
2 3 'Structure model' 'Version format compliance' 
3 4 'Structure model' Advisory                    
4 4 'Structure model' 'Derived calculations'      
5 4 'Structure model' Other                       
6 5 'Structure model' Advisory                    
7 5 'Structure model' 'Data collection'           
8 5 'Structure model' 'Database references'       
# 
loop_
_pdbx_audit_revision_category.ordinal 
_pdbx_audit_revision_category.revision_ordinal 
_pdbx_audit_revision_category.data_content_type 
_pdbx_audit_revision_category.category 
1 4 'Structure model' pdbx_database_status         
2 4 'Structure model' pdbx_unobs_or_zero_occ_atoms 
3 4 'Structure model' struct_conf                  
4 4 'Structure model' struct_conf_type             
5 5 'Structure model' chem_comp_atom               
6 5 'Structure model' chem_comp_bond               
7 5 'Structure model' database_2                   
8 5 'Structure model' pdbx_unobs_or_zero_occ_atoms 
# 
loop_
_pdbx_audit_revision_item.ordinal 
_pdbx_audit_revision_item.revision_ordinal 
_pdbx_audit_revision_item.data_content_type 
_pdbx_audit_revision_item.item 
1 4 'Structure model' '_pdbx_database_status.process_site'  
2 5 'Structure model' '_database_2.pdbx_DOI'                
3 5 'Structure model' '_database_2.pdbx_database_accession' 
# 
_pdbx_database_status.status_code                     REL 
_pdbx_database_status.entry_id                        1DUN 
_pdbx_database_status.recvd_initial_deposition_date   1997-11-27 
_pdbx_database_status.deposit_site                    ? 
_pdbx_database_status.process_site                    BNL 
_pdbx_database_status.status_code_sf                  REL 
_pdbx_database_status.status_code_mr                  ? 
_pdbx_database_status.SG_entry                        ? 
_pdbx_database_status.pdb_format_compatible           Y 
_pdbx_database_status.status_code_cs                  ? 
_pdbx_database_status.methods_development_category    ? 
_pdbx_database_status.status_code_nmr_data            ? 
# 
loop_
_audit_author.name 
_audit_author.pdbx_ordinal 
'Dauter, Z.'                 1 
'Persson, R.'                2 
'Rosengren, A.M.'            3 
'Nyman, P.O.'                4 
'Wilson, K.S.'               5 
'Cedergren-Zeppezauer, E.S.' 6 
# 
_citation.id                        primary 
_citation.title                     
'Crystal structure of dUTPase from equine infectious anaemia virus; active site metal binding in a substrate analogue complex.' 
_citation.journal_abbrev            J.Mol.Biol. 
_citation.journal_volume            285 
_citation.page_first                655 
_citation.page_last                 673 
_citation.year                      1999 
_citation.journal_id_ASTM           JMOBAK 
_citation.country                   UK 
_citation.journal_id_ISSN           0022-2836 
_citation.journal_id_CSD            0070 
_citation.book_publisher            ? 
_citation.pdbx_database_id_PubMed   9878436 
_citation.pdbx_database_id_DOI      10.1006/jmbi.1998.2332 
# 
loop_
_citation_author.citation_id 
_citation_author.name 
_citation_author.ordinal 
_citation_author.identifier_ORCID 
primary 'Dauter, Z.'                 1 ? 
primary 'Persson, R.'                2 ? 
primary 'Rosengren, A.M.'            3 ? 
primary 'Nyman, P.O.'                4 ? 
primary 'Wilson, K.S.'               5 ? 
primary 'Cedergren-Zeppezauer, E.S.' 6 ? 
# 
loop_
_entity.id 
_entity.type 
_entity.src_method 
_entity.pdbx_description 
_entity.formula_weight 
_entity.pdbx_number_of_molecules 
_entity.pdbx_ec 
_entity.pdbx_mutation 
_entity.pdbx_fragment 
_entity.details 
1 polymer man 
;DEOXYURIDINE 5'-TRIPHOSPHATE NUCLEOTIDOHYDROLASE
;
14784.834 1   3.6.1.23 ? ? ? 
2 water   nat water                                              18.015    133 ?        ? ? ? 
# 
_entity_name_com.entity_id   1 
_entity_name_com.name        'DUTPASE, DUTP PYROPHOSPHATASE' 
# 
_entity_poly.entity_id                      1 
_entity_poly.type                           'polypeptide(L)' 
_entity_poly.nstd_linkage                   no 
_entity_poly.nstd_monomer                   no 
_entity_poly.pdbx_seq_one_letter_code       
;MLAYQGTQIKEKRDEDAGFDLCVPYDIMIPVSDTKIIPTDVKIQVPPNSFGWVTGKSSMAKQGLLINGGIIDEGYTGEIQ
VICTNIGKSNIKLIEGQKFAQLIILQHHSNSRQPWDENKISQRGDKGFGSTGVF
;
_entity_poly.pdbx_seq_one_letter_code_can   
;MLAYQGTQIKEKRDEDAGFDLCVPYDIMIPVSDTKIIPTDVKIQVPPNSFGWVTGKSSMAKQGLLINGGIIDEGYTGEIQ
VICTNIGKSNIKLIEGQKFAQLIILQHHSNSRQPWDENKISQRGDKGFGSTGVF
;
_entity_poly.pdbx_strand_id                 A 
_entity_poly.pdbx_target_identifier         ? 
# 
_pdbx_entity_nonpoly.entity_id   2 
_pdbx_entity_nonpoly.name        water 
_pdbx_entity_nonpoly.comp_id     HOH 
# 
loop_
_entity_poly_seq.entity_id 
_entity_poly_seq.num 
_entity_poly_seq.mon_id 
_entity_poly_seq.hetero 
1 1   MET n 
1 2   LEU n 
1 3   ALA n 
1 4   TYR n 
1 5   GLN n 
1 6   GLY n 
1 7   THR n 
1 8   GLN n 
1 9   ILE n 
1 10  LYS n 
1 11  GLU n 
1 12  LYS n 
1 13  ARG n 
1 14  ASP n 
1 15  GLU n 
1 16  ASP n 
1 17  ALA n 
1 18  GLY n 
1 19  PHE n 
1 20  ASP n 
1 21  LEU n 
1 22  CYS n 
1 23  VAL n 
1 24  PRO n 
1 25  TYR n 
1 26  ASP n 
1 27  ILE n 
1 28  MET n 
1 29  ILE n 
1 30  PRO n 
1 31  VAL n 
1 32  SER n 
1 33  ASP n 
1 34  THR n 
1 35  LYS n 
1 36  ILE n 
1 37  ILE n 
1 38  PRO n 
1 39  THR n 
1 40  ASP n 
1 41  VAL n 
1 42  LYS n 
1 43  ILE n 
1 44  GLN n 
1 45  VAL n 
1 46  PRO n 
1 47  PRO n 
1 48  ASN n 
1 49  SER n 
1 50  PHE n 
1 51  GLY n 
1 52  TRP n 
1 53  VAL n 
1 54  THR n 
1 55  GLY n 
1 56  LYS n 
1 57  SER n 
1 58  SER n 
1 59  MET n 
1 60  ALA n 
1 61  LYS n 
1 62  GLN n 
1 63  GLY n 
1 64  LEU n 
1 65  LEU n 
1 66  ILE n 
1 67  ASN n 
1 68  GLY n 
1 69  GLY n 
1 70  ILE n 
1 71  ILE n 
1 72  ASP n 
1 73  GLU n 
1 74  GLY n 
1 75  TYR n 
1 76  THR n 
1 77  GLY n 
1 78  GLU n 
1 79  ILE n 
1 80  GLN n 
1 81  VAL n 
1 82  ILE n 
1 83  CYS n 
1 84  THR n 
1 85  ASN n 
1 86  ILE n 
1 87  GLY n 
1 88  LYS n 
1 89  SER n 
1 90  ASN n 
1 91  ILE n 
1 92  LYS n 
1 93  LEU n 
1 94  ILE n 
1 95  GLU n 
1 96  GLY n 
1 97  GLN n 
1 98  LYS n 
1 99  PHE n 
1 100 ALA n 
1 101 GLN n 
1 102 LEU n 
1 103 ILE n 
1 104 ILE n 
1 105 LEU n 
1 106 GLN n 
1 107 HIS n 
1 108 HIS n 
1 109 SER n 
1 110 ASN n 
1 111 SER n 
1 112 ARG n 
1 113 GLN n 
1 114 PRO n 
1 115 TRP n 
1 116 ASP n 
1 117 GLU n 
1 118 ASN n 
1 119 LYS n 
1 120 ILE n 
1 121 SER n 
1 122 GLN n 
1 123 ARG n 
1 124 GLY n 
1 125 ASP n 
1 126 LYS n 
1 127 GLY n 
1 128 PHE n 
1 129 GLY n 
1 130 SER n 
1 131 THR n 
1 132 GLY n 
1 133 VAL n 
1 134 PHE n 
# 
_entity_src_gen.entity_id                          1 
_entity_src_gen.pdbx_src_id                        1 
_entity_src_gen.pdbx_alt_source_flag               sample 
_entity_src_gen.pdbx_seq_type                      ? 
_entity_src_gen.pdbx_beg_seq_num                   ? 
_entity_src_gen.pdbx_end_seq_num                   ? 
_entity_src_gen.gene_src_common_name               ? 
_entity_src_gen.gene_src_genus                     Lentivirus 
_entity_src_gen.pdbx_gene_src_gene                 ? 
_entity_src_gen.gene_src_species                   ? 
_entity_src_gen.gene_src_strain                    ? 
_entity_src_gen.gene_src_tissue                    ? 
_entity_src_gen.gene_src_tissue_fraction           ? 
_entity_src_gen.gene_src_details                   ? 
_entity_src_gen.pdbx_gene_src_fragment             ? 
_entity_src_gen.pdbx_gene_src_scientific_name      'Equine infectious anemia virus' 
_entity_src_gen.pdbx_gene_src_ncbi_taxonomy_id     11665 
_entity_src_gen.pdbx_gene_src_variant              ? 
_entity_src_gen.pdbx_gene_src_cell_line            BL21 
_entity_src_gen.pdbx_gene_src_atcc                 ? 
_entity_src_gen.pdbx_gene_src_organ                ? 
_entity_src_gen.pdbx_gene_src_organelle            ? 
_entity_src_gen.pdbx_gene_src_cell                 ? 
_entity_src_gen.pdbx_gene_src_cellular_location    ? 
_entity_src_gen.host_org_common_name               ? 
_entity_src_gen.pdbx_host_org_scientific_name      'Escherichia coli' 
_entity_src_gen.pdbx_host_org_ncbi_taxonomy_id     562 
_entity_src_gen.host_org_genus                     Escherichia 
_entity_src_gen.pdbx_host_org_gene                 ? 
_entity_src_gen.pdbx_host_org_organ                ? 
_entity_src_gen.host_org_species                   ? 
_entity_src_gen.pdbx_host_org_tissue               ? 
_entity_src_gen.pdbx_host_org_tissue_fraction      ? 
_entity_src_gen.pdbx_host_org_strain               'BL21 (DE3) PLYSS' 
_entity_src_gen.pdbx_host_org_variant              ? 
_entity_src_gen.pdbx_host_org_cell_line            ? 
_entity_src_gen.pdbx_host_org_atcc                 ? 
_entity_src_gen.pdbx_host_org_culture_collection   ? 
_entity_src_gen.pdbx_host_org_cell                 ? 
_entity_src_gen.pdbx_host_org_organelle            ? 
_entity_src_gen.pdbx_host_org_cellular_location    ? 
_entity_src_gen.pdbx_host_org_vector_type          ? 
_entity_src_gen.pdbx_host_org_vector               ? 
_entity_src_gen.host_org_details                   ? 
_entity_src_gen.expression_system_id               ? 
_entity_src_gen.plasmid_name                       PET-3A/EDU 
_entity_src_gen.plasmid_details                    ? 
_entity_src_gen.pdbx_description                   ? 
# 
loop_
_chem_comp.id 
_chem_comp.type 
_chem_comp.mon_nstd_flag 
_chem_comp.name 
_chem_comp.pdbx_synonyms 
_chem_comp.formula 
_chem_comp.formula_weight 
ALA 'L-peptide linking' y ALANINE         ? 'C3 H7 N O2'     89.093  
ARG 'L-peptide linking' y ARGININE        ? 'C6 H15 N4 O2 1' 175.209 
ASN 'L-peptide linking' y ASPARAGINE      ? 'C4 H8 N2 O3'    132.118 
ASP 'L-peptide linking' y 'ASPARTIC ACID' ? 'C4 H7 N O4'     133.103 
CYS 'L-peptide linking' y CYSTEINE        ? 'C3 H7 N O2 S'   121.158 
GLN 'L-peptide linking' y GLUTAMINE       ? 'C5 H10 N2 O3'   146.144 
GLU 'L-peptide linking' y 'GLUTAMIC ACID' ? 'C5 H9 N O4'     147.129 
GLY 'peptide linking'   y GLYCINE         ? 'C2 H5 N O2'     75.067  
HIS 'L-peptide linking' y HISTIDINE       ? 'C6 H10 N3 O2 1' 156.162 
HOH non-polymer         . WATER           ? 'H2 O'           18.015  
ILE 'L-peptide linking' y ISOLEUCINE      ? 'C6 H13 N O2'    131.173 
LEU 'L-peptide linking' y LEUCINE         ? 'C6 H13 N O2'    131.173 
LYS 'L-peptide linking' y LYSINE          ? 'C6 H15 N2 O2 1' 147.195 
MET 'L-peptide linking' y METHIONINE      ? 'C5 H11 N O2 S'  149.211 
PHE 'L-peptide linking' y PHENYLALANINE   ? 'C9 H11 N O2'    165.189 
PRO 'L-peptide linking' y PROLINE         ? 'C5 H9 N O2'     115.130 
SER 'L-peptide linking' y SERINE          ? 'C3 H7 N O3'     105.093 
THR 'L-peptide linking' y THREONINE       ? 'C4 H9 N O3'     119.119 
TRP 'L-peptide linking' y TRYPTOPHAN      ? 'C11 H12 N2 O2'  204.225 
TYR 'L-peptide linking' y TYROSINE        ? 'C9 H11 N O3'    181.189 
VAL 'L-peptide linking' y VALINE          ? 'C5 H11 N O2'    117.146 
# 
loop_
_pdbx_poly_seq_scheme.asym_id 
_pdbx_poly_seq_scheme.entity_id 
_pdbx_poly_seq_scheme.seq_id 
_pdbx_poly_seq_scheme.mon_id 
_pdbx_poly_seq_scheme.ndb_seq_num 
_pdbx_poly_seq_scheme.pdb_seq_num 
_pdbx_poly_seq_scheme.auth_seq_num 
_pdbx_poly_seq_scheme.pdb_mon_id 
_pdbx_poly_seq_scheme.auth_mon_id 
_pdbx_poly_seq_scheme.pdb_strand_id 
_pdbx_poly_seq_scheme.pdb_ins_code 
_pdbx_poly_seq_scheme.hetero 
A 1 1   MET 1   1   1   MET MET A . n 
A 1 2   LEU 2   2   2   LEU LEU A . n 
A 1 3   ALA 3   3   3   ALA ALA A . n 
A 1 4   TYR 4   4   4   TYR TYR A . n 
A 1 5   GLN 5   5   5   GLN GLN A . n 
A 1 6   GLY 6   6   6   GLY GLY A . n 
A 1 7   THR 7   7   7   THR THR A . n 
A 1 8   GLN 8   8   8   GLN GLN A . n 
A 1 9   ILE 9   9   9   ILE ILE A . n 
A 1 10  LYS 10  10  10  LYS LYS A . n 
A 1 11  GLU 11  11  11  GLU GLU A . n 
A 1 12  LYS 12  12  12  LYS LYS A . n 
A 1 13  ARG 13  13  13  ARG ARG A . n 
A 1 14  ASP 14  14  14  ASP ASP A . n 
A 1 15  GLU 15  15  15  GLU GLU A . n 
A 1 16  ASP 16  16  16  ASP ASP A . n 
A 1 17  ALA 17  17  17  ALA ALA A . n 
A 1 18  GLY 18  18  18  GLY GLY A . n 
A 1 19  PHE 19  19  19  PHE PHE A . n 
A 1 20  ASP 20  20  20  ASP ASP A . n 
A 1 21  LEU 21  21  21  LEU LEU A . n 
A 1 22  CYS 22  22  22  CYS CYS A . n 
A 1 23  VAL 23  23  23  VAL VAL A . n 
A 1 24  PRO 24  24  24  PRO PRO A . n 
A 1 25  TYR 25  25  25  TYR TYR A . n 
A 1 26  ASP 26  26  26  ASP ASP A . n 
A 1 27  ILE 27  27  27  ILE ILE A . n 
A 1 28  MET 28  28  28  MET MET A . n 
A 1 29  ILE 29  29  29  ILE ILE A . n 
A 1 30  PRO 30  30  30  PRO PRO A . n 
A 1 31  VAL 31  31  31  VAL VAL A . n 
A 1 32  SER 32  32  32  SER SER A . n 
A 1 33  ASP 33  33  33  ASP ASP A . n 
A 1 34  THR 34  34  34  THR THR A . n 
A 1 35  LYS 35  35  35  LYS LYS A . n 
A 1 36  ILE 36  36  36  ILE ILE A . n 
A 1 37  ILE 37  37  37  ILE ILE A . n 
A 1 38  PRO 38  38  38  PRO PRO A . n 
A 1 39  THR 39  39  39  THR THR A . n 
A 1 40  ASP 40  40  40  ASP ASP A . n 
A 1 41  VAL 41  41  41  VAL VAL A . n 
A 1 42  LYS 42  42  42  LYS LYS A . n 
A 1 43  ILE 43  43  43  ILE ILE A . n 
A 1 44  GLN 44  44  44  GLN GLN A . n 
A 1 45  VAL 45  45  45  VAL VAL A . n 
A 1 46  PRO 46  46  46  PRO PRO A . n 
A 1 47  PRO 47  47  47  PRO PRO A . n 
A 1 48  ASN 48  48  48  ASN ASN A . n 
A 1 49  SER 49  49  49  SER SER A . n 
A 1 50  PHE 50  50  50  PHE PHE A . n 
A 1 51  GLY 51  51  51  GLY GLY A . n 
A 1 52  TRP 52  52  52  TRP TRP A . n 
A 1 53  VAL 53  53  53  VAL VAL A . n 
A 1 54  THR 54  54  54  THR THR A . n 
A 1 55  GLY 55  55  55  GLY GLY A . n 
A 1 56  LYS 56  56  56  LYS LYS A . n 
A 1 57  SER 57  57  57  SER SER A . n 
A 1 58  SER 58  58  58  SER SER A . n 
A 1 59  MET 59  59  59  MET MET A . n 
A 1 60  ALA 60  60  60  ALA ALA A . n 
A 1 61  LYS 61  61  61  LYS LYS A . n 
A 1 62  GLN 62  62  62  GLN GLN A . n 
A 1 63  GLY 63  63  63  GLY GLY A . n 
A 1 64  LEU 64  64  64  LEU LEU A . n 
A 1 65  LEU 65  65  65  LEU LEU A . n 
A 1 66  ILE 66  66  66  ILE ILE A . n 
A 1 67  ASN 67  67  67  ASN ASN A . n 
A 1 68  GLY 68  68  68  GLY GLY A . n 
A 1 69  GLY 69  69  69  GLY GLY A . n 
A 1 70  ILE 70  70  70  ILE ILE A . n 
A 1 71  ILE 71  71  71  ILE ILE A . n 
A 1 72  ASP 72  72  72  ASP ASP A . n 
A 1 73  GLU 73  73  73  GLU GLU A . n 
A 1 74  GLY 74  74  74  GLY GLY A . n 
A 1 75  TYR 75  75  75  TYR TYR A . n 
A 1 76  THR 76  76  76  THR THR A . n 
A 1 77  GLY 77  77  77  GLY GLY A . n 
A 1 78  GLU 78  78  78  GLU GLU A . n 
A 1 79  ILE 79  79  79  ILE ILE A . n 
A 1 80  GLN 80  80  80  GLN GLN A . n 
A 1 81  VAL 81  81  81  VAL VAL A . n 
A 1 82  ILE 82  82  82  ILE ILE A . n 
A 1 83  CYS 83  83  83  CYS CYS A . n 
A 1 84  THR 84  84  84  THR THR A . n 
A 1 85  ASN 85  85  85  ASN ASN A . n 
A 1 86  ILE 86  86  86  ILE ILE A . n 
A 1 87  GLY 87  87  87  GLY GLY A . n 
A 1 88  LYS 88  88  88  LYS LYS A . n 
A 1 89  SER 89  89  89  SER SER A . n 
A 1 90  ASN 90  90  90  ASN ASN A . n 
A 1 91  ILE 91  91  91  ILE ILE A . n 
A 1 92  LYS 92  92  92  LYS LYS A . n 
A 1 93  LEU 93  93  93  LEU LEU A . n 
A 1 94  ILE 94  94  94  ILE ILE A . n 
A 1 95  GLU 95  95  95  GLU GLU A . n 
A 1 96  GLY 96  96  96  GLY GLY A . n 
A 1 97  GLN 97  97  97  GLN GLN A . n 
A 1 98  LYS 98  98  98  LYS LYS A . n 
A 1 99  PHE 99  99  99  PHE PHE A . n 
A 1 100 ALA 100 100 100 ALA ALA A . n 
A 1 101 GLN 101 101 101 GLN GLN A . n 
A 1 102 LEU 102 102 102 LEU LEU A . n 
A 1 103 ILE 103 103 103 ILE ILE A . n 
A 1 104 ILE 104 104 104 ILE ILE A . n 
A 1 105 LEU 105 105 105 LEU LEU A . n 
A 1 106 GLN 106 106 106 GLN GLN A . n 
A 1 107 HIS 107 107 107 HIS HIS A . n 
A 1 108 HIS 108 108 108 HIS HIS A . n 
A 1 109 SER 109 109 109 SER SER A . n 
A 1 110 ASN 110 110 110 ASN ASN A . n 
A 1 111 SER 111 111 111 SER SER A . n 
A 1 112 ARG 112 112 112 ARG ARG A . n 
A 1 113 GLN 113 113 113 GLN GLN A . n 
A 1 114 PRO 114 114 114 PRO PRO A . n 
A 1 115 TRP 115 115 115 TRP TRP A . n 
A 1 116 ASP 116 116 116 ASP ASP A . n 
A 1 117 GLU 117 117 117 GLU GLU A . n 
A 1 118 ASN 118 118 118 ASN ASN A . n 
A 1 119 LYS 119 119 119 LYS LYS A . n 
A 1 120 ILE 120 120 120 ILE ILE A . n 
A 1 121 SER 121 121 ?   ?   ?   A . n 
A 1 122 GLN 122 122 ?   ?   ?   A . n 
A 1 123 ARG 123 123 ?   ?   ?   A . n 
A 1 124 GLY 124 124 ?   ?   ?   A . n 
A 1 125 ASP 125 125 ?   ?   ?   A . n 
A 1 126 LYS 126 126 ?   ?   ?   A . n 
A 1 127 GLY 127 127 ?   ?   ?   A . n 
A 1 128 PHE 128 128 ?   ?   ?   A . n 
A 1 129 GLY 129 129 ?   ?   ?   A . n 
A 1 130 SER 130 130 ?   ?   ?   A . n 
A 1 131 THR 131 131 ?   ?   ?   A . n 
A 1 132 GLY 132 132 ?   ?   ?   A . n 
A 1 133 VAL 133 133 ?   ?   ?   A . n 
A 1 134 PHE 134 134 ?   ?   ?   A . n 
# 
loop_
_pdbx_nonpoly_scheme.asym_id 
_pdbx_nonpoly_scheme.entity_id 
_pdbx_nonpoly_scheme.mon_id 
_pdbx_nonpoly_scheme.ndb_seq_num 
_pdbx_nonpoly_scheme.pdb_seq_num 
_pdbx_nonpoly_scheme.auth_seq_num 
_pdbx_nonpoly_scheme.pdb_mon_id 
_pdbx_nonpoly_scheme.auth_mon_id 
_pdbx_nonpoly_scheme.pdb_strand_id 
_pdbx_nonpoly_scheme.pdb_ins_code 
B 2 HOH 1   135 0   HOH HOH A . 
B 2 HOH 2   136 1   HOH HOH A . 
B 2 HOH 3   137 2   HOH HOH A . 
B 2 HOH 4   138 3   HOH HOH A . 
B 2 HOH 5   139 4   HOH HOH A . 
B 2 HOH 6   140 5   HOH HOH A . 
B 2 HOH 7   141 6   HOH HOH A . 
B 2 HOH 8   142 7   HOH HOH A . 
B 2 HOH 9   143 8   HOH HOH A . 
B 2 HOH 10  144 9   HOH HOH A . 
B 2 HOH 11  145 10  HOH HOH A . 
B 2 HOH 12  146 11  HOH HOH A . 
B 2 HOH 13  147 12  HOH HOH A . 
B 2 HOH 14  148 13  HOH HOH A . 
B 2 HOH 15  149 14  HOH HOH A . 
B 2 HOH 16  150 15  HOH HOH A . 
B 2 HOH 17  151 16  HOH HOH A . 
B 2 HOH 18  152 17  HOH HOH A . 
B 2 HOH 19  153 18  HOH HOH A . 
B 2 HOH 20  154 19  HOH HOH A . 
B 2 HOH 21  155 20  HOH HOH A . 
B 2 HOH 22  156 21  HOH HOH A . 
B 2 HOH 23  157 22  HOH HOH A . 
B 2 HOH 24  158 23  HOH HOH A . 
B 2 HOH 25  159 24  HOH HOH A . 
B 2 HOH 26  160 25  HOH HOH A . 
B 2 HOH 27  161 26  HOH HOH A . 
B 2 HOH 28  162 27  HOH HOH A . 
B 2 HOH 29  163 28  HOH HOH A . 
B 2 HOH 30  164 29  HOH HOH A . 
B 2 HOH 31  165 30  HOH HOH A . 
B 2 HOH 32  166 31  HOH HOH A . 
B 2 HOH 33  167 32  HOH HOH A . 
B 2 HOH 34  168 33  HOH HOH A . 
B 2 HOH 35  169 34  HOH HOH A . 
B 2 HOH 36  170 35  HOH HOH A . 
B 2 HOH 37  171 36  HOH HOH A . 
B 2 HOH 38  172 37  HOH HOH A . 
B 2 HOH 39  173 38  HOH HOH A . 
B 2 HOH 40  174 39  HOH HOH A . 
B 2 HOH 41  175 40  HOH HOH A . 
B 2 HOH 42  176 41  HOH HOH A . 
B 2 HOH 43  177 42  HOH HOH A . 
B 2 HOH 44  178 43  HOH HOH A . 
B 2 HOH 45  179 44  HOH HOH A . 
B 2 HOH 46  180 45  HOH HOH A . 
B 2 HOH 47  181 46  HOH HOH A . 
B 2 HOH 48  182 47  HOH HOH A . 
B 2 HOH 49  183 48  HOH HOH A . 
B 2 HOH 50  184 49  HOH HOH A . 
B 2 HOH 51  185 50  HOH HOH A . 
B 2 HOH 52  186 51  HOH HOH A . 
B 2 HOH 53  187 52  HOH HOH A . 
B 2 HOH 54  188 53  HOH HOH A . 
B 2 HOH 55  189 54  HOH HOH A . 
B 2 HOH 56  190 55  HOH HOH A . 
B 2 HOH 57  191 56  HOH HOH A . 
B 2 HOH 58  192 57  HOH HOH A . 
B 2 HOH 59  193 58  HOH HOH A . 
B 2 HOH 60  194 59  HOH HOH A . 
B 2 HOH 61  195 60  HOH HOH A . 
B 2 HOH 62  196 61  HOH HOH A . 
B 2 HOH 63  197 62  HOH HOH A . 
B 2 HOH 64  198 63  HOH HOH A . 
B 2 HOH 65  199 64  HOH HOH A . 
B 2 HOH 66  200 65  HOH HOH A . 
B 2 HOH 67  201 66  HOH HOH A . 
B 2 HOH 68  202 67  HOH HOH A . 
B 2 HOH 69  203 68  HOH HOH A . 
B 2 HOH 70  204 69  HOH HOH A . 
B 2 HOH 71  205 70  HOH HOH A . 
B 2 HOH 72  206 71  HOH HOH A . 
B 2 HOH 73  207 72  HOH HOH A . 
B 2 HOH 74  208 73  HOH HOH A . 
B 2 HOH 75  209 74  HOH HOH A . 
B 2 HOH 76  210 75  HOH HOH A . 
B 2 HOH 77  211 76  HOH HOH A . 
B 2 HOH 78  212 77  HOH HOH A . 
B 2 HOH 79  213 78  HOH HOH A . 
B 2 HOH 80  214 79  HOH HOH A . 
B 2 HOH 81  215 80  HOH HOH A . 
B 2 HOH 82  216 81  HOH HOH A . 
B 2 HOH 83  217 82  HOH HOH A . 
B 2 HOH 84  218 83  HOH HOH A . 
B 2 HOH 85  219 84  HOH HOH A . 
B 2 HOH 86  220 85  HOH HOH A . 
B 2 HOH 87  221 86  HOH HOH A . 
B 2 HOH 88  222 87  HOH HOH A . 
B 2 HOH 89  223 88  HOH HOH A . 
B 2 HOH 90  224 89  HOH HOH A . 
B 2 HOH 91  225 90  HOH HOH A . 
B 2 HOH 92  226 91  HOH HOH A . 
B 2 HOH 93  227 92  HOH HOH A . 
B 2 HOH 94  228 93  HOH HOH A . 
B 2 HOH 95  229 94  HOH HOH A . 
B 2 HOH 96  230 95  HOH HOH A . 
B 2 HOH 97  231 96  HOH HOH A . 
B 2 HOH 98  232 97  HOH HOH A . 
B 2 HOH 99  233 98  HOH HOH A . 
B 2 HOH 100 234 99  HOH HOH A . 
B 2 HOH 101 235 100 HOH HOH A . 
B 2 HOH 102 236 101 HOH HOH A . 
B 2 HOH 103 237 102 HOH HOH A . 
B 2 HOH 104 238 103 HOH HOH A . 
B 2 HOH 105 239 104 HOH HOH A . 
B 2 HOH 106 240 105 HOH HOH A . 
B 2 HOH 107 241 106 HOH HOH A . 
B 2 HOH 108 242 107 HOH HOH A . 
B 2 HOH 109 243 108 HOH HOH A . 
B 2 HOH 110 244 109 HOH HOH A . 
B 2 HOH 111 245 110 HOH HOH A . 
B 2 HOH 112 246 111 HOH HOH A . 
B 2 HOH 113 247 112 HOH HOH A . 
B 2 HOH 114 248 113 HOH HOH A . 
B 2 HOH 115 249 114 HOH HOH A . 
B 2 HOH 116 250 115 HOH HOH A . 
B 2 HOH 117 251 116 HOH HOH A . 
B 2 HOH 118 252 117 HOH HOH A . 
B 2 HOH 119 253 118 HOH HOH A . 
B 2 HOH 120 254 119 HOH HOH A . 
B 2 HOH 121 255 120 HOH HOH A . 
B 2 HOH 122 256 121 HOH HOH A . 
B 2 HOH 123 257 122 HOH HOH A . 
B 2 HOH 124 258 123 HOH HOH A . 
B 2 HOH 125 259 124 HOH HOH A . 
B 2 HOH 126 260 125 HOH HOH A . 
B 2 HOH 127 261 126 HOH HOH A . 
B 2 HOH 128 262 127 HOH HOH A . 
B 2 HOH 129 263 128 HOH HOH A . 
B 2 HOH 130 264 129 HOH HOH A . 
B 2 HOH 131 265 130 HOH HOH A . 
B 2 HOH 132 266 131 HOH HOH A . 
B 2 HOH 133 267 132 HOH HOH A . 
# 
loop_
_pdbx_unobs_or_zero_occ_atoms.id 
_pdbx_unobs_or_zero_occ_atoms.PDB_model_num 
_pdbx_unobs_or_zero_occ_atoms.polymer_flag 
_pdbx_unobs_or_zero_occ_atoms.occupancy_flag 
_pdbx_unobs_or_zero_occ_atoms.auth_asym_id 
_pdbx_unobs_or_zero_occ_atoms.auth_comp_id 
_pdbx_unobs_or_zero_occ_atoms.auth_seq_id 
_pdbx_unobs_or_zero_occ_atoms.PDB_ins_code 
_pdbx_unobs_or_zero_occ_atoms.auth_atom_id 
_pdbx_unobs_or_zero_occ_atoms.label_alt_id 
_pdbx_unobs_or_zero_occ_atoms.label_asym_id 
_pdbx_unobs_or_zero_occ_atoms.label_comp_id 
_pdbx_unobs_or_zero_occ_atoms.label_seq_id 
_pdbx_unobs_or_zero_occ_atoms.label_atom_id 
1 1 Y 0 A LYS 10 ? CD  ? A LYS 10 CD  
2 1 Y 0 A LYS 10 ? CE  ? A LYS 10 CE  
3 1 Y 0 A LYS 10 ? NZ  ? A LYS 10 NZ  
4 1 Y 0 A ARG 13 ? NE  ? A ARG 13 NE  
5 1 Y 0 A ARG 13 ? CZ  ? A ARG 13 CZ  
6 1 Y 0 A ARG 13 ? NH1 ? A ARG 13 NH1 
7 1 Y 0 A ARG 13 ? NH2 ? A ARG 13 NH2 
8 1 Y 0 A MET 28 ? CE  ? A MET 28 CE  
# 
_software.name             REFMAC 
_software.classification   refinement 
_software.version          . 
_software.citation_id      ? 
_software.pdbx_ordinal     1 
# 
_cell.entry_id           1DUN 
_cell.length_a           86.270 
_cell.length_b           86.270 
_cell.length_c           95.240 
_cell.angle_alpha        90.00 
_cell.angle_beta         90.00 
_cell.angle_gamma        120.00 
_cell.Z_PDB              18 
_cell.pdbx_unique_axis   ? 
# 
_symmetry.entry_id                         1DUN 
_symmetry.space_group_name_H-M             'H 3 2' 
_symmetry.pdbx_full_space_group_name_H-M   ? 
_symmetry.cell_setting                     ? 
_symmetry.Int_Tables_number                155 
# 
_exptl.entry_id          1DUN 
_exptl.method            'X-RAY DIFFRACTION' 
_exptl.crystals_number   ? 
# 
_exptl_crystal.id                    1 
_exptl_crystal.density_meas          ? 
_exptl_crystal.density_Matthews      2.32 
_exptl_crystal.density_percent_sol   47. 
_exptl_crystal.description           ? 
# 
_exptl_crystal_grow.crystal_id      1 
_exptl_crystal_grow.method          ? 
_exptl_crystal_grow.temp            ? 
_exptl_crystal_grow.temp_details    ? 
_exptl_crystal_grow.pH              7.0 
_exptl_crystal_grow.pdbx_pH_range   ? 
_exptl_crystal_grow.pdbx_details    
;DROP: 1.4 MG/ML PROTEIN, 0.05 M IMIDAZOL MALATE BUFFER PH 7.0, 15% PEG 3400. WELL: 0.01 M IMIDAZOL MALATE BUFFER PH 7.0, 30% PEG 3400; GROWTH TIME: ABOUT 5 MONTHS.
;
# 
_diffrn.id                     1 
_diffrn.ambient_temp           ? 
_diffrn.ambient_temp_details   ? 
_diffrn.crystal_id             1 
# 
_diffrn_radiation.diffrn_id                        1 
_diffrn_radiation.wavelength_id                    1 
_diffrn_radiation.pdbx_monochromatic_or_laue_m_l   M 
_diffrn_radiation.monochromator                    ? 
_diffrn_radiation.pdbx_diffrn_protocol             ? 
_diffrn_radiation.pdbx_scattering_type             x-ray 
# 
_diffrn_radiation_wavelength.id           1 
_diffrn_radiation_wavelength.wavelength   . 
_diffrn_radiation_wavelength.wt           1.0 
# 
_reflns.entry_id                     1DUN 
_reflns.observed_criterion_sigma_I   ? 
_reflns.observed_criterion_sigma_F   ? 
_reflns.d_resolution_low             ? 
_reflns.d_resolution_high            ? 
_reflns.number_obs                   ? 
_reflns.number_all                   ? 
_reflns.percent_possible_obs         ? 
_reflns.pdbx_Rmerge_I_obs            ? 
_reflns.pdbx_Rsym_value              ? 
_reflns.pdbx_netI_over_sigmaI        ? 
_reflns.B_iso_Wilson_estimate        14.5 
_reflns.pdbx_redundancy              ? 
_reflns.pdbx_diffrn_id               1 
_reflns.pdbx_ordinal                 1 
# 
_refine.entry_id                                 1DUN 
_refine.ls_number_reflns_obs                     10671 
_refine.ls_number_reflns_all                     ? 
_refine.pdbx_ls_sigma_I                          ? 
_refine.pdbx_ls_sigma_F                          0.0 
_refine.pdbx_data_cutoff_high_absF               ? 
_refine.pdbx_data_cutoff_low_absF                ? 
_refine.pdbx_data_cutoff_high_rms_absF           ? 
_refine.ls_d_res_low                             20.0 
_refine.ls_d_res_high                            1.9 
_refine.ls_percent_reflns_obs                    97.5 
_refine.ls_R_factor_obs                          0.159 
_refine.ls_R_factor_all                          ? 
_refine.ls_R_factor_R_work                       0.161 
_refine.ls_R_factor_R_free                       0.215 
_refine.ls_R_factor_R_free_error                 ? 
_refine.ls_R_factor_R_free_error_details         ? 
_refine.ls_percent_reflns_R_free                 5. 
_refine.ls_number_reflns_R_free                  510 
_refine.ls_number_parameters                     ? 
_refine.ls_number_restraints                     ? 
_refine.occupancy_min                            ? 
_refine.occupancy_max                            ? 
_refine.correlation_coeff_Fo_to_Fc               ? 
_refine.correlation_coeff_Fo_to_Fc_free          ? 
_refine.B_iso_mean                               18.9 
_refine.aniso_B[1][1]                            19.3 
_refine.aniso_B[2][2]                            19.7 
_refine.aniso_B[3][3]                            16.1 
_refine.aniso_B[1][2]                            0.6 
_refine.aniso_B[1][3]                            0.0 
_refine.aniso_B[2][3]                            0.0 
_refine.solvent_model_details                    ? 
_refine.solvent_model_param_ksol                 ? 
_refine.solvent_model_param_bsol                 ? 
_refine.pdbx_solvent_vdw_probe_radii             ? 
_refine.pdbx_solvent_ion_probe_radii             ? 
_refine.pdbx_solvent_shrinkage_radii             ? 
_refine.pdbx_ls_cross_valid_method               'FREE R' 
_refine.details                                  'COORDINATE ERROR ACCORDING TO CRUICKSHANK = 0.12 A' 
_refine.pdbx_starting_model                      ? 
_refine.pdbx_method_to_determine_struct          ? 
_refine.pdbx_isotropic_thermal_model             ? 
_refine.pdbx_stereochemistry_target_values       ? 
_refine.pdbx_stereochem_target_val_spec_case     ? 
_refine.pdbx_R_Free_selection_details            RANDOM 
_refine.pdbx_overall_ESU_R                       ? 
_refine.pdbx_overall_ESU_R_Free                  ? 
_refine.overall_SU_ML                            ? 
_refine.overall_SU_B                             ? 
_refine.pdbx_refine_id                           'X-RAY DIFFRACTION' 
_refine.pdbx_diffrn_id                           1 
_refine.pdbx_TLS_residual_ADP_flag               ? 
_refine.pdbx_overall_phase_error                 ? 
_refine.overall_SU_R_Cruickshank_DPI             ? 
_refine.pdbx_overall_SU_R_free_Cruickshank_DPI   ? 
_refine.pdbx_overall_SU_R_Blow_DPI               ? 
_refine.pdbx_overall_SU_R_free_Blow_DPI          ? 
# 
_refine_analyze.entry_id                        1DUN 
_refine_analyze.Luzzati_coordinate_error_obs    ? 
_refine_analyze.Luzzati_sigma_a_obs             ? 
_refine_analyze.Luzzati_d_res_low_obs           20.0 
_refine_analyze.Luzzati_coordinate_error_free   ? 
_refine_analyze.Luzzati_sigma_a_free            ? 
_refine_analyze.Luzzati_d_res_low_free          ? 
_refine_analyze.number_disordered_residues      ? 
_refine_analyze.occupancy_sum_hydrogen          ? 
_refine_analyze.occupancy_sum_non_hydrogen      ? 
_refine_analyze.pdbx_refine_id                  'X-RAY DIFFRACTION' 
# 
_refine_hist.pdbx_refine_id                   'X-RAY DIFFRACTION' 
_refine_hist.cycle_id                         LAST 
_refine_hist.pdbx_number_atoms_protein        943 
_refine_hist.pdbx_number_atoms_nucleic_acid   0 
_refine_hist.pdbx_number_atoms_ligand         0 
_refine_hist.number_atoms_solvent             133 
_refine_hist.number_atoms_total               1076 
_refine_hist.d_res_high                       1.9 
_refine_hist.d_res_low                        20.0 
# 
loop_
_refine_ls_restr.type 
_refine_ls_restr.dev_ideal 
_refine_ls_restr.dev_ideal_target 
_refine_ls_restr.weight 
_refine_ls_restr.number 
_refine_ls_restr.pdbx_refine_id 
_refine_ls_restr.pdbx_restraint_function 
p_bond_d            0.022 0.020 ? ? 'X-RAY DIFFRACTION' ? 
p_angle_d           0.042 0.040 ? ? 'X-RAY DIFFRACTION' ? 
p_angle_deg         ?     ?     ? ? 'X-RAY DIFFRACTION' ? 
p_planar_d          0.043 0.050 ? ? 'X-RAY DIFFRACTION' ? 
p_hb_or_metal_coord ?     ?     ? ? 'X-RAY DIFFRACTION' ? 
p_mcbond_it         3.3   3.0   ? ? 'X-RAY DIFFRACTION' ? 
p_mcangle_it        4.0   5.0   ? ? 'X-RAY DIFFRACTION' ? 
p_scbond_it         6.0   6.0   ? ? 'X-RAY DIFFRACTION' ? 
p_scangle_it        8.2   8.0   ? ? 'X-RAY DIFFRACTION' ? 
p_plane_restr       0.012 0.020 ? ? 'X-RAY DIFFRACTION' ? 
p_chiral_restr      0.256 0.150 ? ? 'X-RAY DIFFRACTION' ? 
p_singtor_nbd       0.20  0.30  ? ? 'X-RAY DIFFRACTION' ? 
p_multtor_nbd       0.25  0.30  ? ? 'X-RAY DIFFRACTION' ? 
p_xhyhbond_nbd      ?     ?     ? ? 'X-RAY DIFFRACTION' ? 
p_xyhbond_nbd       0.11  0.30  ? ? 'X-RAY DIFFRACTION' ? 
p_planar_tor        5.8   7.0   ? ? 'X-RAY DIFFRACTION' ? 
p_staggered_tor     16.1  15.0  ? ? 'X-RAY DIFFRACTION' ? 
p_orthonormal_tor   ?     ?     ? ? 'X-RAY DIFFRACTION' ? 
p_transverse_tor    24.3  20.0  ? ? 'X-RAY DIFFRACTION' ? 
p_special_tor       ?     ?     ? ? 'X-RAY DIFFRACTION' ? 
# 
_struct.entry_id                  1DUN 
_struct.title                     'EIAV DUTPASE NATIVE' 
_struct.pdbx_model_details        ? 
_struct.pdbx_CASP_flag            ? 
_struct.pdbx_model_type_details   ? 
# 
_struct_keywords.entry_id        1DUN 
_struct_keywords.pdbx_keywords   HYDROLASE 
_struct_keywords.text            'HYDROLASE, DUTPASE, EIAV, TRIMERIC ENZYME, ASPARTYL PROTEASE' 
# 
loop_
_struct_asym.id 
_struct_asym.pdbx_blank_PDB_chainid_flag 
_struct_asym.pdbx_modified 
_struct_asym.entity_id 
_struct_asym.details 
A N N 1 ? 
B N N 2 ? 
# 
_struct_ref.id                         1 
_struct_ref.db_name                    UNP 
_struct_ref.db_code                    POL_EIAV9 
_struct_ref.entity_id                  1 
_struct_ref.pdbx_db_accession          P11204 
_struct_ref.pdbx_align_begin           1 
_struct_ref.pdbx_seq_one_letter_code   
;TAWTFLKAMQKCSKKREARGSREAPETNFPDTTEESAQQICCTRDSSDSKSVPRSERNKKGIQCQGEGSSRGSQPGQFVG
VTYNLEKRPTTIVLINDTPLNVLLDTGADTSVLTTAHYNRLKYRGRKYQGTGIIGVGGNVETFSTPVTIKKKGRHIKTRM
LVADIPVTILGRDILQDLGAKLVLAQLSKEIKFRKIELKEGTMGPKIPQWPLTKEKLEGAKEIVQRLLSEGKISEASDNN
PYNSPIFVIKKRSGKWRLLQDLRELNKTVQVGTEISRGLPHPGGLIKCKHMTVLDIGDAYFTIPLDPEFRPYTAFTIPSI
NHQEPDKRYVWNCLPQGFVLSPYIYQKTLQEILQPFRERYPEVQLYQYMDDLFVGSNGSKKQHKELIIELRAILLEEGFE
TPDDKLQEVPPYSWLGYQLCPENWKVQKMQLDMVKNPTLNDVQKLMGNITWMSSGVPGLTVKHIAATTKGCLELNQKVIW
TEEAQKELEENNEKIKNAQGLQYYNPEEEMLCEVEITKNYEATYVIKQSQGILWAGKKIMKANKGWSTVKNLMLLLQHVA
TESITRVGKCPTFKVPFTKEQVMWEMQKGWYYSWLPEIVYTHQVVHDDWRMKLVEEPTSGITIYTDGGKQNGEGIAAYVT
SNGRTKQKRLGPVTHQVAERMAIQMALEDTRDKQVNIVTDSYYCWKNITEGLGLEGPQSPWWPIIQNIREKEIVYFAWVP
GHKGICGNQLADEAAKIKEEIMLAYQGTQIKEKRDEDAGFDLCVPYDIMIPVSDTKIIPTDVKIQVPPNSFGWVTGKSSM
AKQGLLINGGIIDEGYTGEIQVICTNIGKSNIKLIEGQKFAQLIILQHHSNSRQPWDENKISQRGDKGFGSTGVFWVENI
QEAQDEHENWHTSPKILARNYKIPLTVAKQITQECPHCTKQGSGPAGCVMRSPNHWQADCTHLDNKIILTFVESNSGYIH
ATLLSKENALCTSLAILEWARLFSPKSLHTDNGTNFVAEPVVNLLKFLKIAHTTGIPYHPESQGIVERANRTLKEKIQSH
RDNTQTLEAALQLALITCNKGRESMGGQTPWEVFITNQAQVIHEKLLLQQAQSSKKFCFYKIPGEHDWKGPTRVLWKGDG
AVVVNDEGKGIIAVPLTRTKLLIKPN
;
_struct_ref.pdbx_db_isoform            ? 
# 
_struct_ref_seq.align_id                      1 
_struct_ref_seq.ref_id                        1 
_struct_ref_seq.pdbx_PDB_id_code              1DUN 
_struct_ref_seq.pdbx_strand_id                A 
_struct_ref_seq.seq_align_beg                 1 
_struct_ref_seq.pdbx_seq_align_beg_ins_code   ? 
_struct_ref_seq.seq_align_end                 134 
_struct_ref_seq.pdbx_seq_align_end_ins_code   ? 
_struct_ref_seq.pdbx_db_accession             P11204 
_struct_ref_seq.db_align_beg                  742 
_struct_ref_seq.pdbx_db_align_beg_ins_code    ? 
_struct_ref_seq.db_align_end                  875 
_struct_ref_seq.pdbx_db_align_end_ins_code    ? 
_struct_ref_seq.pdbx_auth_seq_align_beg       1 
_struct_ref_seq.pdbx_auth_seq_align_end       134 
# 
_pdbx_struct_assembly.id                   1 
_pdbx_struct_assembly.details              author_defined_assembly 
_pdbx_struct_assembly.method_details       ? 
_pdbx_struct_assembly.oligomeric_details   trimeric 
_pdbx_struct_assembly.oligomeric_count     3 
# 
_pdbx_struct_assembly_gen.assembly_id       1 
_pdbx_struct_assembly_gen.oper_expression   1,2,3 
_pdbx_struct_assembly_gen.asym_id_list      A,B 
# 
loop_
_pdbx_struct_oper_list.id 
_pdbx_struct_oper_list.type 
_pdbx_struct_oper_list.name 
_pdbx_struct_oper_list.symmetry_operation 
_pdbx_struct_oper_list.matrix[1][1] 
_pdbx_struct_oper_list.matrix[1][2] 
_pdbx_struct_oper_list.matrix[1][3] 
_pdbx_struct_oper_list.vector[1] 
_pdbx_struct_oper_list.matrix[2][1] 
_pdbx_struct_oper_list.matrix[2][2] 
_pdbx_struct_oper_list.matrix[2][3] 
_pdbx_struct_oper_list.vector[2] 
_pdbx_struct_oper_list.matrix[3][1] 
_pdbx_struct_oper_list.matrix[3][2] 
_pdbx_struct_oper_list.matrix[3][3] 
_pdbx_struct_oper_list.vector[3] 
1 'identity operation'         1_555 x,y,z     1.0000000000 0.0000000000 0.0000000000  0.0000000000  0.0000000000 1.0000000000  0.0000000000  0.0000000000  0.0000000000  0.0000000000  1.0000000000  0.0000000000  
2 'crystal symmetry operation' 2_555 -y,x-y,z  0.9357582056 0.2694510337 -0.2274922439 -0.0005600062 0.3294001893 -0.4375551562 0.8366845287  2.8316052462  0.1259051068  -0.8578704015 -0.4982030494 16.6763455184 
3 'crystal symmetry operation' 3_555 -x+y,-x,z 0.9357582056 0.3294001893 0.1259051068  -3.0318443379 0.2694510337 -0.4375551562 -0.8578704015 15.5452775946 -0.2274922439 0.8366845287  -0.4982030494 5.9389184916 
# 
_struct_biol.id   1 
# 
_struct_conf.conf_type_id            HELX_P 
_struct_conf.id                      HELX_P1 
_struct_conf.pdbx_PDB_helix_id       1 
_struct_conf.beg_label_comp_id       SER 
_struct_conf.beg_label_asym_id       A 
_struct_conf.beg_label_seq_id        57 
_struct_conf.pdbx_beg_PDB_ins_code   ? 
_struct_conf.end_label_comp_id       GLN 
_struct_conf.end_label_asym_id       A 
_struct_conf.end_label_seq_id        62 
_struct_conf.pdbx_end_PDB_ins_code   ? 
_struct_conf.beg_auth_comp_id        SER 
_struct_conf.beg_auth_asym_id        A 
_struct_conf.beg_auth_seq_id         57 
_struct_conf.end_auth_comp_id        GLN 
_struct_conf.end_auth_asym_id        A 
_struct_conf.end_auth_seq_id         62 
_struct_conf.pdbx_PDB_helix_class    1 
_struct_conf.details                 ? 
_struct_conf.pdbx_PDB_helix_length   6 
# 
_struct_conf_type.id          HELX_P 
_struct_conf_type.criteria    ? 
_struct_conf_type.reference   ? 
# 
loop_
_struct_sheet.id 
_struct_sheet.type 
_struct_sheet.number_strands 
_struct_sheet.details 
S1 ? 4 ? 
S2 ? 4 ? 
S3 ? 2 ? 
# 
loop_
_struct_sheet_order.sheet_id 
_struct_sheet_order.range_id_1 
_struct_sheet_order.range_id_2 
_struct_sheet_order.offset 
_struct_sheet_order.sense 
S1 1 2 ? anti-parallel 
S1 2 3 ? anti-parallel 
S1 3 4 ? anti-parallel 
S2 1 2 ? anti-parallel 
S2 2 3 ? anti-parallel 
S2 3 4 ? anti-parallel 
S3 1 2 ? anti-parallel 
# 
loop_
_struct_sheet_range.sheet_id 
_struct_sheet_range.id 
_struct_sheet_range.beg_label_comp_id 
_struct_sheet_range.beg_label_asym_id 
_struct_sheet_range.beg_label_seq_id 
_struct_sheet_range.pdbx_beg_PDB_ins_code 
_struct_sheet_range.end_label_comp_id 
_struct_sheet_range.end_label_asym_id 
_struct_sheet_range.end_label_seq_id 
_struct_sheet_range.pdbx_end_PDB_ins_code 
_struct_sheet_range.beg_auth_comp_id 
_struct_sheet_range.beg_auth_asym_id 
_struct_sheet_range.beg_auth_seq_id 
_struct_sheet_range.end_auth_comp_id 
_struct_sheet_range.end_auth_asym_id 
_struct_sheet_range.end_auth_seq_id 
S1 1 ALA A 3  ? GLN A 5   ? ALA A 3  GLN A 5   
S1 2 ASP A 33 ? GLN A 44  ? ASP A 33 GLN A 44  
S1 3 GLN A 80 ? ILE A 86  ? GLN A 80 ILE A 86  
S1 4 GLY A 63 ? ASN A 67  ? GLY A 63 ASN A 67  
S2 1 PHE A 19 ? VAL A 23  ? PHE A 19 VAL A 23  
S2 2 GLN A 97 ? HIS A 107 ? GLN A 97 HIS A 107 
S2 3 ASN A 48 ? THR A 54  ? ASN A 48 THR A 54  
S2 4 GLY A 69 ? ILE A 71  ? GLY A 69 ILE A 71  
S3 1 ILE A 27 ? ILE A 29  ? ILE A 27 ILE A 29  
S3 2 ILE A 91 ? LEU A 93  ? ILE A 91 LEU A 93  
# 
loop_
_pdbx_struct_sheet_hbond.sheet_id 
_pdbx_struct_sheet_hbond.range_id_1 
_pdbx_struct_sheet_hbond.range_id_2 
_pdbx_struct_sheet_hbond.range_1_label_atom_id 
_pdbx_struct_sheet_hbond.range_1_label_comp_id 
_pdbx_struct_sheet_hbond.range_1_label_asym_id 
_pdbx_struct_sheet_hbond.range_1_label_seq_id 
_pdbx_struct_sheet_hbond.range_1_PDB_ins_code 
_pdbx_struct_sheet_hbond.range_1_auth_atom_id 
_pdbx_struct_sheet_hbond.range_1_auth_comp_id 
_pdbx_struct_sheet_hbond.range_1_auth_asym_id 
_pdbx_struct_sheet_hbond.range_1_auth_seq_id 
_pdbx_struct_sheet_hbond.range_2_label_atom_id 
_pdbx_struct_sheet_hbond.range_2_label_comp_id 
_pdbx_struct_sheet_hbond.range_2_label_asym_id 
_pdbx_struct_sheet_hbond.range_2_label_seq_id 
_pdbx_struct_sheet_hbond.range_2_PDB_ins_code 
_pdbx_struct_sheet_hbond.range_2_auth_atom_id 
_pdbx_struct_sheet_hbond.range_2_auth_comp_id 
_pdbx_struct_sheet_hbond.range_2_auth_asym_id 
_pdbx_struct_sheet_hbond.range_2_auth_seq_id 
S1 1 2 N ALA A 3   ? N ALA A 3   O GLN A 44 ? O GLN A 44 
S1 2 3 O ILE A 37  ? O ILE A 37  N VAL A 81 ? N VAL A 81 
S1 3 4 N ILE A 86  ? N ILE A 86  O GLY A 63 ? O GLY A 63 
S2 1 2 N VAL A 23  ? N VAL A 23  O GLN A 97 ? O GLN A 97 
S2 2 3 N HIS A 107 ? N HIS A 107 O ASN A 48 ? O ASN A 48 
S2 3 4 N GLY A 51  ? N GLY A 51  O ILE A 71 ? O ILE A 71 
S3 1 2 O ILE A 29  ? O ILE A 29  N ILE A 91 ? N ILE A 91 
# 
_pdbx_validate_close_contact.id               1 
_pdbx_validate_close_contact.PDB_model_num    1 
_pdbx_validate_close_contact.auth_atom_id_1   SG 
_pdbx_validate_close_contact.auth_asym_id_1   A 
_pdbx_validate_close_contact.auth_comp_id_1   CYS 
_pdbx_validate_close_contact.auth_seq_id_1    22 
_pdbx_validate_close_contact.PDB_ins_code_1   ? 
_pdbx_validate_close_contact.label_alt_id_1   ? 
_pdbx_validate_close_contact.auth_atom_id_2   O 
_pdbx_validate_close_contact.auth_asym_id_2   A 
_pdbx_validate_close_contact.auth_comp_id_2   HOH 
_pdbx_validate_close_contact.auth_seq_id_2    135 
_pdbx_validate_close_contact.PDB_ins_code_2   ? 
_pdbx_validate_close_contact.label_alt_id_2   ? 
_pdbx_validate_close_contact.dist             2.15 
# 
_pdbx_validate_symm_contact.id                1 
_pdbx_validate_symm_contact.PDB_model_num     1 
_pdbx_validate_symm_contact.auth_atom_id_1    O 
_pdbx_validate_symm_contact.auth_asym_id_1    A 
_pdbx_validate_symm_contact.auth_comp_id_1    HOH 
_pdbx_validate_symm_contact.auth_seq_id_1     172 
_pdbx_validate_symm_contact.PDB_ins_code_1    ? 
_pdbx_validate_symm_contact.label_alt_id_1    ? 
_pdbx_validate_symm_contact.site_symmetry_1   1_555 
_pdbx_validate_symm_contact.auth_atom_id_2    O 
_pdbx_validate_symm_contact.auth_asym_id_2    A 
_pdbx_validate_symm_contact.auth_comp_id_2    HOH 
_pdbx_validate_symm_contact.auth_seq_id_2     266 
_pdbx_validate_symm_contact.PDB_ins_code_2    ? 
_pdbx_validate_symm_contact.label_alt_id_2    ? 
_pdbx_validate_symm_contact.site_symmetry_2   18_555 
_pdbx_validate_symm_contact.dist              2.03 
# 
_pdbx_validate_rmsd_bond.id                        1 
_pdbx_validate_rmsd_bond.PDB_model_num             1 
_pdbx_validate_rmsd_bond.auth_atom_id_1            CD 
_pdbx_validate_rmsd_bond.auth_asym_id_1            A 
_pdbx_validate_rmsd_bond.auth_comp_id_1            ARG 
_pdbx_validate_rmsd_bond.auth_seq_id_1             13 
_pdbx_validate_rmsd_bond.PDB_ins_code_1            ? 
_pdbx_validate_rmsd_bond.label_alt_id_1            ? 
_pdbx_validate_rmsd_bond.auth_atom_id_2            NE 
_pdbx_validate_rmsd_bond.auth_asym_id_2            A 
_pdbx_validate_rmsd_bond.auth_comp_id_2            ARG 
_pdbx_validate_rmsd_bond.auth_seq_id_2             13 
_pdbx_validate_rmsd_bond.PDB_ins_code_2            ? 
_pdbx_validate_rmsd_bond.label_alt_id_2            ? 
_pdbx_validate_rmsd_bond.bond_value                1.245 
_pdbx_validate_rmsd_bond.bond_target_value         1.460 
_pdbx_validate_rmsd_bond.bond_deviation            -0.215 
_pdbx_validate_rmsd_bond.bond_standard_deviation   0.017 
_pdbx_validate_rmsd_bond.linker_flag               N 
# 
loop_
_pdbx_validate_rmsd_angle.id 
_pdbx_validate_rmsd_angle.PDB_model_num 
_pdbx_validate_rmsd_angle.auth_atom_id_1 
_pdbx_validate_rmsd_angle.auth_asym_id_1 
_pdbx_validate_rmsd_angle.auth_comp_id_1 
_pdbx_validate_rmsd_angle.auth_seq_id_1 
_pdbx_validate_rmsd_angle.PDB_ins_code_1 
_pdbx_validate_rmsd_angle.label_alt_id_1 
_pdbx_validate_rmsd_angle.auth_atom_id_2 
_pdbx_validate_rmsd_angle.auth_asym_id_2 
_pdbx_validate_rmsd_angle.auth_comp_id_2 
_pdbx_validate_rmsd_angle.auth_seq_id_2 
_pdbx_validate_rmsd_angle.PDB_ins_code_2 
_pdbx_validate_rmsd_angle.label_alt_id_2 
_pdbx_validate_rmsd_angle.auth_atom_id_3 
_pdbx_validate_rmsd_angle.auth_asym_id_3 
_pdbx_validate_rmsd_angle.auth_comp_id_3 
_pdbx_validate_rmsd_angle.auth_seq_id_3 
_pdbx_validate_rmsd_angle.PDB_ins_code_3 
_pdbx_validate_rmsd_angle.label_alt_id_3 
_pdbx_validate_rmsd_angle.angle_value 
_pdbx_validate_rmsd_angle.angle_target_value 
_pdbx_validate_rmsd_angle.angle_deviation 
_pdbx_validate_rmsd_angle.angle_standard_deviation 
_pdbx_validate_rmsd_angle.linker_flag 
1  1 CA A MET 1  ? ? CB A MET 1  ? ? CG  A MET 1  ? ? 124.01 113.30 10.71  1.70 N 
2  1 CB A TYR 4  ? ? CG A TYR 4  ? ? CD2 A TYR 4  ? ? 114.90 121.00 -6.10  0.60 N 
3  1 CB A TYR 4  ? ? CG A TYR 4  ? ? CD1 A TYR 4  ? ? 127.08 121.00 6.08   0.60 N 
4  1 CA A THR 7  ? ? CB A THR 7  ? ? CG2 A THR 7  ? ? 103.62 112.40 -8.78  1.40 N 
5  1 CG A ARG 13 ? ? CD A ARG 13 ? ? NE  A ARG 13 ? ? 130.29 111.80 18.49  2.10 N 
6  1 CB A ASP 14 ? ? CG A ASP 14 ? ? OD1 A ASP 14 ? ? 124.19 118.30 5.89   0.90 N 
7  1 CB A ASP 20 ? ? CG A ASP 20 ? ? OD2 A ASP 20 ? ? 111.56 118.30 -6.74  0.90 N 
8  1 CA A CYS 22 ? ? CB A CYS 22 ? ? SG  A CYS 22 ? ? 101.57 114.00 -12.43 1.80 N 
9  1 CB A TYR 25 ? ? CG A TYR 25 ? ? CD1 A TYR 25 ? ? 117.27 121.00 -3.73  0.60 N 
10 1 CB A ASP 26 ? ? CG A ASP 26 ? ? OD1 A ASP 26 ? ? 126.45 118.30 8.15   0.90 N 
11 1 CB A ASP 26 ? ? CG A ASP 26 ? ? OD2 A ASP 26 ? ? 112.67 118.30 -5.63  0.90 N 
12 1 CB A ASP 40 ? ? CG A ASP 40 ? ? OD1 A ASP 40 ? ? 125.70 118.30 7.40   0.90 N 
13 1 CB A ASP 72 ? ? CG A ASP 72 ? ? OD2 A ASP 72 ? ? 125.01 118.30 6.71   0.90 N 
14 1 CA A ASN 90 ? ? CB A ASN 90 ? ? CG  A ASN 90 ? ? 97.92  113.40 -15.48 2.20 N 
# 
loop_
_pdbx_validate_torsion.id 
_pdbx_validate_torsion.PDB_model_num 
_pdbx_validate_torsion.auth_comp_id 
_pdbx_validate_torsion.auth_asym_id 
_pdbx_validate_torsion.auth_seq_id 
_pdbx_validate_torsion.PDB_ins_code 
_pdbx_validate_torsion.label_alt_id 
_pdbx_validate_torsion.phi 
_pdbx_validate_torsion.psi 
1 1 SER A 32  ? ? 81.15  -5.42 
2 1 SER A 109 ? ? -91.99 50.49 
3 1 SER A 111 ? ? 63.32  70.38 
# 
loop_
_pdbx_validate_main_chain_plane.id 
_pdbx_validate_main_chain_plane.PDB_model_num 
_pdbx_validate_main_chain_plane.auth_comp_id 
_pdbx_validate_main_chain_plane.auth_asym_id 
_pdbx_validate_main_chain_plane.auth_seq_id 
_pdbx_validate_main_chain_plane.PDB_ins_code 
_pdbx_validate_main_chain_plane.label_alt_id 
_pdbx_validate_main_chain_plane.improper_torsion_angle 
1 1 LYS A 35  ? ? -11.15 
2 1 ILE A 36  ? ? 10.63  
3 1 ASP A 72  ? ? -13.89 
4 1 SER A 109 ? ? 15.09  
# 
loop_
_pdbx_struct_special_symmetry.id 
_pdbx_struct_special_symmetry.PDB_model_num 
_pdbx_struct_special_symmetry.auth_asym_id 
_pdbx_struct_special_symmetry.auth_comp_id 
_pdbx_struct_special_symmetry.auth_seq_id 
_pdbx_struct_special_symmetry.PDB_ins_code 
_pdbx_struct_special_symmetry.label_asym_id 
_pdbx_struct_special_symmetry.label_comp_id 
_pdbx_struct_special_symmetry.label_seq_id 
1 1 A HOH 156 ? B HOH . 
2 1 A HOH 165 ? B HOH . 
# 
loop_
_pdbx_unobs_or_zero_occ_residues.id 
_pdbx_unobs_or_zero_occ_residues.PDB_model_num 
_pdbx_unobs_or_zero_occ_residues.polymer_flag 
_pdbx_unobs_or_zero_occ_residues.occupancy_flag 
_pdbx_unobs_or_zero_occ_residues.auth_asym_id 
_pdbx_unobs_or_zero_occ_residues.auth_comp_id 
_pdbx_unobs_or_zero_occ_residues.auth_seq_id 
_pdbx_unobs_or_zero_occ_residues.PDB_ins_code 
_pdbx_unobs_or_zero_occ_residues.label_asym_id 
_pdbx_unobs_or_zero_occ_residues.label_comp_id 
_pdbx_unobs_or_zero_occ_residues.label_seq_id 
1  1 Y 1 A SER 121 ? A SER 121 
2  1 Y 1 A GLN 122 ? A GLN 122 
3  1 Y 1 A ARG 123 ? A ARG 123 
4  1 Y 1 A GLY 124 ? A GLY 124 
5  1 Y 1 A ASP 125 ? A ASP 125 
6  1 Y 1 A LYS 126 ? A LYS 126 
7  1 Y 1 A GLY 127 ? A GLY 127 
8  1 Y 1 A PHE 128 ? A PHE 128 
9  1 Y 1 A GLY 129 ? A GLY 129 
10 1 Y 1 A SER 130 ? A SER 130 
11 1 Y 1 A THR 131 ? A THR 131 
12 1 Y 1 A GLY 132 ? A GLY 132 
13 1 Y 1 A VAL 133 ? A VAL 133 
14 1 Y 1 A PHE 134 ? A PHE 134 
# 
loop_
_chem_comp_atom.comp_id 
_chem_comp_atom.atom_id 
_chem_comp_atom.type_symbol 
_chem_comp_atom.pdbx_aromatic_flag 
_chem_comp_atom.pdbx_stereo_config 
_chem_comp_atom.pdbx_ordinal 
ALA N    N N N 1   
ALA CA   C N S 2   
ALA C    C N N 3   
ALA O    O N N 4   
ALA CB   C N N 5   
ALA OXT  O N N 6   
ALA H    H N N 7   
ALA H2   H N N 8   
ALA HA   H N N 9   
ALA HB1  H N N 10  
ALA HB2  H N N 11  
ALA HB3  H N N 12  
ALA HXT  H N N 13  
ARG N    N N N 14  
ARG CA   C N S 15  
ARG C    C N N 16  
ARG O    O N N 17  
ARG CB   C N N 18  
ARG CG   C N N 19  
ARG CD   C N N 20  
ARG NE   N N N 21  
ARG CZ   C N N 22  
ARG NH1  N N N 23  
ARG NH2  N N N 24  
ARG OXT  O N N 25  
ARG H    H N N 26  
ARG H2   H N N 27  
ARG HA   H N N 28  
ARG HB2  H N N 29  
ARG HB3  H N N 30  
ARG HG2  H N N 31  
ARG HG3  H N N 32  
ARG HD2  H N N 33  
ARG HD3  H N N 34  
ARG HE   H N N 35  
ARG HH11 H N N 36  
ARG HH12 H N N 37  
ARG HH21 H N N 38  
ARG HH22 H N N 39  
ARG HXT  H N N 40  
ASN N    N N N 41  
ASN CA   C N S 42  
ASN C    C N N 43  
ASN O    O N N 44  
ASN CB   C N N 45  
ASN CG   C N N 46  
ASN OD1  O N N 47  
ASN ND2  N N N 48  
ASN OXT  O N N 49  
ASN H    H N N 50  
ASN H2   H N N 51  
ASN HA   H N N 52  
ASN HB2  H N N 53  
ASN HB3  H N N 54  
ASN HD21 H N N 55  
ASN HD22 H N N 56  
ASN HXT  H N N 57  
ASP N    N N N 58  
ASP CA   C N S 59  
ASP C    C N N 60  
ASP O    O N N 61  
ASP CB   C N N 62  
ASP CG   C N N 63  
ASP OD1  O N N 64  
ASP OD2  O N N 65  
ASP OXT  O N N 66  
ASP H    H N N 67  
ASP H2   H N N 68  
ASP HA   H N N 69  
ASP HB2  H N N 70  
ASP HB3  H N N 71  
ASP HD2  H N N 72  
ASP HXT  H N N 73  
CYS N    N N N 74  
CYS CA   C N R 75  
CYS C    C N N 76  
CYS O    O N N 77  
CYS CB   C N N 78  
CYS SG   S N N 79  
CYS OXT  O N N 80  
CYS H    H N N 81  
CYS H2   H N N 82  
CYS HA   H N N 83  
CYS HB2  H N N 84  
CYS HB3  H N N 85  
CYS HG   H N N 86  
CYS HXT  H N N 87  
GLN N    N N N 88  
GLN CA   C N S 89  
GLN C    C N N 90  
GLN O    O N N 91  
GLN CB   C N N 92  
GLN CG   C N N 93  
GLN CD   C N N 94  
GLN OE1  O N N 95  
GLN NE2  N N N 96  
GLN OXT  O N N 97  
GLN H    H N N 98  
GLN H2   H N N 99  
GLN HA   H N N 100 
GLN HB2  H N N 101 
GLN HB3  H N N 102 
GLN HG2  H N N 103 
GLN HG3  H N N 104 
GLN HE21 H N N 105 
GLN HE22 H N N 106 
GLN HXT  H N N 107 
GLU N    N N N 108 
GLU CA   C N S 109 
GLU C    C N N 110 
GLU O    O N N 111 
GLU CB   C N N 112 
GLU CG   C N N 113 
GLU CD   C N N 114 
GLU OE1  O N N 115 
GLU OE2  O N N 116 
GLU OXT  O N N 117 
GLU H    H N N 118 
GLU H2   H N N 119 
GLU HA   H N N 120 
GLU HB2  H N N 121 
GLU HB3  H N N 122 
GLU HG2  H N N 123 
GLU HG3  H N N 124 
GLU HE2  H N N 125 
GLU HXT  H N N 126 
GLY N    N N N 127 
GLY CA   C N N 128 
GLY C    C N N 129 
GLY O    O N N 130 
GLY OXT  O N N 131 
GLY H    H N N 132 
GLY H2   H N N 133 
GLY HA2  H N N 134 
GLY HA3  H N N 135 
GLY HXT  H N N 136 
HIS N    N N N 137 
HIS CA   C N S 138 
HIS C    C N N 139 
HIS O    O N N 140 
HIS CB   C N N 141 
HIS CG   C Y N 142 
HIS ND1  N Y N 143 
HIS CD2  C Y N 144 
HIS CE1  C Y N 145 
HIS NE2  N Y N 146 
HIS OXT  O N N 147 
HIS H    H N N 148 
HIS H2   H N N 149 
HIS HA   H N N 150 
HIS HB2  H N N 151 
HIS HB3  H N N 152 
HIS HD1  H N N 153 
HIS HD2  H N N 154 
HIS HE1  H N N 155 
HIS HE2  H N N 156 
HIS HXT  H N N 157 
HOH O    O N N 158 
HOH H1   H N N 159 
HOH H2   H N N 160 
ILE N    N N N 161 
ILE CA   C N S 162 
ILE C    C N N 163 
ILE O    O N N 164 
ILE CB   C N S 165 
ILE CG1  C N N 166 
ILE CG2  C N N 167 
ILE CD1  C N N 168 
ILE OXT  O N N 169 
ILE H    H N N 170 
ILE H2   H N N 171 
ILE HA   H N N 172 
ILE HB   H N N 173 
ILE HG12 H N N 174 
ILE HG13 H N N 175 
ILE HG21 H N N 176 
ILE HG22 H N N 177 
ILE HG23 H N N 178 
ILE HD11 H N N 179 
ILE HD12 H N N 180 
ILE HD13 H N N 181 
ILE HXT  H N N 182 
LEU N    N N N 183 
LEU CA   C N S 184 
LEU C    C N N 185 
LEU O    O N N 186 
LEU CB   C N N 187 
LEU CG   C N N 188 
LEU CD1  C N N 189 
LEU CD2  C N N 190 
LEU OXT  O N N 191 
LEU H    H N N 192 
LEU H2   H N N 193 
LEU HA   H N N 194 
LEU HB2  H N N 195 
LEU HB3  H N N 196 
LEU HG   H N N 197 
LEU HD11 H N N 198 
LEU HD12 H N N 199 
LEU HD13 H N N 200 
LEU HD21 H N N 201 
LEU HD22 H N N 202 
LEU HD23 H N N 203 
LEU HXT  H N N 204 
LYS N    N N N 205 
LYS CA   C N S 206 
LYS C    C N N 207 
LYS O    O N N 208 
LYS CB   C N N 209 
LYS CG   C N N 210 
LYS CD   C N N 211 
LYS CE   C N N 212 
LYS NZ   N N N 213 
LYS OXT  O N N 214 
LYS H    H N N 215 
LYS H2   H N N 216 
LYS HA   H N N 217 
LYS HB2  H N N 218 
LYS HB3  H N N 219 
LYS HG2  H N N 220 
LYS HG3  H N N 221 
LYS HD2  H N N 222 
LYS HD3  H N N 223 
LYS HE2  H N N 224 
LYS HE3  H N N 225 
LYS HZ1  H N N 226 
LYS HZ2  H N N 227 
LYS HZ3  H N N 228 
LYS HXT  H N N 229 
MET N    N N N 230 
MET CA   C N S 231 
MET C    C N N 232 
MET O    O N N 233 
MET CB   C N N 234 
MET CG   C N N 235 
MET SD   S N N 236 
MET CE   C N N 237 
MET OXT  O N N 238 
MET H    H N N 239 
MET H2   H N N 240 
MET HA   H N N 241 
MET HB2  H N N 242 
MET HB3  H N N 243 
MET HG2  H N N 244 
MET HG3  H N N 245 
MET HE1  H N N 246 
MET HE2  H N N 247 
MET HE3  H N N 248 
MET HXT  H N N 249 
PHE N    N N N 250 
PHE CA   C N S 251 
PHE C    C N N 252 
PHE O    O N N 253 
PHE CB   C N N 254 
PHE CG   C Y N 255 
PHE CD1  C Y N 256 
PHE CD2  C Y N 257 
PHE CE1  C Y N 258 
PHE CE2  C Y N 259 
PHE CZ   C Y N 260 
PHE OXT  O N N 261 
PHE H    H N N 262 
PHE H2   H N N 263 
PHE HA   H N N 264 
PHE HB2  H N N 265 
PHE HB3  H N N 266 
PHE HD1  H N N 267 
PHE HD2  H N N 268 
PHE HE1  H N N 269 
PHE HE2  H N N 270 
PHE HZ   H N N 271 
PHE HXT  H N N 272 
PRO N    N N N 273 
PRO CA   C N S 274 
PRO C    C N N 275 
PRO O    O N N 276 
PRO CB   C N N 277 
PRO CG   C N N 278 
PRO CD   C N N 279 
PRO OXT  O N N 280 
PRO H    H N N 281 
PRO HA   H N N 282 
PRO HB2  H N N 283 
PRO HB3  H N N 284 
PRO HG2  H N N 285 
PRO HG3  H N N 286 
PRO HD2  H N N 287 
PRO HD3  H N N 288 
PRO HXT  H N N 289 
SER N    N N N 290 
SER CA   C N S 291 
SER C    C N N 292 
SER O    O N N 293 
SER CB   C N N 294 
SER OG   O N N 295 
SER OXT  O N N 296 
SER H    H N N 297 
SER H2   H N N 298 
SER HA   H N N 299 
SER HB2  H N N 300 
SER HB3  H N N 301 
SER HG   H N N 302 
SER HXT  H N N 303 
THR N    N N N 304 
THR CA   C N S 305 
THR C    C N N 306 
THR O    O N N 307 
THR CB   C N R 308 
THR OG1  O N N 309 
THR CG2  C N N 310 
THR OXT  O N N 311 
THR H    H N N 312 
THR H2   H N N 313 
THR HA   H N N 314 
THR HB   H N N 315 
THR HG1  H N N 316 
THR HG21 H N N 317 
THR HG22 H N N 318 
THR HG23 H N N 319 
THR HXT  H N N 320 
TRP N    N N N 321 
TRP CA   C N S 322 
TRP C    C N N 323 
TRP O    O N N 324 
TRP CB   C N N 325 
TRP CG   C Y N 326 
TRP CD1  C Y N 327 
TRP CD2  C Y N 328 
TRP NE1  N Y N 329 
TRP CE2  C Y N 330 
TRP CE3  C Y N 331 
TRP CZ2  C Y N 332 
TRP CZ3  C Y N 333 
TRP CH2  C Y N 334 
TRP OXT  O N N 335 
TRP H    H N N 336 
TRP H2   H N N 337 
TRP HA   H N N 338 
TRP HB2  H N N 339 
TRP HB3  H N N 340 
TRP HD1  H N N 341 
TRP HE1  H N N 342 
TRP HE3  H N N 343 
TRP HZ2  H N N 344 
TRP HZ3  H N N 345 
TRP HH2  H N N 346 
TRP HXT  H N N 347 
TYR N    N N N 348 
TYR CA   C N S 349 
TYR C    C N N 350 
TYR O    O N N 351 
TYR CB   C N N 352 
TYR CG   C Y N 353 
TYR CD1  C Y N 354 
TYR CD2  C Y N 355 
TYR CE1  C Y N 356 
TYR CE2  C Y N 357 
TYR CZ   C Y N 358 
TYR OH   O N N 359 
TYR OXT  O N N 360 
TYR H    H N N 361 
TYR H2   H N N 362 
TYR HA   H N N 363 
TYR HB2  H N N 364 
TYR HB3  H N N 365 
TYR HD1  H N N 366 
TYR HD2  H N N 367 
TYR HE1  H N N 368 
TYR HE2  H N N 369 
TYR HH   H N N 370 
TYR HXT  H N N 371 
VAL N    N N N 372 
VAL CA   C N S 373 
VAL C    C N N 374 
VAL O    O N N 375 
VAL CB   C N N 376 
VAL CG1  C N N 377 
VAL CG2  C N N 378 
VAL OXT  O N N 379 
VAL H    H N N 380 
VAL H2   H N N 381 
VAL HA   H N N 382 
VAL HB   H N N 383 
VAL HG11 H N N 384 
VAL HG12 H N N 385 
VAL HG13 H N N 386 
VAL HG21 H N N 387 
VAL HG22 H N N 388 
VAL HG23 H N N 389 
VAL HXT  H N N 390 
# 
loop_
_chem_comp_bond.comp_id 
_chem_comp_bond.atom_id_1 
_chem_comp_bond.atom_id_2 
_chem_comp_bond.value_order 
_chem_comp_bond.pdbx_aromatic_flag 
_chem_comp_bond.pdbx_stereo_config 
_chem_comp_bond.pdbx_ordinal 
ALA N   CA   sing N N 1   
ALA N   H    sing N N 2   
ALA N   H2   sing N N 3   
ALA CA  C    sing N N 4   
ALA CA  CB   sing N N 5   
ALA CA  HA   sing N N 6   
ALA C   O    doub N N 7   
ALA C   OXT  sing N N 8   
ALA CB  HB1  sing N N 9   
ALA CB  HB2  sing N N 10  
ALA CB  HB3  sing N N 11  
ALA OXT HXT  sing N N 12  
ARG N   CA   sing N N 13  
ARG N   H    sing N N 14  
ARG N   H2   sing N N 15  
ARG CA  C    sing N N 16  
ARG CA  CB   sing N N 17  
ARG CA  HA   sing N N 18  
ARG C   O    doub N N 19  
ARG C   OXT  sing N N 20  
ARG CB  CG   sing N N 21  
ARG CB  HB2  sing N N 22  
ARG CB  HB3  sing N N 23  
ARG CG  CD   sing N N 24  
ARG CG  HG2  sing N N 25  
ARG CG  HG3  sing N N 26  
ARG CD  NE   sing N N 27  
ARG CD  HD2  sing N N 28  
ARG CD  HD3  sing N N 29  
ARG NE  CZ   sing N N 30  
ARG NE  HE   sing N N 31  
ARG CZ  NH1  sing N N 32  
ARG CZ  NH2  doub N N 33  
ARG NH1 HH11 sing N N 34  
ARG NH1 HH12 sing N N 35  
ARG NH2 HH21 sing N N 36  
ARG NH2 HH22 sing N N 37  
ARG OXT HXT  sing N N 38  
ASN N   CA   sing N N 39  
ASN N   H    sing N N 40  
ASN N   H2   sing N N 41  
ASN CA  C    sing N N 42  
ASN CA  CB   sing N N 43  
ASN CA  HA   sing N N 44  
ASN C   O    doub N N 45  
ASN C   OXT  sing N N 46  
ASN CB  CG   sing N N 47  
ASN CB  HB2  sing N N 48  
ASN CB  HB3  sing N N 49  
ASN CG  OD1  doub N N 50  
ASN CG  ND2  sing N N 51  
ASN ND2 HD21 sing N N 52  
ASN ND2 HD22 sing N N 53  
ASN OXT HXT  sing N N 54  
ASP N   CA   sing N N 55  
ASP N   H    sing N N 56  
ASP N   H2   sing N N 57  
ASP CA  C    sing N N 58  
ASP CA  CB   sing N N 59  
ASP CA  HA   sing N N 60  
ASP C   O    doub N N 61  
ASP C   OXT  sing N N 62  
ASP CB  CG   sing N N 63  
ASP CB  HB2  sing N N 64  
ASP CB  HB3  sing N N 65  
ASP CG  OD1  doub N N 66  
ASP CG  OD2  sing N N 67  
ASP OD2 HD2  sing N N 68  
ASP OXT HXT  sing N N 69  
CYS N   CA   sing N N 70  
CYS N   H    sing N N 71  
CYS N   H2   sing N N 72  
CYS CA  C    sing N N 73  
CYS CA  CB   sing N N 74  
CYS CA  HA   sing N N 75  
CYS C   O    doub N N 76  
CYS C   OXT  sing N N 77  
CYS CB  SG   sing N N 78  
CYS CB  HB2  sing N N 79  
CYS CB  HB3  sing N N 80  
CYS SG  HG   sing N N 81  
CYS OXT HXT  sing N N 82  
GLN N   CA   sing N N 83  
GLN N   H    sing N N 84  
GLN N   H2   sing N N 85  
GLN CA  C    sing N N 86  
GLN CA  CB   sing N N 87  
GLN CA  HA   sing N N 88  
GLN C   O    doub N N 89  
GLN C   OXT  sing N N 90  
GLN CB  CG   sing N N 91  
GLN CB  HB2  sing N N 92  
GLN CB  HB3  sing N N 93  
GLN CG  CD   sing N N 94  
GLN CG  HG2  sing N N 95  
GLN CG  HG3  sing N N 96  
GLN CD  OE1  doub N N 97  
GLN CD  NE2  sing N N 98  
GLN NE2 HE21 sing N N 99  
GLN NE2 HE22 sing N N 100 
GLN OXT HXT  sing N N 101 
GLU N   CA   sing N N 102 
GLU N   H    sing N N 103 
GLU N   H2   sing N N 104 
GLU CA  C    sing N N 105 
GLU CA  CB   sing N N 106 
GLU CA  HA   sing N N 107 
GLU C   O    doub N N 108 
GLU C   OXT  sing N N 109 
GLU CB  CG   sing N N 110 
GLU CB  HB2  sing N N 111 
GLU CB  HB3  sing N N 112 
GLU CG  CD   sing N N 113 
GLU CG  HG2  sing N N 114 
GLU CG  HG3  sing N N 115 
GLU CD  OE1  doub N N 116 
GLU CD  OE2  sing N N 117 
GLU OE2 HE2  sing N N 118 
GLU OXT HXT  sing N N 119 
GLY N   CA   sing N N 120 
GLY N   H    sing N N 121 
GLY N   H2   sing N N 122 
GLY CA  C    sing N N 123 
GLY CA  HA2  sing N N 124 
GLY CA  HA3  sing N N 125 
GLY C   O    doub N N 126 
GLY C   OXT  sing N N 127 
GLY OXT HXT  sing N N 128 
HIS N   CA   sing N N 129 
HIS N   H    sing N N 130 
HIS N   H2   sing N N 131 
HIS CA  C    sing N N 132 
HIS CA  CB   sing N N 133 
HIS CA  HA   sing N N 134 
HIS C   O    doub N N 135 
HIS C   OXT  sing N N 136 
HIS CB  CG   sing N N 137 
HIS CB  HB2  sing N N 138 
HIS CB  HB3  sing N N 139 
HIS CG  ND1  sing Y N 140 
HIS CG  CD2  doub Y N 141 
HIS ND1 CE1  doub Y N 142 
HIS ND1 HD1  sing N N 143 
HIS CD2 NE2  sing Y N 144 
HIS CD2 HD2  sing N N 145 
HIS CE1 NE2  sing Y N 146 
HIS CE1 HE1  sing N N 147 
HIS NE2 HE2  sing N N 148 
HIS OXT HXT  sing N N 149 
HOH O   H1   sing N N 150 
HOH O   H2   sing N N 151 
ILE N   CA   sing N N 152 
ILE N   H    sing N N 153 
ILE N   H2   sing N N 154 
ILE CA  C    sing N N 155 
ILE CA  CB   sing N N 156 
ILE CA  HA   sing N N 157 
ILE C   O    doub N N 158 
ILE C   OXT  sing N N 159 
ILE CB  CG1  sing N N 160 
ILE CB  CG2  sing N N 161 
ILE CB  HB   sing N N 162 
ILE CG1 CD1  sing N N 163 
ILE CG1 HG12 sing N N 164 
ILE CG1 HG13 sing N N 165 
ILE CG2 HG21 sing N N 166 
ILE CG2 HG22 sing N N 167 
ILE CG2 HG23 sing N N 168 
ILE CD1 HD11 sing N N 169 
ILE CD1 HD12 sing N N 170 
ILE CD1 HD13 sing N N 171 
ILE OXT HXT  sing N N 172 
LEU N   CA   sing N N 173 
LEU N   H    sing N N 174 
LEU N   H2   sing N N 175 
LEU CA  C    sing N N 176 
LEU CA  CB   sing N N 177 
LEU CA  HA   sing N N 178 
LEU C   O    doub N N 179 
LEU C   OXT  sing N N 180 
LEU CB  CG   sing N N 181 
LEU CB  HB2  sing N N 182 
LEU CB  HB3  sing N N 183 
LEU CG  CD1  sing N N 184 
LEU CG  CD2  sing N N 185 
LEU CG  HG   sing N N 186 
LEU CD1 HD11 sing N N 187 
LEU CD1 HD12 sing N N 188 
LEU CD1 HD13 sing N N 189 
LEU CD2 HD21 sing N N 190 
LEU CD2 HD22 sing N N 191 
LEU CD2 HD23 sing N N 192 
LEU OXT HXT  sing N N 193 
LYS N   CA   sing N N 194 
LYS N   H    sing N N 195 
LYS N   H2   sing N N 196 
LYS CA  C    sing N N 197 
LYS CA  CB   sing N N 198 
LYS CA  HA   sing N N 199 
LYS C   O    doub N N 200 
LYS C   OXT  sing N N 201 
LYS CB  CG   sing N N 202 
LYS CB  HB2  sing N N 203 
LYS CB  HB3  sing N N 204 
LYS CG  CD   sing N N 205 
LYS CG  HG2  sing N N 206 
LYS CG  HG3  sing N N 207 
LYS CD  CE   sing N N 208 
LYS CD  HD2  sing N N 209 
LYS CD  HD3  sing N N 210 
LYS CE  NZ   sing N N 211 
LYS CE  HE2  sing N N 212 
LYS CE  HE3  sing N N 213 
LYS NZ  HZ1  sing N N 214 
LYS NZ  HZ2  sing N N 215 
LYS NZ  HZ3  sing N N 216 
LYS OXT HXT  sing N N 217 
MET N   CA   sing N N 218 
MET N   H    sing N N 219 
MET N   H2   sing N N 220 
MET CA  C    sing N N 221 
MET CA  CB   sing N N 222 
MET CA  HA   sing N N 223 
MET C   O    doub N N 224 
MET C   OXT  sing N N 225 
MET CB  CG   sing N N 226 
MET CB  HB2  sing N N 227 
MET CB  HB3  sing N N 228 
MET CG  SD   sing N N 229 
MET CG  HG2  sing N N 230 
MET CG  HG3  sing N N 231 
MET SD  CE   sing N N 232 
MET CE  HE1  sing N N 233 
MET CE  HE2  sing N N 234 
MET CE  HE3  sing N N 235 
MET OXT HXT  sing N N 236 
PHE N   CA   sing N N 237 
PHE N   H    sing N N 238 
PHE N   H2   sing N N 239 
PHE CA  C    sing N N 240 
PHE CA  CB   sing N N 241 
PHE CA  HA   sing N N 242 
PHE C   O    doub N N 243 
PHE C   OXT  sing N N 244 
PHE CB  CG   sing N N 245 
PHE CB  HB2  sing N N 246 
PHE CB  HB3  sing N N 247 
PHE CG  CD1  doub Y N 248 
PHE CG  CD2  sing Y N 249 
PHE CD1 CE1  sing Y N 250 
PHE CD1 HD1  sing N N 251 
PHE CD2 CE2  doub Y N 252 
PHE CD2 HD2  sing N N 253 
PHE CE1 CZ   doub Y N 254 
PHE CE1 HE1  sing N N 255 
PHE CE2 CZ   sing Y N 256 
PHE CE2 HE2  sing N N 257 
PHE CZ  HZ   sing N N 258 
PHE OXT HXT  sing N N 259 
PRO N   CA   sing N N 260 
PRO N   CD   sing N N 261 
PRO N   H    sing N N 262 
PRO CA  C    sing N N 263 
PRO CA  CB   sing N N 264 
PRO CA  HA   sing N N 265 
PRO C   O    doub N N 266 
PRO C   OXT  sing N N 267 
PRO CB  CG   sing N N 268 
PRO CB  HB2  sing N N 269 
PRO CB  HB3  sing N N 270 
PRO CG  CD   sing N N 271 
PRO CG  HG2  sing N N 272 
PRO CG  HG3  sing N N 273 
PRO CD  HD2  sing N N 274 
PRO CD  HD3  sing N N 275 
PRO OXT HXT  sing N N 276 
SER N   CA   sing N N 277 
SER N   H    sing N N 278 
SER N   H2   sing N N 279 
SER CA  C    sing N N 280 
SER CA  CB   sing N N 281 
SER CA  HA   sing N N 282 
SER C   O    doub N N 283 
SER C   OXT  sing N N 284 
SER CB  OG   sing N N 285 
SER CB  HB2  sing N N 286 
SER CB  HB3  sing N N 287 
SER OG  HG   sing N N 288 
SER OXT HXT  sing N N 289 
THR N   CA   sing N N 290 
THR N   H    sing N N 291 
THR N   H2   sing N N 292 
THR CA  C    sing N N 293 
THR CA  CB   sing N N 294 
THR CA  HA   sing N N 295 
THR C   O    doub N N 296 
THR C   OXT  sing N N 297 
THR CB  OG1  sing N N 298 
THR CB  CG2  sing N N 299 
THR CB  HB   sing N N 300 
THR OG1 HG1  sing N N 301 
THR CG2 HG21 sing N N 302 
THR CG2 HG22 sing N N 303 
THR CG2 HG23 sing N N 304 
THR OXT HXT  sing N N 305 
TRP N   CA   sing N N 306 
TRP N   H    sing N N 307 
TRP N   H2   sing N N 308 
TRP CA  C    sing N N 309 
TRP CA  CB   sing N N 310 
TRP CA  HA   sing N N 311 
TRP C   O    doub N N 312 
TRP C   OXT  sing N N 313 
TRP CB  CG   sing N N 314 
TRP CB  HB2  sing N N 315 
TRP CB  HB3  sing N N 316 
TRP CG  CD1  doub Y N 317 
TRP CG  CD2  sing Y N 318 
TRP CD1 NE1  sing Y N 319 
TRP CD1 HD1  sing N N 320 
TRP CD2 CE2  doub Y N 321 
TRP CD2 CE3  sing Y N 322 
TRP NE1 CE2  sing Y N 323 
TRP NE1 HE1  sing N N 324 
TRP CE2 CZ2  sing Y N 325 
TRP CE3 CZ3  doub Y N 326 
TRP CE3 HE3  sing N N 327 
TRP CZ2 CH2  doub Y N 328 
TRP CZ2 HZ2  sing N N 329 
TRP CZ3 CH2  sing Y N 330 
TRP CZ3 HZ3  sing N N 331 
TRP CH2 HH2  sing N N 332 
TRP OXT HXT  sing N N 333 
TYR N   CA   sing N N 334 
TYR N   H    sing N N 335 
TYR N   H2   sing N N 336 
TYR CA  C    sing N N 337 
TYR CA  CB   sing N N 338 
TYR CA  HA   sing N N 339 
TYR C   O    doub N N 340 
TYR C   OXT  sing N N 341 
TYR CB  CG   sing N N 342 
TYR CB  HB2  sing N N 343 
TYR CB  HB3  sing N N 344 
TYR CG  CD1  doub Y N 345 
TYR CG  CD2  sing Y N 346 
TYR CD1 CE1  sing Y N 347 
TYR CD1 HD1  sing N N 348 
TYR CD2 CE2  doub Y N 349 
TYR CD2 HD2  sing N N 350 
TYR CE1 CZ   doub Y N 351 
TYR CE1 HE1  sing N N 352 
TYR CE2 CZ   sing Y N 353 
TYR CE2 HE2  sing N N 354 
TYR CZ  OH   sing N N 355 
TYR OH  HH   sing N N 356 
TYR OXT HXT  sing N N 357 
VAL N   CA   sing N N 358 
VAL N   H    sing N N 359 
VAL N   H2   sing N N 360 
VAL CA  C    sing N N 361 
VAL CA  CB   sing N N 362 
VAL CA  HA   sing N N 363 
VAL C   O    doub N N 364 
VAL C   OXT  sing N N 365 
VAL CB  CG1  sing N N 366 
VAL CB  CG2  sing N N 367 
VAL CB  HB   sing N N 368 
VAL CG1 HG11 sing N N 369 
VAL CG1 HG12 sing N N 370 
VAL CG1 HG13 sing N N 371 
VAL CG2 HG21 sing N N 372 
VAL CG2 HG22 sing N N 373 
VAL CG2 HG23 sing N N 374 
VAL OXT HXT  sing N N 375 
# 
_atom_sites.entry_id                    1DUN 
_atom_sites.fract_transf_matrix[1][1]   -0.00075265 
_atom_sites.fract_transf_matrix[1][2]   0.00135365 
_atom_sites.fract_transf_matrix[1][3]   -0.01329505 
_atom_sites.fract_transf_matrix[2][1]   0.00193241 
_atom_sites.fract_transf_matrix[2][2]   -0.01061068 
_atom_sites.fract_transf_matrix[2][3]   -0.00792701 
_atom_sites.fract_transf_matrix[3][1]   -0.01027269 
_atom_sites.fract_transf_matrix[3][2]   -0.00214236 
_atom_sites.fract_transf_matrix[3][3]   0.00036342 
_atom_sites.fract_transf_vector[1]      0.091171 
_atom_sites.fract_transf_vector[2]      0.126707 
_atom_sites.fract_transf_vector[3]      0.240383 
# 
loop_
_atom_type.symbol 
C 
N 
O 
S 
# 
loop_
_atom_site.group_PDB 
_atom_site.id 
_atom_site.type_symbol 
_atom_site.label_atom_id 
_atom_site.label_alt_id 
_atom_site.label_comp_id 
_atom_site.label_asym_id 
_atom_site.label_entity_id 
_atom_site.label_seq_id 
_atom_site.pdbx_PDB_ins_code 
_atom_site.Cartn_x 
_atom_site.Cartn_y 
_atom_site.Cartn_z 
_atom_site.occupancy 
_atom_site.B_iso_or_equiv 
_atom_site.pdbx_formal_charge 
_atom_site.auth_seq_id 
_atom_site.auth_comp_id 
_atom_site.auth_asym_id 
_atom_site.auth_atom_id 
_atom_site.pdbx_PDB_model_num 
ATOM   1    N N   . MET A 1 1   ? -15.227 -5.021  0.300   1.00 19.37 ? 1   MET A N   1 
ATOM   2    C CA  . MET A 1 1   ? -15.543 -5.464  -1.087  1.00 20.69 ? 1   MET A CA  1 
ATOM   3    C C   . MET A 1 1   ? -14.658 -4.726  -2.076  1.00 17.43 ? 1   MET A C   1 
ATOM   4    O O   . MET A 1 1   ? -14.249 -3.571  -1.953  1.00 15.98 ? 1   MET A O   1 
ATOM   5    C CB  . MET A 1 1   ? -17.035 -5.273  -1.318  1.00 23.63 ? 1   MET A CB  1 
ATOM   6    C CG  . MET A 1 1   ? -17.616 -4.659  -2.543  1.00 31.88 ? 1   MET A CG  1 
ATOM   7    S SD  . MET A 1 1   ? -19.437 -4.732  -2.461  1.00 40.93 ? 1   MET A SD  1 
ATOM   8    C CE  . MET A 1 1   ? -19.669 -6.394  -1.840  1.00 40.89 ? 1   MET A CE  1 
ATOM   9    N N   . LEU A 1 2   ? -14.064 -5.569  -2.941  1.00 13.31 ? 2   LEU A N   1 
ATOM   10   C CA  . LEU A 1 2   ? -13.227 -5.010  -4.037  1.00 10.65 ? 2   LEU A CA  1 
ATOM   11   C C   . LEU A 1 2   ? -13.214 -6.104  -5.129  1.00 12.74 ? 2   LEU A C   1 
ATOM   12   O O   . LEU A 1 2   ? -13.428 -7.317  -4.852  1.00 13.41 ? 2   LEU A O   1 
ATOM   13   C CB  . LEU A 1 2   ? -11.817 -4.683  -3.588  1.00 18.56 ? 2   LEU A CB  1 
ATOM   14   C CG  . LEU A 1 2   ? -10.854 -5.882  -3.410  1.00 16.42 ? 2   LEU A CG  1 
ATOM   15   C CD1 . LEU A 1 2   ? -9.418  -5.456  -3.362  1.00 16.03 ? 2   LEU A CD1 1 
ATOM   16   C CD2 . LEU A 1 2   ? -11.194 -6.659  -2.131  1.00 17.41 ? 2   LEU A CD2 1 
ATOM   17   N N   . ALA A 1 3   ? -12.622 -5.705  -6.223  1.00 9.43  ? 3   ALA A N   1 
ATOM   18   C CA  . ALA A 1 3   ? -12.247 -6.765  -7.263  1.00 6.69  ? 3   ALA A CA  1 
ATOM   19   C C   . ALA A 1 3   ? -10.773 -6.522  -7.413  1.00 10.08 ? 3   ALA A C   1 
ATOM   20   O O   . ALA A 1 3   ? -10.234 -5.385  -7.171  1.00 11.97 ? 3   ALA A O   1 
ATOM   21   C CB  . ALA A 1 3   ? -12.955 -6.407  -8.589  1.00 7.50  ? 3   ALA A CB  1 
ATOM   22   N N   . TYR A 1 4   ? -10.032 -7.549  -7.794  1.00 7.91  ? 4   TYR A N   1 
ATOM   23   C CA  . TYR A 1 4   ? -8.607  -7.395  -7.958  1.00 6.88  ? 4   TYR A CA  1 
ATOM   24   C C   . TYR A 1 4   ? -8.094  -8.388  -9.016  1.00 11.30 ? 4   TYR A C   1 
ATOM   25   O O   . TYR A 1 4   ? -8.669  -9.443  -9.281  1.00 11.79 ? 4   TYR A O   1 
ATOM   26   C CB  . TYR A 1 4   ? -7.754  -7.538  -6.691  1.00 9.90  ? 4   TYR A CB  1 
ATOM   27   C CG  . TYR A 1 4   ? -7.780  -8.880  -5.969  1.00 9.91  ? 4   TYR A CG  1 
ATOM   28   C CD1 . TYR A 1 4   ? -6.991  -9.973  -6.227  1.00 12.43 ? 4   TYR A CD1 1 
ATOM   29   C CD2 . TYR A 1 4   ? -8.709  -8.970  -4.922  1.00 13.08 ? 4   TYR A CD2 1 
ATOM   30   C CE1 . TYR A 1 4   ? -7.136  -11.163 -5.451  1.00 16.69 ? 4   TYR A CE1 1 
ATOM   31   C CE2 . TYR A 1 4   ? -8.877  -10.117 -4.159  1.00 17.84 ? 4   TYR A CE2 1 
ATOM   32   C CZ  . TYR A 1 4   ? -8.061  -11.210 -4.449  1.00 22.34 ? 4   TYR A CZ  1 
ATOM   33   O OH  . TYR A 1 4   ? -8.265  -12.322 -3.647  1.00 25.61 ? 4   TYR A OH  1 
ATOM   34   N N   . GLN A 1 5   ? -7.024  -7.947  -9.661  1.00 8.38  ? 5   GLN A N   1 
ATOM   35   C CA  . GLN A 1 5   ? -6.220  -8.875  -10.516 1.00 15.67 ? 5   GLN A CA  1 
ATOM   36   C C   . GLN A 1 5   ? -4.731  -8.853  -10.154 1.00 14.40 ? 5   GLN A C   1 
ATOM   37   O O   . GLN A 1 5   ? -4.251  -7.887  -9.498  1.00 13.84 ? 5   GLN A O   1 
ATOM   38   C CB  . GLN A 1 5   ? -6.321  -8.282  -11.940 1.00 15.60 ? 5   GLN A CB  1 
ATOM   39   C CG  . GLN A 1 5   ? -7.782  -8.300  -12.403 1.00 33.37 ? 5   GLN A CG  1 
ATOM   40   C CD  . GLN A 1 5   ? -7.933  -7.991  -13.880 1.00 38.14 ? 5   GLN A CD  1 
ATOM   41   O OE1 . GLN A 1 5   ? -7.116  -7.298  -14.464 1.00 36.56 ? 5   GLN A OE1 1 
ATOM   42   N NE2 . GLN A 1 5   ? -9.001  -8.551  -14.443 1.00 49.14 ? 5   GLN A NE2 1 
ATOM   43   N N   . GLY A 1 6   ? -3.984  -9.876  -10.583 1.00 11.33 ? 6   GLY A N   1 
ATOM   44   C CA  . GLY A 1 6   ? -2.513  -9.818  -10.474 1.00 11.02 ? 6   GLY A CA  1 
ATOM   45   C C   . GLY A 1 6   ? -1.980  -11.076 -9.813  1.00 8.25  ? 6   GLY A C   1 
ATOM   46   O O   . GLY A 1 6   ? -2.648  -11.647 -8.928  1.00 12.79 ? 6   GLY A O   1 
ATOM   47   N N   . THR A 1 7   ? -0.740  -11.412 -10.057 1.00 11.30 ? 7   THR A N   1 
ATOM   48   C CA  . THR A 1 7   ? -0.014  -12.475 -9.428  1.00 6.06  ? 7   THR A CA  1 
ATOM   49   C C   . THR A 1 7   ? 0.728   -11.925 -8.183  1.00 11.76 ? 7   THR A C   1 
ATOM   50   O O   . THR A 1 7   ? 1.027   -12.752 -7.326  1.00 10.58 ? 7   THR A O   1 
ATOM   51   C CB  . THR A 1 7   ? 1.112   -13.021 -10.348 1.00 9.27  ? 7   THR A CB  1 
ATOM   52   O OG1 . THR A 1 7   ? 2.065   -12.029 -10.754 1.00 8.89  ? 7   THR A OG1 1 
ATOM   53   C CG2 . THR A 1 7   ? 0.358   -13.409 -11.663 1.00 11.50 ? 7   THR A CG2 1 
ATOM   54   N N   . GLN A 1 8   ? 0.909   -10.623 -8.021  1.00 6.94  ? 8   GLN A N   1 
ATOM   55   C CA  . GLN A 1 8   ? 1.702   -10.199 -6.834  1.00 8.43  ? 8   GLN A CA  1 
ATOM   56   C C   . GLN A 1 8   ? 0.763   -9.804  -5.691  1.00 9.97  ? 8   GLN A C   1 
ATOM   57   O O   . GLN A 1 8   ? 1.267   -9.092  -4.778  1.00 12.03 ? 8   GLN A O   1 
ATOM   58   C CB  . GLN A 1 8   ? 2.504   -8.944  -7.272  1.00 7.31  ? 8   GLN A CB  1 
ATOM   59   C CG  . GLN A 1 8   ? 3.703   -9.366  -8.182  1.00 10.49 ? 8   GLN A CG  1 
ATOM   60   C CD  . GLN A 1 8   ? 4.387   -8.116  -8.712  1.00 16.03 ? 8   GLN A CD  1 
ATOM   61   O OE1 . GLN A 1 8   ? 4.275   -7.828  -9.927  1.00 10.32 ? 8   GLN A OE1 1 
ATOM   62   N NE2 . GLN A 1 8   ? 5.056   -7.380  -7.797  1.00 11.95 ? 8   GLN A NE2 1 
ATOM   63   N N   . ILE A 1 9   ? -0.429  -10.318 -5.567  1.00 12.72 ? 9   ILE A N   1 
ATOM   64   C CA  . ILE A 1 9   ? -1.269  -10.090 -4.341  1.00 8.85  ? 9   ILE A CA  1 
ATOM   65   C C   . ILE A 1 9   ? -1.729  -11.413 -3.765  1.00 17.60 ? 9   ILE A C   1 
ATOM   66   O O   . ILE A 1 9   ? -2.023  -12.268 -4.602  1.00 13.28 ? 9   ILE A O   1 
ATOM   67   C CB  . ILE A 1 9   ? -2.465  -9.219  -4.694  1.00 9.96  ? 9   ILE A CB  1 
ATOM   68   C CG1 . ILE A 1 9   ? -3.379  -9.058  -3.462  1.00 9.18  ? 9   ILE A CG1 1 
ATOM   69   C CG2 . ILE A 1 9   ? -3.284  -9.712  -5.909  1.00 11.40 ? 9   ILE A CG2 1 
ATOM   70   C CD1 . ILE A 1 9   ? -4.488  -8.016  -3.674  1.00 10.19 ? 9   ILE A CD1 1 
ATOM   71   N N   . LYS A 1 10  ? -1.539  -11.653 -2.485  1.00 13.02 ? 10  LYS A N   1 
ATOM   72   C CA  . LYS A 1 10  ? -1.884  -12.994 -1.933  1.00 16.32 ? 10  LYS A CA  1 
ATOM   73   C C   . LYS A 1 10  ? -3.281  -13.006 -1.382  1.00 18.33 ? 10  LYS A C   1 
ATOM   74   O O   . LYS A 1 10  ? -3.671  -12.047 -0.694  1.00 9.85  ? 10  LYS A O   1 
ATOM   75   C CB  . LYS A 1 10  ? -0.859  -13.218 -0.795  1.00 22.98 ? 10  LYS A CB  1 
ATOM   76   C CG  . LYS A 1 10  ? -0.887  -14.598 -0.150  1.00 31.36 ? 10  LYS A CG  1 
ATOM   77   C CD  . LYS A 1 10  ? 0.313   -15.326 -1.073  0.00 88.88 ? 10  LYS A CD  1 
ATOM   78   C CE  . LYS A 1 10  ? 0.466   -16.792 -0.617  0.00 88.88 ? 10  LYS A CE  1 
ATOM   79   N NZ  . LYS A 1 10  ? 1.417   -17.488 -1.487  0.00 88.88 ? 10  LYS A NZ  1 
ATOM   80   N N   . GLU A 1 11  ? -4.011  -14.133 -1.465  1.00 12.19 ? 11  GLU A N   1 
ATOM   81   C CA  . GLU A 1 11  ? -5.209  -14.325 -0.704  1.00 13.43 ? 11  GLU A CA  1 
ATOM   82   C C   . GLU A 1 11  ? -4.940  -14.025 0.779   1.00 12.71 ? 11  GLU A C   1 
ATOM   83   O O   . GLU A 1 11  ? -3.883  -14.374 1.280   1.00 15.11 ? 11  GLU A O   1 
ATOM   84   C CB  . GLU A 1 11  ? -5.719  -15.782 -0.899  1.00 21.23 ? 11  GLU A CB  1 
ATOM   85   C CG  . GLU A 1 11  ? -5.879  -15.972 -2.424  1.00 37.07 ? 11  GLU A CG  1 
ATOM   86   C CD  . GLU A 1 11  ? -6.985  -15.100 -2.989  1.00 32.74 ? 11  GLU A CD  1 
ATOM   87   O OE1 . GLU A 1 11  ? -8.106  -15.164 -2.439  1.00 38.79 ? 11  GLU A OE1 1 
ATOM   88   O OE2 . GLU A 1 11  ? -6.808  -14.341 -3.961  1.00 33.02 ? 11  GLU A OE2 1 
ATOM   89   N N   . LYS A 1 12  ? -5.956  -13.549 1.486   1.00 13.85 ? 12  LYS A N   1 
ATOM   90   C CA  . LYS A 1 12  ? -5.617  -13.219 2.897   1.00 14.17 ? 12  LYS A CA  1 
ATOM   91   C C   . LYS A 1 12  ? -6.516  -14.052 3.806   1.00 13.41 ? 12  LYS A C   1 
ATOM   92   O O   . LYS A 1 12  ? -7.497  -14.619 3.343   1.00 13.30 ? 12  LYS A O   1 
ATOM   93   C CB  . LYS A 1 12  ? -5.891  -11.719 3.140   1.00 12.87 ? 12  LYS A CB  1 
ATOM   94   C CG  . LYS A 1 12  ? -7.309  -11.381 2.754   1.00 11.24 ? 12  LYS A CG  1 
ATOM   95   C CD  . LYS A 1 12  ? -7.742  -9.938  3.032   1.00 16.03 ? 12  LYS A CD  1 
ATOM   96   C CE  . LYS A 1 12  ? -7.612  -9.492  4.476   1.00 16.22 ? 12  LYS A CE  1 
ATOM   97   N NZ  . LYS A 1 12  ? -8.831  -9.832  5.298   1.00 15.32 ? 12  LYS A NZ  1 
ATOM   98   N N   . ARG A 1 13  ? -6.241  -14.095 5.093   1.00 13.30 ? 13  ARG A N   1 
ATOM   99   C CA  . ARG A 1 13  ? -7.127  -14.718 6.059   1.00 17.57 ? 13  ARG A CA  1 
ATOM   100  C C   . ARG A 1 13  ? -8.150  -13.669 6.450   1.00 16.86 ? 13  ARG A C   1 
ATOM   101  O O   . ARG A 1 13  ? -7.874  -12.443 6.444   1.00 13.64 ? 13  ARG A O   1 
ATOM   102  C CB  . ARG A 1 13  ? -6.294  -15.129 7.276   1.00 22.87 ? 13  ARG A CB  1 
ATOM   103  C CG  . ARG A 1 13  ? -5.409  -16.327 6.904   1.00 39.31 ? 13  ARG A CG  1 
ATOM   104  C CD  . ARG A 1 13  ? -4.731  -16.921 8.127   1.00 31.38 ? 13  ARG A CD  1 
ATOM   105  N NE  . ARG A 1 13  ? -3.896  -17.840 8.219   0.00 88.88 ? 13  ARG A NE  1 
ATOM   106  C CZ  . ARG A 1 13  ? -2.992  -18.143 9.170   0.00 88.88 ? 13  ARG A CZ  1 
ATOM   107  N NH1 . ARG A 1 13  ? -2.772  -17.313 10.166  0.00 88.88 ? 13  ARG A NH1 1 
ATOM   108  N NH2 . ARG A 1 13  ? -2.310  -19.288 9.086   0.00 88.88 ? 13  ARG A NH2 1 
ATOM   109  N N   . ASP A 1 14  ? -9.237  -14.064 7.077   1.00 14.08 ? 14  ASP A N   1 
ATOM   110  C CA  . ASP A 1 14  ? -10.290 -13.162 7.483   1.00 18.42 ? 14  ASP A CA  1 
ATOM   111  C C   . ASP A 1 14  ? -9.793  -12.280 8.650   1.00 14.78 ? 14  ASP A C   1 
ATOM   112  O O   . ASP A 1 14  ? -10.205 -11.098 8.572   1.00 19.02 ? 14  ASP A O   1 
ATOM   113  C CB  . ASP A 1 14  ? -11.565 -13.856 8.061   1.00 17.72 ? 14  ASP A CB  1 
ATOM   114  C CG  . ASP A 1 14  ? -12.303 -14.489 6.869   1.00 32.40 ? 14  ASP A CG  1 
ATOM   115  O OD1 . ASP A 1 14  ? -12.163 -14.121 5.678   1.00 26.08 ? 14  ASP A OD1 1 
ATOM   116  O OD2 . ASP A 1 14  ? -13.010 -15.451 7.145   1.00 31.15 ? 14  ASP A OD2 1 
ATOM   117  N N   . GLU A 1 15  ? -8.813  -12.751 9.398   1.00 13.54 ? 15  GLU A N   1 
ATOM   118  C CA  . GLU A 1 15  ? -8.512  -11.889 10.567  1.00 12.55 ? 15  GLU A CA  1 
ATOM   119  C C   . GLU A 1 15  ? -7.281  -11.042 10.328  1.00 17.41 ? 15  GLU A C   1 
ATOM   120  O O   . GLU A 1 15  ? -6.960  -10.270 11.220  1.00 14.98 ? 15  GLU A O   1 
ATOM   121  C CB  . GLU A 1 15  ? -8.341  -12.797 11.794  1.00 15.14 ? 15  GLU A CB  1 
ATOM   122  C CG  . GLU A 1 15  ? -7.154  -13.739 11.597  1.00 26.34 ? 15  GLU A CG  1 
ATOM   123  C CD  . GLU A 1 15  ? -7.553  -15.035 10.869  1.00 40.12 ? 15  GLU A CD  1 
ATOM   124  O OE1 . GLU A 1 15  ? -8.718  -15.215 10.421  1.00 26.71 ? 15  GLU A OE1 1 
ATOM   125  O OE2 . GLU A 1 15  ? -6.642  -15.885 10.701  1.00 41.94 ? 15  GLU A OE2 1 
ATOM   126  N N   . ASP A 1 16  ? -6.816  -10.957 9.085   1.00 12.19 ? 16  ASP A N   1 
ATOM   127  C CA  . ASP A 1 16  ? -5.889  -9.924  8.661   1.00 10.94 ? 16  ASP A CA  1 
ATOM   128  C C   . ASP A 1 16  ? -6.641  -8.704  8.101   1.00 5.86  ? 16  ASP A C   1 
ATOM   129  O O   . ASP A 1 16  ? -7.693  -8.724  7.483   1.00 10.24 ? 16  ASP A O   1 
ATOM   130  C CB  . ASP A 1 16  ? -5.060  -10.511 7.458   1.00 15.59 ? 16  ASP A CB  1 
ATOM   131  C CG  . ASP A 1 16  ? -4.236  -11.777 7.702   1.00 37.60 ? 16  ASP A CG  1 
ATOM   132  O OD1 . ASP A 1 16  ? -3.726  -11.875 8.840   1.00 29.07 ? 16  ASP A OD1 1 
ATOM   133  O OD2 . ASP A 1 16  ? -4.125  -12.612 6.730   1.00 29.08 ? 16  ASP A OD2 1 
ATOM   134  N N   . ALA A 1 17  ? -5.939  -7.541  8.263   1.00 7.28  ? 17  ALA A N   1 
ATOM   135  C CA  . ALA A 1 17  ? -6.571  -6.268  7.851   1.00 9.80  ? 17  ALA A CA  1 
ATOM   136  C C   . ALA A 1 17  ? -6.369  -6.043  6.353   1.00 7.05  ? 17  ALA A C   1 
ATOM   137  O O   . ALA A 1 17  ? -7.197  -5.399  5.668   1.00 10.00 ? 17  ALA A O   1 
ATOM   138  C CB  . ALA A 1 17  ? -5.804  -5.107  8.576   1.00 9.68  ? 17  ALA A CB  1 
ATOM   139  N N   . GLY A 1 18  ? -5.311  -6.727  5.841   1.00 7.66  ? 18  GLY A N   1 
ATOM   140  C CA  . GLY A 1 18  ? -4.897  -6.328  4.482   1.00 14.40 ? 18  GLY A CA  1 
ATOM   141  C C   . GLY A 1 18  ? -4.445  -7.548  3.663   1.00 14.50 ? 18  GLY A C   1 
ATOM   142  O O   . GLY A 1 18  ? -4.314  -8.666  4.176   1.00 12.34 ? 18  GLY A O   1 
ATOM   143  N N   . PHE A 1 19  ? -4.278  -7.314  2.379   1.00 11.89 ? 19  PHE A N   1 
ATOM   144  C CA  . PHE A 1 19  ? -3.745  -8.387  1.487   1.00 11.81 ? 19  PHE A CA  1 
ATOM   145  C C   . PHE A 1 19  ? -2.244  -8.232  1.407   1.00 11.80 ? 19  PHE A C   1 
ATOM   146  O O   . PHE A 1 19  ? -1.763  -7.082  1.171   1.00 9.78  ? 19  PHE A O   1 
ATOM   147  C CB  . PHE A 1 19  ? -4.309  -8.207  0.057   1.00 9.27  ? 19  PHE A CB  1 
ATOM   148  C CG  . PHE A 1 19  ? -5.753  -8.426  -0.119  1.00 12.71 ? 19  PHE A CG  1 
ATOM   149  C CD1 . PHE A 1 19  ? -6.626  -7.364  0.147   1.00 11.58 ? 19  PHE A CD1 1 
ATOM   150  C CD2 . PHE A 1 19  ? -6.308  -9.661  -0.460  1.00 12.20 ? 19  PHE A CD2 1 
ATOM   151  C CE1 . PHE A 1 19  ? -7.991  -7.545  0.014   1.00 15.24 ? 19  PHE A CE1 1 
ATOM   152  C CE2 . PHE A 1 19  ? -7.691  -9.811  -0.567  1.00 17.72 ? 19  PHE A CE2 1 
ATOM   153  C CZ  . PHE A 1 19  ? -8.525  -8.757  -0.308  1.00 14.33 ? 19  PHE A CZ  1 
ATOM   154  N N   . ASP A 1 20  ? -1.400  -9.261  1.421   1.00 7.49  ? 20  ASP A N   1 
ATOM   155  C CA  . ASP A 1 20  ? 0.024   -9.065  1.245   1.00 10.10 ? 20  ASP A CA  1 
ATOM   156  C C   . ASP A 1 20  ? 0.389   -8.847  -0.245  1.00 8.96  ? 20  ASP A C   1 
ATOM   157  O O   . ASP A 1 20  ? -0.295  -9.450  -1.072  1.00 10.81 ? 20  ASP A O   1 
ATOM   158  C CB  . ASP A 1 20  ? 0.796   -10.332 1.624   1.00 12.19 ? 20  ASP A CB  1 
ATOM   159  C CG  . ASP A 1 20  ? 0.855   -10.347 3.164   1.00 21.12 ? 20  ASP A CG  1 
ATOM   160  O OD1 . ASP A 1 20  ? 0.932   -9.318  3.833   1.00 18.61 ? 20  ASP A OD1 1 
ATOM   161  O OD2 . ASP A 1 20  ? 0.763   -11.484 3.607   1.00 30.32 ? 20  ASP A OD2 1 
ATOM   162  N N   . LEU A 1 21  ? 1.316   -7.959  -0.492  1.00 9.31  ? 21  LEU A N   1 
ATOM   163  C CA  . LEU A 1 21  ? 1.828   -7.764  -1.879  1.00 11.14 ? 21  LEU A CA  1 
ATOM   164  C C   . LEU A 1 21  ? 3.229   -8.398  -1.873  1.00 9.95  ? 21  LEU A C   1 
ATOM   165  O O   . LEU A 1 21  ? 4.046   -8.163  -0.953  1.00 9.53  ? 21  LEU A O   1 
ATOM   166  C CB  . LEU A 1 21  ? 1.912   -6.271  -2.235  1.00 8.59  ? 21  LEU A CB  1 
ATOM   167  C CG  . LEU A 1 21  ? 0.595   -5.483  -2.067  1.00 14.86 ? 21  LEU A CG  1 
ATOM   168  C CD1 . LEU A 1 21  ? 0.850   -4.029  -2.446  1.00 17.71 ? 21  LEU A CD1 1 
ATOM   169  C CD2 . LEU A 1 21  ? -0.477  -6.095  -2.979  1.00 17.21 ? 21  LEU A CD2 1 
ATOM   170  N N   . CYS A 1 22  ? 3.649   -8.949  -3.009  1.00 10.30 ? 22  CYS A N   1 
ATOM   171  C CA  . CYS A 1 22  ? 4.941   -9.645  -3.110  1.00 6.60  ? 22  CYS A CA  1 
ATOM   172  C C   . CYS A 1 22  ? 5.906   -8.952  -4.094  1.00 10.74 ? 22  CYS A C   1 
ATOM   173  O O   . CYS A 1 22  ? 5.465   -8.296  -4.991  1.00 9.68  ? 22  CYS A O   1 
ATOM   174  C CB  . CYS A 1 22  ? 4.783   -11.054 -3.777  1.00 14.71 ? 22  CYS A CB  1 
ATOM   175  S SG  . CYS A 1 22  ? 3.859   -11.992 -2.454  1.00 24.25 ? 22  CYS A SG  1 
ATOM   176  N N   . VAL A 1 23  ? 7.197   -8.953  -3.825  1.00 8.34  ? 23  VAL A N   1 
ATOM   177  C CA  . VAL A 1 23  ? 8.240   -8.325  -4.628  1.00 9.54  ? 23  VAL A CA  1 
ATOM   178  C C   . VAL A 1 23  ? 8.380   -9.059  -5.996  1.00 13.83 ? 23  VAL A C   1 
ATOM   179  O O   . VAL A 1 23  ? 8.333   -10.287 -6.009  1.00 9.18  ? 23  VAL A O   1 
ATOM   180  C CB  . VAL A 1 23  ? 9.511   -8.555  -3.785  1.00 13.92 ? 23  VAL A CB  1 
ATOM   181  C CG1 . VAL A 1 23  ? 10.756  -8.202  -4.501  1.00 15.40 ? 23  VAL A CG1 1 
ATOM   182  C CG2 . VAL A 1 23  ? 9.449   -7.735  -2.434  1.00 11.73 ? 23  VAL A CG2 1 
ATOM   183  N N   . PRO A 1 24  ? 8.461   -8.359  -7.089  1.00 14.57 ? 24  PRO A N   1 
ATOM   184  C CA  . PRO A 1 24  ? 8.490   -8.942  -8.427  1.00 16.14 ? 24  PRO A CA  1 
ATOM   185  C C   . PRO A 1 24  ? 9.826   -9.608  -8.740  1.00 16.72 ? 24  PRO A C   1 
ATOM   186  O O   . PRO A 1 24  ? 9.795   -10.493 -9.604  1.00 17.91 ? 24  PRO A O   1 
ATOM   187  C CB  . PRO A 1 24  ? 8.210   -7.754  -9.352  1.00 15.52 ? 24  PRO A CB  1 
ATOM   188  C CG  . PRO A 1 24  ? 8.997   -6.685  -8.566  1.00 13.20 ? 24  PRO A CG  1 
ATOM   189  C CD  . PRO A 1 24  ? 8.462   -6.874  -7.138  1.00 13.78 ? 24  PRO A CD  1 
ATOM   190  N N   . TYR A 1 25  ? 10.968  -9.130  -8.240  1.00 14.71 ? 25  TYR A N   1 
ATOM   191  C CA  . TYR A 1 25  ? 12.286  -9.675  -8.568  1.00 12.25 ? 25  TYR A CA  1 
ATOM   192  C C   . TYR A 1 25  ? 13.206  -9.270  -7.448  1.00 16.01 ? 25  TYR A C   1 
ATOM   193  O O   . TYR A 1 25  ? 12.803  -8.295  -6.740  1.00 12.73 ? 25  TYR A O   1 
ATOM   194  C CB  . TYR A 1 25  ? 12.817  -9.150  -9.939  1.00 14.63 ? 25  TYR A CB  1 
ATOM   195  C CG  . TYR A 1 25  ? 12.455  -7.714  -10.257 1.00 11.69 ? 25  TYR A CG  1 
ATOM   196  C CD1 . TYR A 1 25  ? 13.220  -6.715  -9.656  1.00 15.27 ? 25  TYR A CD1 1 
ATOM   197  C CD2 . TYR A 1 25  ? 11.437  -7.376  -11.127 1.00 16.46 ? 25  TYR A CD2 1 
ATOM   198  C CE1 . TYR A 1 25  ? 12.905  -5.379  -9.926  1.00 19.78 ? 25  TYR A CE1 1 
ATOM   199  C CE2 . TYR A 1 25  ? 11.111  -6.059  -11.397 1.00 18.87 ? 25  TYR A CE2 1 
ATOM   200  C CZ  . TYR A 1 25  ? 11.876  -5.084  -10.798 1.00 20.19 ? 25  TYR A CZ  1 
ATOM   201  O OH  . TYR A 1 25  ? 11.621  -3.749  -11.021 1.00 24.59 ? 25  TYR A OH  1 
ATOM   202  N N   . ASP A 1 26  ? 14.388  -9.835  -7.352  1.00 9.87  ? 26  ASP A N   1 
ATOM   203  C CA  . ASP A 1 26  ? 15.293  -9.423  -6.261  1.00 14.74 ? 26  ASP A CA  1 
ATOM   204  C C   . ASP A 1 26  ? 15.631  -7.942  -6.378  1.00 16.68 ? 26  ASP A C   1 
ATOM   205  O O   . ASP A 1 26  ? 15.890  -7.440  -7.494  1.00 12.79 ? 26  ASP A O   1 
ATOM   206  C CB  . ASP A 1 26  ? 16.594  -10.224 -6.369  1.00 19.39 ? 26  ASP A CB  1 
ATOM   207  C CG  . ASP A 1 26  ? 16.375  -11.689 -5.981  1.00 22.90 ? 26  ASP A CG  1 
ATOM   208  O OD1 . ASP A 1 26  ? 15.320  -12.193 -5.588  1.00 19.05 ? 26  ASP A OD1 1 
ATOM   209  O OD2 . ASP A 1 26  ? 17.410  -12.378 -6.098  1.00 24.00 ? 26  ASP A OD2 1 
ATOM   210  N N   . ILE A 1 27  ? 15.688  -7.191  -5.236  1.00 10.48 ? 27  ILE A N   1 
ATOM   211  C CA  . ILE A 1 27  ? 15.987  -5.732  -5.371  1.00 9.32  ? 27  ILE A CA  1 
ATOM   212  C C   . ILE A 1 27  ? 16.814  -5.409  -4.090  1.00 12.16 ? 27  ILE A C   1 
ATOM   213  O O   . ILE A 1 27  ? 16.509  -5.953  -3.044  1.00 16.85 ? 27  ILE A O   1 
ATOM   214  C CB  . ILE A 1 27  ? 14.636  -4.999  -5.255  1.00 20.77 ? 27  ILE A CB  1 
ATOM   215  C CG1 . ILE A 1 27  ? 13.798  -5.081  -6.565  1.00 21.61 ? 27  ILE A CG1 1 
ATOM   216  C CG2 . ILE A 1 27  ? 14.792  -3.507  -4.937  1.00 24.52 ? 27  ILE A CG2 1 
ATOM   217  C CD1 . ILE A 1 27  ? 12.311  -4.766  -6.247  1.00 18.30 ? 27  ILE A CD1 1 
ATOM   218  N N   . MET A 1 28  ? 17.777  -4.554  -4.211  1.00 13.42 ? 28  MET A N   1 
ATOM   219  C CA  . MET A 1 28  ? 18.536  -4.094  -3.042  1.00 14.49 ? 28  MET A CA  1 
ATOM   220  C C   . MET A 1 28  ? 18.117  -2.636  -2.853  1.00 15.22 ? 28  MET A C   1 
ATOM   221  O O   . MET A 1 28  ? 18.128  -1.864  -3.814  1.00 16.10 ? 28  MET A O   1 
ATOM   222  C CB  . MET A 1 28  ? 20.042  -3.994  -3.348  1.00 16.78 ? 28  MET A CB  1 
ATOM   223  C CG  . MET A 1 28  ? 20.690  -5.337  -3.561  1.00 26.66 ? 28  MET A CG  1 
ATOM   224  S SD  . MET A 1 28  ? 20.535  -6.370  -2.130  1.00 40.10 ? 28  MET A SD  1 
ATOM   225  C CE  . MET A 1 28  ? 22.119  -6.452  -1.379  0.00 88.88 ? 28  MET A CE  1 
ATOM   226  N N   . ILE A 1 29  ? 17.985  -2.240  -1.609  1.00 11.57 ? 29  ILE A N   1 
ATOM   227  C CA  . ILE A 1 29  ? 17.734  -0.812  -1.326  1.00 8.62  ? 29  ILE A CA  1 
ATOM   228  C C   . ILE A 1 29  ? 18.779  -0.387  -0.302  1.00 8.09  ? 29  ILE A C   1 
ATOM   229  O O   . ILE A 1 29  ? 18.659  -0.725  0.907   1.00 10.90 ? 29  ILE A O   1 
ATOM   230  C CB  . ILE A 1 29  ? 16.312  -0.512  -0.825  1.00 10.06 ? 29  ILE A CB  1 
ATOM   231  C CG1 . ILE A 1 29  ? 15.204  -1.201  -1.649  1.00 12.16 ? 29  ILE A CG1 1 
ATOM   232  C CG2 . ILE A 1 29  ? 16.098  1.031   -0.949  1.00 10.32 ? 29  ILE A CG2 1 
ATOM   233  C CD1 . ILE A 1 29  ? 13.789  -0.945  -1.079  1.00 13.68 ? 29  ILE A CD1 1 
ATOM   234  N N   . PRO A 1 30  ? 19.803  0.306   -0.722  1.00 8.80  ? 30  PRO A N   1 
ATOM   235  C CA  . PRO A 1 30  ? 20.815  0.837   0.204   1.00 10.56 ? 30  PRO A CA  1 
ATOM   236  C C   . PRO A 1 30  ? 20.245  1.878   1.149   1.00 10.95 ? 30  PRO A C   1 
ATOM   237  O O   . PRO A 1 30  ? 19.175  2.431   0.901   1.00 9.00  ? 30  PRO A O   1 
ATOM   238  C CB  . PRO A 1 30  ? 21.800  1.622   -0.740  1.00 9.90  ? 30  PRO A CB  1 
ATOM   239  C CG  . PRO A 1 30  ? 21.662  0.837   -2.055  1.00 15.29 ? 30  PRO A CG  1 
ATOM   240  C CD  . PRO A 1 30  ? 20.147  0.666   -2.135  1.00 11.89 ? 30  PRO A CD  1 
ATOM   241  N N   . VAL A 1 31  ? 20.937  2.189   2.265   1.00 8.66  ? 31  VAL A N   1 
ATOM   242  C CA  . VAL A 1 31  ? 20.357  3.138   3.216   1.00 10.59 ? 31  VAL A CA  1 
ATOM   243  C C   . VAL A 1 31  ? 20.249  4.481   2.545   1.00 10.82 ? 31  VAL A C   1 
ATOM   244  O O   . VAL A 1 31  ? 21.131  4.904   1.767   1.00 6.42  ? 31  VAL A O   1 
ATOM   245  C CB  . VAL A 1 31  ? 21.317  3.261   4.448   1.00 14.56 ? 31  VAL A CB  1 
ATOM   246  C CG1 . VAL A 1 31  ? 20.902  4.403   5.348   1.00 16.34 ? 31  VAL A CG1 1 
ATOM   247  C CG2 . VAL A 1 31  ? 21.324  1.921   5.186   1.00 13.70 ? 31  VAL A CG2 1 
ATOM   248  N N   . SER A 1 32  ? 19.133  5.184   2.780   1.00 7.37  ? 32  SER A N   1 
ATOM   249  C CA  . SER A 1 32  ? 18.765  6.493   2.337   1.00 9.47  ? 32  SER A CA  1 
ATOM   250  C C   . SER A 1 32  ? 18.203  6.498   0.877   1.00 11.87 ? 32  SER A C   1 
ATOM   251  O O   . SER A 1 32  ? 17.742  7.526   0.458   1.00 13.40 ? 32  SER A O   1 
ATOM   252  C CB  A SER A 1 32  ? 19.909  7.518   2.418   0.50 13.31 ? 32  SER A CB  1 
ATOM   253  C CB  B SER A 1 32  ? 19.886  7.547   2.381   0.50 10.18 ? 32  SER A CB  1 
ATOM   254  O OG  A SER A 1 32  ? 20.297  7.497   3.790   0.50 17.39 ? 32  SER A OG  1 
ATOM   255  O OG  B SER A 1 32  ? 20.795  7.378   1.314   0.50 5.36  ? 32  SER A OG  1 
ATOM   256  N N   . ASP A 1 33  ? 18.231  5.371   0.196   1.00 6.30  ? 33  ASP A N   1 
ATOM   257  C CA  . ASP A 1 33  ? 17.670  5.350   -1.163  1.00 8.16  ? 33  ASP A CA  1 
ATOM   258  C C   . ASP A 1 33  ? 16.195  5.085   -1.195  1.00 9.40  ? 33  ASP A C   1 
ATOM   259  O O   . ASP A 1 33  ? 15.630  4.462   -0.294  1.00 8.32  ? 33  ASP A O   1 
ATOM   260  C CB  . ASP A 1 33  ? 18.424  4.261   -1.983  1.00 10.48 ? 33  ASP A CB  1 
ATOM   261  C CG  . ASP A 1 33  ? 19.809  4.730   -2.365  1.00 16.86 ? 33  ASP A CG  1 
ATOM   262  O OD1 . ASP A 1 33  ? 20.271  5.812   -2.029  1.00 15.03 ? 33  ASP A OD1 1 
ATOM   263  O OD2 . ASP A 1 33  ? 20.577  3.963   -2.957  1.00 14.52 ? 33  ASP A OD2 1 
ATOM   264  N N   . THR A 1 34  ? 15.579  5.497   -2.339  1.00 5.80  ? 34  THR A N   1 
ATOM   265  C CA  . THR A 1 34  ? 14.161  5.213   -2.539  1.00 3.31  ? 34  THR A CA  1 
ATOM   266  C C   . THR A 1 34  ? 14.094  4.399   -3.836  1.00 9.71  ? 34  THR A C   1 
ATOM   267  O O   . THR A 1 34  ? 14.805  4.741   -4.840  1.00 8.07  ? 34  THR A O   1 
ATOM   268  C CB  . THR A 1 34  ? 13.462  6.545   -2.733  1.00 7.49  ? 34  THR A CB  1 
ATOM   269  O OG1 . THR A 1 34  ? 13.420  7.222   -1.471  1.00 8.35  ? 34  THR A OG1 1 
ATOM   270  C CG2 . THR A 1 34  ? 11.985  6.460   -3.187  1.00 9.65  ? 34  THR A CG2 1 
ATOM   271  N N   . LYS A 1 35  ? 13.177  3.453   -3.846  1.00 9.72  ? 35  LYS A N   1 
ATOM   272  C CA  . LYS A 1 35  ? 13.030  2.681   -5.085  1.00 7.41  ? 35  LYS A CA  1 
ATOM   273  C C   . LYS A 1 35  ? 11.494  2.627   -5.322  1.00 10.03 ? 35  LYS A C   1 
ATOM   274  O O   . LYS A 1 35  ? 10.829  2.287   -4.361  1.00 11.49 ? 35  LYS A O   1 
ATOM   275  C CB  . LYS A 1 35  ? 13.589  1.274   -4.923  1.00 18.34 ? 35  LYS A CB  1 
ATOM   276  C CG  . LYS A 1 35  ? 15.084  1.110   -4.897  1.00 26.83 ? 35  LYS A CG  1 
ATOM   277  C CD  . LYS A 1 35  ? 15.851  0.890   -6.155  1.00 32.64 ? 35  LYS A CD  1 
ATOM   278  C CE  . LYS A 1 35  ? 17.359  0.790   -5.778  1.00 27.53 ? 35  LYS A CE  1 
ATOM   279  N NZ  . LYS A 1 35  ? 17.858  -0.556  -6.260  1.00 35.34 ? 35  LYS A NZ  1 
ATOM   280  N N   . ILE A 1 36  ? 11.054  2.554   -6.534  1.00 8.43  ? 36  ILE A N   1 
ATOM   281  C CA  . ILE A 1 36  ? 9.637   2.353   -6.791  1.00 6.53  ? 36  ILE A CA  1 
ATOM   282  C C   . ILE A 1 36  ? 9.428   0.952   -7.285  1.00 13.37 ? 36  ILE A C   1 
ATOM   283  O O   . ILE A 1 36  ? 10.185  0.562   -8.214  1.00 13.43 ? 36  ILE A O   1 
ATOM   284  C CB  . ILE A 1 36  ? 9.165   3.395   -7.872  1.00 11.50 ? 36  ILE A CB  1 
ATOM   285  C CG1 . ILE A 1 36  ? 9.351   4.801   -7.254  1.00 19.75 ? 36  ILE A CG1 1 
ATOM   286  C CG2 . ILE A 1 36  ? 7.712   3.116   -8.238  1.00 13.31 ? 36  ILE A CG2 1 
ATOM   287  C CD1 . ILE A 1 36  ? 9.041   5.988   -8.135  1.00 33.75 ? 36  ILE A CD1 1 
ATOM   288  N N   . ILE A 1 37  ? 8.762   0.134   -6.471  1.00 9.71  ? 37  ILE A N   1 
ATOM   289  C CA  . ILE A 1 37  ? 8.677   -1.299  -6.828  1.00 10.15 ? 37  ILE A CA  1 
ATOM   290  C C   . ILE A 1 37  ? 7.356   -1.507  -7.569  1.00 13.65 ? 37  ILE A C   1 
ATOM   291  O O   . ILE A 1 37  ? 6.251   -1.227  -7.042  1.00 10.96 ? 37  ILE A O   1 
ATOM   292  C CB  . ILE A 1 37  ? 8.671   -2.101  -5.517  1.00 13.95 ? 37  ILE A CB  1 
ATOM   293  C CG1 . ILE A 1 37  ? 9.998   -1.706  -4.779  1.00 17.49 ? 37  ILE A CG1 1 
ATOM   294  C CG2 . ILE A 1 37  ? 8.565   -3.599  -5.764  1.00 13.46 ? 37  ILE A CG2 1 
ATOM   295  C CD1 . ILE A 1 37  ? 10.015  -2.356  -3.421  1.00 18.08 ? 37  ILE A CD1 1 
ATOM   296  N N   . PRO A 1 38  ? 7.455   -2.074  -8.782  1.00 10.93 ? 38  PRO A N   1 
ATOM   297  C CA  . PRO A 1 38  ? 6.242   -2.255  -9.561  1.00 8.94  ? 38  PRO A CA  1 
ATOM   298  C C   . PRO A 1 38  ? 5.534   -3.527  -9.200  1.00 9.43  ? 38  PRO A C   1 
ATOM   299  O O   . PRO A 1 38  ? 6.071   -4.494  -8.684  1.00 11.17 ? 38  PRO A O   1 
ATOM   300  C CB  . PRO A 1 38  ? 6.785   -2.340  -11.010 1.00 13.85 ? 38  PRO A CB  1 
ATOM   301  C CG  . PRO A 1 38  ? 8.105   -3.131  -10.744 1.00 13.32 ? 38  PRO A CG  1 
ATOM   302  C CD  . PRO A 1 38  ? 8.698   -2.248  -9.589  1.00 10.49 ? 38  PRO A CD  1 
ATOM   303  N N   . THR A 1 39  ? 4.220   -3.513  -9.436  1.00 8.29  ? 39  THR A N   1 
ATOM   304  C CA  . THR A 1 39  ? 3.431   -4.733  -9.257  1.00 7.44  ? 39  THR A CA  1 
ATOM   305  C C   . THR A 1 39  ? 2.547   -4.819  -10.486 1.00 9.39  ? 39  THR A C   1 
ATOM   306  O O   . THR A 1 39  ? 2.304   -3.889  -11.225 1.00 11.98 ? 39  THR A O   1 
ATOM   307  C CB  . THR A 1 39  ? 2.548   -4.845  -8.009  1.00 7.69  ? 39  THR A CB  1 
ATOM   308  O OG1 . THR A 1 39  ? 1.326   -4.118  -8.171  1.00 13.35 ? 39  THR A OG1 1 
ATOM   309  C CG2 . THR A 1 39  ? 3.340   -4.369  -6.769  1.00 8.44  ? 39  THR A CG2 1 
ATOM   310  N N   . ASP A 1 40  ? 1.915   -6.024  -10.580 1.00 9.65  ? 40  ASP A N   1 
ATOM   311  C CA  . ASP A 1 40  ? 0.936   -6.181  -11.649 1.00 8.43  ? 40  ASP A CA  1 
ATOM   312  C C   . ASP A 1 40  ? -0.489  -6.127  -11.100 1.00 13.93 ? 40  ASP A C   1 
ATOM   313  O O   . ASP A 1 40  ? -1.430  -6.785  -11.585 1.00 10.42 ? 40  ASP A O   1 
ATOM   314  C CB  . ASP A 1 40  ? 1.150   -7.559  -12.344 1.00 15.01 ? 40  ASP A CB  1 
ATOM   315  C CG  . ASP A 1 40  ? 1.041   -8.755  -11.447 1.00 18.41 ? 40  ASP A CG  1 
ATOM   316  O OD1 . ASP A 1 40  ? 0.949   -8.725  -10.187 1.00 11.27 ? 40  ASP A OD1 1 
ATOM   317  O OD2 . ASP A 1 40  ? 0.979   -9.909  -11.989 1.00 10.02 ? 40  ASP A OD2 1 
ATOM   318  N N   . VAL A 1 41  ? -0.574  -5.639  -9.841  1.00 9.32  ? 41  VAL A N   1 
ATOM   319  C CA  . VAL A 1 41  ? -1.875  -5.642  -9.158  1.00 10.24 ? 41  VAL A CA  1 
ATOM   320  C C   . VAL A 1 41  ? -2.713  -4.465  -9.608  1.00 12.06 ? 41  VAL A C   1 
ATOM   321  O O   . VAL A 1 41  ? -2.243  -3.315  -9.470  1.00 13.18 ? 41  VAL A O   1 
ATOM   322  C CB  . VAL A 1 41  ? -1.671  -5.661  -7.624  1.00 10.23 ? 41  VAL A CB  1 
ATOM   323  C CG1 . VAL A 1 41  ? -2.988  -5.724  -6.879  1.00 7.72  ? 41  VAL A CG1 1 
ATOM   324  C CG2 . VAL A 1 41  ? -0.754  -6.876  -7.253  1.00 13.38 ? 41  VAL A CG2 1 
ATOM   325  N N   . LYS A 1 42  ? -3.970  -4.774  -10.004 1.00 6.99  ? 42  LYS A N   1 
ATOM   326  C CA  . LYS A 1 42  ? -4.966  -3.731  -10.271 1.00 12.36 ? 42  LYS A CA  1 
ATOM   327  C C   . LYS A 1 42  ? -6.173  -3.921  -9.424  1.00 10.36 ? 42  LYS A C   1 
ATOM   328  O O   . LYS A 1 42  ? -6.540  -5.051  -9.127  1.00 9.97  ? 42  LYS A O   1 
ATOM   329  C CB  . LYS A 1 42  ? -5.377  -3.946  -11.769 1.00 16.54 ? 42  LYS A CB  1 
ATOM   330  C CG  . LYS A 1 42  ? -4.193  -3.485  -12.631 1.00 29.59 ? 42  LYS A CG  1 
ATOM   331  C CD  . LYS A 1 42  ? -4.326  -3.875  -14.087 1.00 30.13 ? 42  LYS A CD  1 
ATOM   332  C CE  . LYS A 1 42  ? -5.562  -3.279  -14.704 1.00 31.43 ? 42  LYS A CE  1 
ATOM   333  N NZ  . LYS A 1 42  ? -5.301  -3.071  -16.176 1.00 52.56 ? 42  LYS A NZ  1 
ATOM   334  N N   . ILE A 1 43  ? -6.915  -2.911  -8.887  1.00 12.22 ? 43  ILE A N   1 
ATOM   335  C CA  . ILE A 1 43  ? -8.047  -3.199  -8.042  1.00 7.89  ? 43  ILE A CA  1 
ATOM   336  C C   . ILE A 1 43  ? -9.212  -2.329  -8.550  1.00 7.83  ? 43  ILE A C   1 
ATOM   337  O O   . ILE A 1 43  ? -8.920  -1.365  -9.264  1.00 9.70  ? 43  ILE A O   1 
ATOM   338  C CB  . ILE A 1 43  ? -7.798  -2.823  -6.558  1.00 11.77 ? 43  ILE A CB  1 
ATOM   339  C CG1 . ILE A 1 43  ? -7.453  -1.301  -6.459  1.00 13.57 ? 43  ILE A CG1 1 
ATOM   340  C CG2 . ILE A 1 43  ? -6.654  -3.731  -6.051  1.00 7.54  ? 43  ILE A CG2 1 
ATOM   341  C CD1 . ILE A 1 43  ? -7.223  -0.966  -4.940  1.00 15.94 ? 43  ILE A CD1 1 
ATOM   342  N N   . GLN A 1 44  ? -10.406 -2.694  -8.175  1.00 7.70  ? 44  GLN A N   1 
ATOM   343  C CA  . GLN A 1 44  ? -11.568 -1.830  -8.444  1.00 9.05  ? 44  GLN A CA  1 
ATOM   344  C C   . GLN A 1 44  ? -12.253 -1.799  -7.080  1.00 12.86 ? 44  GLN A C   1 
ATOM   345  O O   . GLN A 1 44  ? -12.629 -2.856  -6.526  1.00 13.17 ? 44  GLN A O   1 
ATOM   346  C CB  . GLN A 1 44  ? -12.566 -2.474  -9.457  1.00 5.72  ? 44  GLN A CB  1 
ATOM   347  C CG  . GLN A 1 44  ? -12.001 -2.389  -10.875 1.00 15.30 ? 44  GLN A CG  1 
ATOM   348  C CD  . GLN A 1 44  ? -12.926 -3.084  -11.912 1.00 13.49 ? 44  GLN A CD  1 
ATOM   349  O OE1 . GLN A 1 44  ? -13.729 -3.951  -11.579 1.00 12.15 ? 44  GLN A OE1 1 
ATOM   350  N NE2 . GLN A 1 44  ? -12.664 -2.688  -13.151 1.00 11.57 ? 44  GLN A NE2 1 
ATOM   351  N N   . VAL A 1 45  ? -12.544 -0.592  -6.580  1.00 12.47 ? 45  VAL A N   1 
ATOM   352  C CA  . VAL A 1 45  ? -13.233 -0.511  -5.311  1.00 8.83  ? 45  VAL A CA  1 
ATOM   353  C C   . VAL A 1 45  ? -14.572 0.179   -5.543  1.00 9.24  ? 45  VAL A C   1 
ATOM   354  O O   . VAL A 1 45  ? -14.716 0.902   -6.532  1.00 14.67 ? 45  VAL A O   1 
ATOM   355  C CB  . VAL A 1 45  ? -12.423 0.225   -4.232  1.00 11.39 ? 45  VAL A CB  1 
ATOM   356  C CG1 . VAL A 1 45  ? -11.164 -0.591  -3.810  1.00 18.09 ? 45  VAL A CG1 1 
ATOM   357  C CG2 . VAL A 1 45  ? -11.988 1.615   -4.692  1.00 10.74 ? 45  VAL A CG2 1 
ATOM   358  N N   . PRO A 1 46  ? -15.526 -0.012  -4.655  1.00 12.11 ? 46  PRO A N   1 
ATOM   359  C CA  . PRO A 1 46  ? -16.786 0.642   -4.724  1.00 16.27 ? 46  PRO A CA  1 
ATOM   360  C C   . PRO A 1 46  ? -16.670 2.132   -4.386  1.00 15.60 ? 46  PRO A C   1 
ATOM   361  O O   . PRO A 1 46  ? -15.657 2.630   -3.890  1.00 12.28 ? 46  PRO A O   1 
ATOM   362  C CB  . PRO A 1 46  ? -17.692 -0.070  -3.714  1.00 20.63 ? 46  PRO A CB  1 
ATOM   363  C CG  . PRO A 1 46  ? -16.852 -1.029  -2.949  1.00 20.00 ? 46  PRO A CG  1 
ATOM   364  C CD  . PRO A 1 46  ? -15.413 -0.896  -3.435  1.00 17.06 ? 46  PRO A CD  1 
ATOM   365  N N   . PRO A 1 47  ? -17.752 2.835   -4.684  1.00 20.56 ? 47  PRO A N   1 
ATOM   366  C CA  . PRO A 1 47  ? -17.875 4.260   -4.462  1.00 19.33 ? 47  PRO A CA  1 
ATOM   367  C C   . PRO A 1 47  ? -17.499 4.591   -3.043  1.00 10.27 ? 47  PRO A C   1 
ATOM   368  O O   . PRO A 1 47  ? -17.910 3.908   -2.099  1.00 14.32 ? 47  PRO A O   1 
ATOM   369  C CB  . PRO A 1 47  ? -19.356 4.568   -4.723  1.00 26.05 ? 47  PRO A CB  1 
ATOM   370  C CG  . PRO A 1 47  ? -19.697 3.606   -5.828  1.00 25.13 ? 47  PRO A CG  1 
ATOM   371  C CD  . PRO A 1 47  ? -18.983 2.337   -5.387  1.00 23.31 ? 47  PRO A CD  1 
ATOM   372  N N   . ASN A 1 48  ? -16.757 5.650   -2.888  1.00 13.52 ? 48  ASN A N   1 
ATOM   373  C CA  . ASN A 1 48  ? -16.378 6.210   -1.583  1.00 10.09 ? 48  ASN A CA  1 
ATOM   374  C C   . ASN A 1 48  ? -15.473 5.292   -0.785  1.00 10.77 ? 48  ASN A C   1 
ATOM   375  O O   . ASN A 1 48  ? -15.485 5.355   0.436   1.00 12.83 ? 48  ASN A O   1 
ATOM   376  C CB  . ASN A 1 48  ? -17.601 6.563   -0.749  1.00 17.59 ? 48  ASN A CB  1 
ATOM   377  C CG  . ASN A 1 48  ? -18.449 7.600   -1.466  1.00 27.24 ? 48  ASN A CG  1 
ATOM   378  O OD1 . ASN A 1 48  ? -19.670 7.595   -1.412  1.00 30.26 ? 48  ASN A OD1 1 
ATOM   379  N ND2 . ASN A 1 48  ? -17.743 8.455   -2.152  1.00 25.28 ? 48  ASN A ND2 1 
ATOM   380  N N   . SER A 1 49  ? -14.678 4.489   -1.466  1.00 13.14 ? 49  SER A N   1 
ATOM   381  C CA  . SER A 1 49  ? -13.687 3.640   -0.860  1.00 11.44 ? 49  SER A CA  1 
ATOM   382  C C   . SER A 1 49  ? -12.356 3.896   -1.496  1.00 8.37  ? 49  SER A C   1 
ATOM   383  O O   . SER A 1 49  ? -12.294 4.533   -2.569  1.00 10.05 ? 49  SER A O   1 
ATOM   384  C CB  . SER A 1 49  ? -14.006 2.160   -1.148  1.00 16.63 ? 49  SER A CB  1 
ATOM   385  O OG  . SER A 1 49  ? -15.095 1.794   -0.389  1.00 17.88 ? 49  SER A OG  1 
ATOM   386  N N   . PHE A 1 50  ? -11.224 3.408   -0.894  1.00 6.05  ? 50  PHE A N   1 
ATOM   387  C CA  . PHE A 1 50  ? -9.948  3.675   -1.512  1.00 4.14  ? 50  PHE A CA  1 
ATOM   388  C C   . PHE A 1 50  ? -9.012  2.550   -0.963  1.00 5.49  ? 50  PHE A C   1 
ATOM   389  O O   . PHE A 1 50  ? -9.414  1.924   0.019   1.00 12.20 ? 50  PHE A O   1 
ATOM   390  C CB  . PHE A 1 50  ? -9.340  5.039   -1.100  1.00 10.19 ? 50  PHE A CB  1 
ATOM   391  C CG  . PHE A 1 50  ? -9.003  5.307   0.363   1.00 9.95  ? 50  PHE A CG  1 
ATOM   392  C CD1 . PHE A 1 50  ? -10.024 5.659   1.224   1.00 9.48  ? 50  PHE A CD1 1 
ATOM   393  C CD2 . PHE A 1 50  ? -7.712  5.156   0.888   1.00 10.66 ? 50  PHE A CD2 1 
ATOM   394  C CE1 . PHE A 1 50  ? -9.836  5.811   2.568   1.00 11.53 ? 50  PHE A CE1 1 
ATOM   395  C CE2 . PHE A 1 50  ? -7.477  5.375   2.245   1.00 10.62 ? 50  PHE A CE2 1 
ATOM   396  C CZ  . PHE A 1 50  ? -8.524  5.780   3.078   1.00 6.19  ? 50  PHE A CZ  1 
ATOM   397  N N   . GLY A 1 51  ? -7.930  2.326   -1.672  1.00 5.05  ? 51  GLY A N   1 
ATOM   398  C CA  . GLY A 1 51  ? -6.944  1.323   -1.223  1.00 6.19  ? 51  GLY A CA  1 
ATOM   399  C C   . GLY A 1 51  ? -5.870  2.114   -0.457  1.00 4.95  ? 51  GLY A C   1 
ATOM   400  O O   . GLY A 1 51  ? -5.442  3.208   -0.871  1.00 9.51  ? 51  GLY A O   1 
ATOM   401  N N   . TRP A 1 52  ? -5.290  1.478   0.547   1.00 3.77  ? 52  TRP A N   1 
ATOM   402  C CA  . TRP A 1 52  ? -4.153  2.083   1.252   1.00 3.78  ? 52  TRP A CA  1 
ATOM   403  C C   . TRP A 1 52  ? -3.052  1.026   1.267   1.00 4.85  ? 52  TRP A C   1 
ATOM   404  O O   . TRP A 1 52  ? -3.239  -0.037  1.865   1.00 6.80  ? 52  TRP A O   1 
ATOM   405  C CB  . TRP A 1 52  ? -4.705  2.370   2.714   1.00 8.36  ? 52  TRP A CB  1 
ATOM   406  C CG  . TRP A 1 52  ? -3.584  2.936   3.614   1.00 5.35  ? 52  TRP A CG  1 
ATOM   407  C CD1 . TRP A 1 52  ? -2.454  3.593   3.237   1.00 6.75  ? 52  TRP A CD1 1 
ATOM   408  C CD2 . TRP A 1 52  ? -3.537  2.850   5.031   1.00 7.11  ? 52  TRP A CD2 1 
ATOM   409  N NE1 . TRP A 1 52  ? -1.727  3.955   4.353   1.00 8.64  ? 52  TRP A NE1 1 
ATOM   410  C CE2 . TRP A 1 52  ? -2.417  3.527   5.468   1.00 7.59  ? 52  TRP A CE2 1 
ATOM   411  C CE3 . TRP A 1 52  ? -4.424  2.267   5.967   1.00 7.02  ? 52  TRP A CE3 1 
ATOM   412  C CZ2 . TRP A 1 52  ? -2.040  3.604   6.828   1.00 11.71 ? 52  TRP A CZ2 1 
ATOM   413  C CZ3 . TRP A 1 52  ? -4.083  2.389   7.313   1.00 17.73 ? 52  TRP A CZ3 1 
ATOM   414  C CH2 . TRP A 1 52  ? -2.970  3.112   7.719   1.00 14.18 ? 52  TRP A CH2 1 
ATOM   415  N N   . VAL A 1 53  ? -1.956  1.259   0.624   1.00 4.78  ? 53  VAL A N   1 
ATOM   416  C CA  . VAL A 1 53  ? -0.765  0.429   0.665   1.00 4.16  ? 53  VAL A CA  1 
ATOM   417  C C   . VAL A 1 53  ? 0.132   0.921   1.801   1.00 5.62  ? 53  VAL A C   1 
ATOM   418  O O   . VAL A 1 53  ? 0.596   2.074   1.790   1.00 7.20  ? 53  VAL A O   1 
ATOM   419  C CB  . VAL A 1 53  ? 0.007   0.489   -0.656  1.00 8.51  ? 53  VAL A CB  1 
ATOM   420  C CG1 . VAL A 1 53  ? 1.268   -0.382  -0.650  1.00 7.65  ? 53  VAL A CG1 1 
ATOM   421  C CG2 . VAL A 1 53  ? -0.929  0.051   -1.796  1.00 6.13  ? 53  VAL A CG2 1 
ATOM   422  N N   . THR A 1 54  ? 0.368   -0.015  2.714   1.00 8.22  ? 54  THR A N   1 
ATOM   423  C CA  . THR A 1 54  ? 1.123   0.391   3.895   1.00 7.88  ? 54  THR A CA  1 
ATOM   424  C C   . THR A 1 54  ? 2.005   -0.764  4.329   1.00 11.35 ? 54  THR A C   1 
ATOM   425  O O   . THR A 1 54  ? 2.139   -1.822  3.656   1.00 10.41 ? 54  THR A O   1 
ATOM   426  C CB  . THR A 1 54  ? 0.103   0.851   4.979   1.00 11.09 ? 54  THR A CB  1 
ATOM   427  O OG1 . THR A 1 54  ? 0.872   1.495   5.972   1.00 13.00 ? 54  THR A OG1 1 
ATOM   428  C CG2 . THR A 1 54  ? -0.691  -0.320  5.542   1.00 13.03 ? 54  THR A CG2 1 
ATOM   429  N N   . GLY A 1 55  ? 2.720   -0.535  5.436   1.00 11.34 ? 55  GLY A N   1 
ATOM   430  C CA  . GLY A 1 55  ? 3.746   -1.511  5.792   1.00 15.61 ? 55  GLY A CA  1 
ATOM   431  C C   . GLY A 1 55  ? 3.361   -2.652  6.675   1.00 13.85 ? 55  GLY A C   1 
ATOM   432  O O   . GLY A 1 55  ? 2.305   -2.686  7.281   1.00 14.72 ? 55  GLY A O   1 
ATOM   433  N N   . LYS A 1 56  ? 4.211   -3.705  6.571   1.00 11.96 ? 56  LYS A N   1 
ATOM   434  C CA  . LYS A 1 56  ? 4.140   -4.901  7.406   1.00 12.91 ? 56  LYS A CA  1 
ATOM   435  C C   . LYS A 1 56  ? 5.127   -4.702  8.559   1.00 14.42 ? 56  LYS A C   1 
ATOM   436  O O   . LYS A 1 56  ? 6.190   -4.117  8.333   1.00 11.82 ? 56  LYS A O   1 
ATOM   437  C CB  . LYS A 1 56  ? 4.628   -6.141  6.625   1.00 17.26 ? 56  LYS A CB  1 
ATOM   438  C CG  . LYS A 1 56  ? 3.559   -6.526  5.521   1.00 22.60 ? 56  LYS A CG  1 
ATOM   439  C CD  . LYS A 1 56  ? 4.056   -7.721  4.720   1.00 22.66 ? 56  LYS A CD  1 
ATOM   440  C CE  . LYS A 1 56  ? 4.042   -9.063  5.460   1.00 26.84 ? 56  LYS A CE  1 
ATOM   441  N NZ  . LYS A 1 56  ? 2.686   -9.311  6.077   1.00 22.64 ? 56  LYS A NZ  1 
ATOM   442  N N   . SER A 1 57  ? 4.862   -5.126  9.804   1.00 11.50 ? 57  SER A N   1 
ATOM   443  C CA  . SER A 1 57  ? 5.814   -4.908  10.877  1.00 13.58 ? 57  SER A CA  1 
ATOM   444  C C   . SER A 1 57  ? 7.169   -5.494  10.666  1.00 14.20 ? 57  SER A C   1 
ATOM   445  O O   . SER A 1 57  ? 8.178   -4.946  11.076  1.00 16.64 ? 57  SER A O   1 
ATOM   446  C CB  . SER A 1 57  ? 5.296   -5.755  12.131  1.00 18.30 ? 57  SER A CB  1 
ATOM   447  O OG  . SER A 1 57  ? 4.055   -5.185  12.481  1.00 39.67 ? 57  SER A OG  1 
ATOM   448  N N   . SER A 1 58  ? 7.240   -6.707  10.109  1.00 18.24 ? 58  SER A N   1 
ATOM   449  C CA  . SER A 1 58  ? 8.536   -7.344  9.820   1.00 18.15 ? 58  SER A CA  1 
ATOM   450  C C   . SER A 1 58  ? 9.429   -6.543  8.895   1.00 14.85 ? 58  SER A C   1 
ATOM   451  O O   . SER A 1 58  ? 10.634  -6.455  9.233   1.00 15.18 ? 58  SER A O   1 
ATOM   452  C CB  . SER A 1 58  ? 8.285   -8.728  9.199   1.00 19.87 ? 58  SER A CB  1 
ATOM   453  O OG  . SER A 1 58  ? 7.642   -8.553  7.904   1.00 29.55 ? 58  SER A OG  1 
ATOM   454  N N   . MET A 1 59  ? 8.885   -5.763  7.943   1.00 11.66 ? 59  MET A N   1 
ATOM   455  C CA  . MET A 1 59  ? 9.805   -4.939  7.112   1.00 8.74  ? 59  MET A CA  1 
ATOM   456  C C   . MET A 1 59  ? 9.971   -3.522  7.659   1.00 9.99  ? 59  MET A C   1 
ATOM   457  O O   . MET A 1 59  ? 11.075  -3.048  7.600   1.00 8.14  ? 59  MET A O   1 
ATOM   458  C CB  . MET A 1 59  ? 9.134   -4.695  5.743   1.00 17.80 ? 59  MET A CB  1 
ATOM   459  C CG  . MET A 1 59  ? 8.844   -5.960  4.948   1.00 21.74 ? 59  MET A CG  1 
ATOM   460  S SD  . MET A 1 59  ? 10.444  -6.779  4.536   1.00 30.58 ? 59  MET A SD  1 
ATOM   461  C CE  . MET A 1 59  ? 11.310  -5.440  3.788   1.00 28.44 ? 59  MET A CE  1 
ATOM   462  N N   . ALA A 1 60  ? 9.042   -2.986  8.487   1.00 9.58  ? 60  ALA A N   1 
ATOM   463  C CA  . ALA A 1 60  ? 9.260   -1.729  9.158   1.00 11.27 ? 60  ALA A CA  1 
ATOM   464  C C   . ALA A 1 60  ? 10.353  -1.838  10.204  1.00 11.82 ? 60  ALA A C   1 
ATOM   465  O O   . ALA A 1 60  ? 11.169  -0.898  10.438  1.00 10.91 ? 60  ALA A O   1 
ATOM   466  C CB  . ALA A 1 60  ? 7.885   -1.408  9.819   1.00 16.20 ? 60  ALA A CB  1 
ATOM   467  N N   . LYS A 1 61  ? 10.478  -2.973  10.913  1.00 11.66 ? 61  LYS A N   1 
ATOM   468  C CA  . LYS A 1 61  ? 11.582  -3.150  11.844  1.00 16.28 ? 61  LYS A CA  1 
ATOM   469  C C   . LYS A 1 61  ? 12.956  -3.191  11.167  1.00 20.14 ? 61  LYS A C   1 
ATOM   470  O O   . LYS A 1 61  ? 13.902  -2.677  11.758  1.00 22.51 ? 61  LYS A O   1 
ATOM   471  C CB  . LYS A 1 61  ? 11.592  -4.500  12.599  1.00 23.65 ? 61  LYS A CB  1 
ATOM   472  C CG  . LYS A 1 61  ? 10.271  -4.883  13.209  1.00 22.60 ? 61  LYS A CG  1 
ATOM   473  C CD  . LYS A 1 61  ? 10.533  -5.894  14.332  1.00 38.83 ? 61  LYS A CD  1 
ATOM   474  C CE  . LYS A 1 61  ? 9.370   -6.834  14.583  1.00 49.47 ? 61  LYS A CE  1 
ATOM   475  N NZ  . LYS A 1 61  ? 9.725   -8.219  14.089  1.00 56.29 ? 61  LYS A NZ  1 
ATOM   476  N N   . GLN A 1 62  ? 13.007  -3.452  9.867   1.00 16.97 ? 62  GLN A N   1 
ATOM   477  C CA  . GLN A 1 62  ? 14.280  -3.316  9.169   1.00 20.01 ? 62  GLN A CA  1 
ATOM   478  C C   . GLN A 1 62  ? 14.473  -1.946  8.545   1.00 18.92 ? 62  GLN A C   1 
ATOM   479  O O   . GLN A 1 62  ? 15.460  -1.789  7.816   1.00 22.15 ? 62  GLN A O   1 
ATOM   480  C CB  . GLN A 1 62  ? 14.333  -4.345  8.039   1.00 24.36 ? 62  GLN A CB  1 
ATOM   481  C CG  . GLN A 1 62  ? 14.223  -5.803  8.442   1.00 32.01 ? 62  GLN A CG  1 
ATOM   482  C CD  . GLN A 1 62  ? 14.194  -6.715  7.206   1.00 38.87 ? 62  GLN A CD  1 
ATOM   483  O OE1 . GLN A 1 62  ? 13.263  -7.487  6.937   1.00 40.06 ? 62  GLN A OE1 1 
ATOM   484  N NE2 . GLN A 1 62  ? 15.272  -6.650  6.442   1.00 39.46 ? 62  GLN A NE2 1 
ATOM   485  N N   . GLY A 1 63  ? 13.535  -1.021  8.618   1.00 14.26 ? 63  GLY A N   1 
ATOM   486  C CA  . GLY A 1 63  ? 13.777  0.322   8.066   1.00 12.72 ? 63  GLY A CA  1 
ATOM   487  C C   . GLY A 1 63  ? 13.045  0.484   6.690   1.00 6.65  ? 63  GLY A C   1 
ATOM   488  O O   . GLY A 1 63  ? 13.337  1.515   6.087   1.00 10.38 ? 63  GLY A O   1 
ATOM   489  N N   . LEU A 1 64  ? 12.224  -0.436  6.260   1.00 7.72  ? 64  LEU A N   1 
ATOM   490  C CA  . LEU A 1 64  ? 11.492  -0.199  5.007   1.00 7.56  ? 64  LEU A CA  1 
ATOM   491  C C   . LEU A 1 64  ? 10.332  0.763   5.251   1.00 9.53  ? 64  LEU A C   1 
ATOM   492  O O   . LEU A 1 64  ? 9.508   0.490   6.157   1.00 7.44  ? 64  LEU A O   1 
ATOM   493  C CB  . LEU A 1 64  ? 10.992  -1.541  4.448   1.00 7.82  ? 64  LEU A CB  1 
ATOM   494  C CG  . LEU A 1 64  ? 10.341  -1.288  3.045   1.00 12.45 ? 64  LEU A CG  1 
ATOM   495  C CD1 . LEU A 1 64  ? 11.435  -0.975  2.035   1.00 13.00 ? 64  LEU A CD1 1 
ATOM   496  C CD2 . LEU A 1 64  ? 9.594   -2.565  2.695   1.00 10.93 ? 64  LEU A CD2 1 
ATOM   497  N N   . LEU A 1 65  ? 10.308  1.942   4.589   1.00 4.89  ? 65  LEU A N   1 
ATOM   498  C CA  . LEU A 1 65  ? 9.170   2.830   4.801   1.00 4.62  ? 65  LEU A CA  1 
ATOM   499  C C   . LEU A 1 65  ? 8.380   2.877   3.454   1.00 7.75  ? 65  LEU A C   1 
ATOM   500  O O   . LEU A 1 65  ? 9.023   3.216   2.461   1.00 10.06 ? 65  LEU A O   1 
ATOM   501  C CB  . LEU A 1 65  ? 9.734   4.203   5.116   1.00 9.57  ? 65  LEU A CB  1 
ATOM   502  C CG  . LEU A 1 65  ? 8.677   5.366   5.259   1.00 13.40 ? 65  LEU A CG  1 
ATOM   503  C CD1 . LEU A 1 65  ? 7.759   5.101   6.422   1.00 10.61 ? 65  LEU A CD1 1 
ATOM   504  C CD2 . LEU A 1 65  ? 9.415   6.679   5.546   1.00 15.96 ? 65  LEU A CD2 1 
ATOM   505  N N   . ILE A 1 66  ? 7.071   2.709   3.546   1.00 5.22  ? 66  ILE A N   1 
ATOM   506  C CA  . ILE A 1 66  ? 6.263   2.889   2.294   1.00 3.48  ? 66  ILE A CA  1 
ATOM   507  C C   . ILE A 1 66  ? 5.737   4.312   2.366   1.00 12.47 ? 66  ILE A C   1 
ATOM   508  O O   . ILE A 1 66  ? 5.144   4.658   3.395   1.00 8.67  ? 66  ILE A O   1 
ATOM   509  C CB  . ILE A 1 66  ? 5.137   1.841   2.399   1.00 5.69  ? 66  ILE A CB  1 
ATOM   510  C CG1 . ILE A 1 66  ? 5.782   0.458   2.447   1.00 17.49 ? 66  ILE A CG1 1 
ATOM   511  C CG2 . ILE A 1 66  ? 4.151   2.007   1.210   1.00 8.93  ? 66  ILE A CG2 1 
ATOM   512  C CD1 A ILE A 1 66  ? 4.859   -0.710  2.263   0.50 9.39  ? 66  ILE A CD1 1 
ATOM   513  C CD1 B ILE A 1 66  ? 6.435   -0.205  1.332   0.50 7.66  ? 66  ILE A CD1 1 
ATOM   514  N N   . ASN A 1 67  ? 5.819   5.075   1.264   1.00 9.82  ? 67  ASN A N   1 
ATOM   515  C CA  . ASN A 1 67  ? 5.224   6.417   1.318   1.00 14.88 ? 67  ASN A CA  1 
ATOM   516  C C   . ASN A 1 67  ? 4.232   6.666   0.174   1.00 13.69 ? 67  ASN A C   1 
ATOM   517  O O   . ASN A 1 67  ? 4.302   5.846   -0.735  1.00 14.72 ? 67  ASN A O   1 
ATOM   518  C CB  . ASN A 1 67  ? 6.421   7.364   1.161   1.00 8.81  ? 67  ASN A CB  1 
ATOM   519  C CG  . ASN A 1 67  ? 6.035   8.820   1.510   1.00 7.47  ? 67  ASN A CG  1 
ATOM   520  O OD1 . ASN A 1 67  ? 4.964   9.146   2.039   1.00 12.51 ? 67  ASN A OD1 1 
ATOM   521  N ND2 . ASN A 1 67  ? 6.985   9.665   1.145   1.00 12.25 ? 67  ASN A ND2 1 
ATOM   522  N N   . GLY A 1 68  ? 3.221   7.464   0.339   1.00 10.05 ? 68  GLY A N   1 
ATOM   523  C CA  A GLY A 1 68  ? 2.301   7.666   -0.797  0.50 12.33 ? 68  GLY A CA  1 
ATOM   524  C CA  B GLY A 1 68  ? 2.203   7.635   -0.702  0.50 11.94 ? 68  GLY A CA  1 
ATOM   525  C C   A GLY A 1 68  ? 1.530   6.446   -1.303  0.50 13.97 ? 68  GLY A C   1 
ATOM   526  C C   B GLY A 1 68  ? 1.193   6.515   -0.311  0.50 9.29  ? 68  GLY A C   1 
ATOM   527  O O   A GLY A 1 68  ? 1.397   6.345   -2.539  0.50 15.15 ? 68  GLY A O   1 
ATOM   528  O O   B GLY A 1 68  ? 0.886   6.257   0.857   0.50 14.07 ? 68  GLY A O   1 
ATOM   529  N N   A GLY A 1 69  ? 0.868   5.648   -0.479  0.50 6.21  ? 69  GLY A N   1 
ATOM   530  N N   B GLY A 1 69  ? 0.876   5.708   -1.304  0.50 9.83  ? 69  GLY A N   1 
ATOM   531  C CA  . GLY A 1 69  ? 0.113   4.514   -1.031  1.00 12.63 ? 69  GLY A CA  1 
ATOM   532  C C   . GLY A 1 69  ? -1.369  4.731   -1.016  1.00 10.61 ? 69  GLY A C   1 
ATOM   533  O O   . GLY A 1 69  ? -2.042  3.715   -0.795  1.00 10.25 ? 69  GLY A O   1 
ATOM   534  N N   . ILE A 1 70  ? -1.913  5.932   -1.305  1.00 8.34  ? 70  ILE A N   1 
ATOM   535  C CA  . ILE A 1 70  ? -3.343  6.100   -1.358  1.00 6.19  ? 70  ILE A CA  1 
ATOM   536  C C   . ILE A 1 70  ? -3.748  5.735   -2.788  1.00 13.20 ? 70  ILE A C   1 
ATOM   537  O O   . ILE A 1 70  ? -3.294  6.347   -3.762  1.00 11.89 ? 70  ILE A O   1 
ATOM   538  C CB  . ILE A 1 70  ? -3.764  7.531   -0.968  1.00 6.11  ? 70  ILE A CB  1 
ATOM   539  C CG1 . ILE A 1 70  ? -3.242  7.827   0.422   1.00 11.61 ? 70  ILE A CG1 1 
ATOM   540  C CG2 . ILE A 1 70  ? -5.301  7.641   -1.161  1.00 6.58  ? 70  ILE A CG2 1 
ATOM   541  C CD1 . ILE A 1 70  ? -3.889  6.917   1.477   1.00 15.37 ? 70  ILE A CD1 1 
ATOM   542  N N   . ILE A 1 71  ? -4.607  4.743   -2.920  1.00 9.82  ? 71  ILE A N   1 
ATOM   543  C CA  . ILE A 1 71  ? -5.045  4.340   -4.304  1.00 10.44 ? 71  ILE A CA  1 
ATOM   544  C C   . ILE A 1 71  ? -6.524  4.770   -4.443  1.00 13.24 ? 71  ILE A C   1 
ATOM   545  O O   . ILE A 1 71  ? -7.412  4.193   -3.820  1.00 13.39 ? 71  ILE A O   1 
ATOM   546  C CB  . ILE A 1 71  ? -4.945  2.816   -4.349  1.00 7.81  ? 71  ILE A CB  1 
ATOM   547  C CG1 . ILE A 1 71  ? -3.552  2.247   -4.102  1.00 10.35 ? 71  ILE A CG1 1 
ATOM   548  C CG2 . ILE A 1 71  ? -5.325  2.368   -5.776  1.00 14.98 ? 71  ILE A CG2 1 
ATOM   549  C CD1 . ILE A 1 71  ? -2.393  2.887   -4.848  1.00 12.74 ? 71  ILE A CD1 1 
ATOM   550  N N   . ASP A 1 72  ? -6.777  5.858   -5.179  1.00 8.84  ? 72  ASP A N   1 
ATOM   551  C CA  . ASP A 1 72  ? -8.126  6.393   -5.304  1.00 9.41  ? 72  ASP A CA  1 
ATOM   552  C C   . ASP A 1 72  ? -8.979  5.293   -5.985  1.00 11.14 ? 72  ASP A C   1 
ATOM   553  O O   . ASP A 1 72  ? -8.534  4.614   -6.928  1.00 11.56 ? 72  ASP A O   1 
ATOM   554  C CB  . ASP A 1 72  ? -8.127  7.706   -6.073  1.00 11.40 ? 72  ASP A CB  1 
ATOM   555  C CG  . ASP A 1 72  ? -7.224  8.757   -5.419  1.00 19.07 ? 72  ASP A CG  1 
ATOM   556  O OD1 . ASP A 1 72  ? -7.657  9.322   -4.401  1.00 13.35 ? 72  ASP A OD1 1 
ATOM   557  O OD2 . ASP A 1 72  ? -6.069  9.036   -5.790  1.00 16.62 ? 72  ASP A OD2 1 
ATOM   558  N N   . GLU A 1 73  ? -10.276 5.568   -5.877  1.00 11.21 ? 73  GLU A N   1 
ATOM   559  C CA  . GLU A 1 73  ? -11.323 4.775   -6.546  1.00 11.66 ? 73  GLU A CA  1 
ATOM   560  C C   . GLU A 1 73  ? -11.240 4.968   -8.038  1.00 15.42 ? 73  GLU A C   1 
ATOM   561  O O   . GLU A 1 73  ? -11.549 4.036   -8.793  1.00 14.76 ? 73  GLU A O   1 
ATOM   562  C CB  . GLU A 1 73  ? -12.650 5.394   -6.017  1.00 14.64 ? 73  GLU A CB  1 
ATOM   563  C CG  . GLU A 1 73  ? -13.897 4.758   -6.640  1.00 17.96 ? 73  GLU A CG  1 
ATOM   564  C CD  . GLU A 1 73  ? -15.135 5.616   -6.446  1.00 21.77 ? 73  GLU A CD  1 
ATOM   565  O OE1 . GLU A 1 73  ? -15.253 6.404   -5.460  1.00 16.88 ? 73  GLU A OE1 1 
ATOM   566  O OE2 . GLU A 1 73  ? -16.049 5.315   -7.249  1.00 16.48 ? 73  GLU A OE2 1 
ATOM   567  N N   . GLY A 1 74  ? -10.696 6.116   -8.514  1.00 13.67 ? 74  GLY A N   1 
ATOM   568  C CA  . GLY A 1 74  ? -10.594 6.353   -9.935  1.00 16.49 ? 74  GLY A CA  1 
ATOM   569  C C   . GLY A 1 74  ? -9.345  5.821   -10.564 1.00 19.34 ? 74  GLY A C   1 
ATOM   570  O O   . GLY A 1 74  ? -9.087  6.103   -11.750 1.00 23.35 ? 74  GLY A O   1 
ATOM   571  N N   . TYR A 1 75  ? -8.478  5.156   -9.794  1.00 13.83 ? 75  TYR A N   1 
ATOM   572  C CA  . TYR A 1 75  ? -7.168  4.785   -10.305 1.00 14.97 ? 75  TYR A CA  1 
ATOM   573  C C   . TYR A 1 75  ? -7.322  3.391   -10.940 1.00 21.96 ? 75  TYR A C   1 
ATOM   574  O O   . TYR A 1 75  ? -7.592  2.450   -10.172 1.00 25.16 ? 75  TYR A O   1 
ATOM   575  C CB  . TYR A 1 75  ? -6.141  4.690   -9.174  1.00 14.29 ? 75  TYR A CB  1 
ATOM   576  C CG  . TYR A 1 75  ? -4.765  4.283   -9.719  1.00 16.16 ? 75  TYR A CG  1 
ATOM   577  C CD1 . TYR A 1 75  ? -4.042  5.179   -10.534 1.00 25.62 ? 75  TYR A CD1 1 
ATOM   578  C CD2 . TYR A 1 75  ? -4.167  3.097   -9.450  1.00 11.59 ? 75  TYR A CD2 1 
ATOM   579  C CE1 . TYR A 1 75  ? -2.794  4.827   -11.032 1.00 26.70 ? 75  TYR A CE1 1 
ATOM   580  C CE2 . TYR A 1 75  ? -2.941  2.700   -9.923  1.00 16.14 ? 75  TYR A CE2 1 
ATOM   581  C CZ  . TYR A 1 75  ? -2.247  3.590   -10.724 1.00 22.78 ? 75  TYR A CZ  1 
ATOM   582  O OH  . TYR A 1 75  ? -0.998  3.257   -11.237 1.00 26.39 ? 75  TYR A OH  1 
ATOM   583  N N   . THR A 1 76  ? -7.006  3.324   -12.222 1.00 22.05 ? 76  THR A N   1 
ATOM   584  C CA  . THR A 1 76  ? -7.297  2.058   -12.913 1.00 23.56 ? 76  THR A CA  1 
ATOM   585  C C   . THR A 1 76  ? -6.003  1.365   -13.289 1.00 27.20 ? 76  THR A C   1 
ATOM   586  O O   . THR A 1 76  ? -6.055  0.358   -13.988 1.00 33.31 ? 76  THR A O   1 
ATOM   587  C CB  . THR A 1 76  ? -8.145  2.340   -14.181 1.00 28.33 ? 76  THR A CB  1 
ATOM   588  O OG1 . THR A 1 76  ? -7.469  3.312   -14.968 1.00 21.67 ? 76  THR A OG1 1 
ATOM   589  C CG2 . THR A 1 76  ? -9.509  2.909   -13.793 1.00 24.45 ? 76  THR A CG2 1 
ATOM   590  N N   . GLY A 1 77  ? -4.834  1.892   -12.952 1.00 24.15 ? 77  GLY A N   1 
ATOM   591  C CA  . GLY A 1 77  ? -3.588  1.244   -13.422 1.00 21.69 ? 77  GLY A CA  1 
ATOM   592  C C   . GLY A 1 77  ? -3.026  0.233   -12.452 1.00 15.71 ? 77  GLY A C   1 
ATOM   593  O O   . GLY A 1 77  ? -3.666  -0.171  -11.472 1.00 12.87 ? 77  GLY A O   1 
ATOM   594  N N   . GLU A 1 78  ? -1.769  -0.161  -12.693 1.00 10.61 ? 78  GLU A N   1 
ATOM   595  C CA  . GLU A 1 78  ? -1.132  -1.190  -11.830 1.00 12.23 ? 78  GLU A CA  1 
ATOM   596  C C   . GLU A 1 78  ? -0.563  -0.474  -10.611 1.00 12.84 ? 78  GLU A C   1 
ATOM   597  O O   . GLU A 1 78  ? -0.157  0.657   -10.816 1.00 14.68 ? 78  GLU A O   1 
ATOM   598  C CB  . GLU A 1 78  ? 0.083   -1.714  -12.650 1.00 12.59 ? 78  GLU A CB  1 
ATOM   599  C CG  . GLU A 1 78  ? -0.468  -2.706  -13.715 1.00 19.59 ? 78  GLU A CG  1 
ATOM   600  C CD  . GLU A 1 78  ? 0.702   -3.290  -14.507 1.00 22.98 ? 78  GLU A CD  1 
ATOM   601  O OE1 . GLU A 1 78  ? 1.702   -2.591  -14.749 1.00 29.20 ? 78  GLU A OE1 1 
ATOM   602  O OE2 . GLU A 1 78  ? 0.677   -4.433  -14.932 1.00 32.77 ? 78  GLU A OE2 1 
ATOM   603  N N   . ILE A 1 79  ? -0.615  -1.120  -9.440  1.00 11.35 ? 79  ILE A N   1 
ATOM   604  C CA  . ILE A 1 79  ? -0.075  -0.409  -8.250  1.00 10.53 ? 79  ILE A CA  1 
ATOM   605  C C   . ILE A 1 79  ? 1.406   -0.362  -8.248  1.00 13.18 ? 79  ILE A C   1 
ATOM   606  O O   . ILE A 1 79  ? 2.000   -1.384  -8.573  1.00 10.03 ? 79  ILE A O   1 
ATOM   607  C CB  . ILE A 1 79  ? -0.654  -1.125  -7.006  1.00 8.13  ? 79  ILE A CB  1 
ATOM   608  C CG1 . ILE A 1 79  ? -2.136  -0.704  -6.990  1.00 11.48 ? 79  ILE A CG1 1 
ATOM   609  C CG2 . ILE A 1 79  ? 0.103   -0.744  -5.724  1.00 12.75 ? 79  ILE A CG2 1 
ATOM   610  C CD1 . ILE A 1 79  ? -2.850  -1.665  -5.959  1.00 15.19 ? 79  ILE A CD1 1 
ATOM   611  N N   . GLN A 1 80  ? 2.021   0.813   -7.945  1.00 8.79  ? 80  GLN A N   1 
ATOM   612  C CA  . GLN A 1 80  ? 3.440   0.852   -7.783  1.00 10.71 ? 80  GLN A CA  1 
ATOM   613  C C   . GLN A 1 80  ? 3.731   1.319   -6.345  1.00 12.74 ? 80  GLN A C   1 
ATOM   614  O O   . GLN A 1 80  ? 2.919   2.102   -5.805  1.00 14.07 ? 80  GLN A O   1 
ATOM   615  C CB  . GLN A 1 80  ? 4.074   1.943   -8.699  1.00 14.05 ? 80  GLN A CB  1 
ATOM   616  C CG  . GLN A 1 80  ? 3.587   1.673   -10.153 1.00 19.82 ? 80  GLN A CG  1 
ATOM   617  C CD  . GLN A 1 80  ? 4.690   1.958   -11.140 1.00 42.87 ? 80  GLN A CD  1 
ATOM   618  O OE1 . GLN A 1 80  ? 4.975   3.122   -11.446 1.00 49.97 ? 80  GLN A OE1 1 
ATOM   619  N NE2 . GLN A 1 80  ? 5.323   0.902   -11.637 1.00 45.70 ? 80  GLN A NE2 1 
ATOM   620  N N   . VAL A 1 81  ? 4.739   0.724   -5.728  1.00 9.30  ? 81  VAL A N   1 
ATOM   621  C CA  . VAL A 1 81  ? 4.889   0.998   -4.279  1.00 6.55  ? 81  VAL A CA  1 
ATOM   622  C C   . VAL A 1 81  ? 6.224   1.715   -4.016  1.00 4.73  ? 81  VAL A C   1 
ATOM   623  O O   . VAL A 1 81  ? 7.293   1.332   -4.449  1.00 9.12  ? 81  VAL A O   1 
ATOM   624  C CB  . VAL A 1 81  ? 4.884   -0.295  -3.478  1.00 11.43 ? 81  VAL A CB  1 
ATOM   625  C CG1 . VAL A 1 81  ? 5.013   0.016   -1.975  1.00 9.40  ? 81  VAL A CG1 1 
ATOM   626  C CG2 . VAL A 1 81  ? 3.669   -1.198  -3.729  1.00 11.11 ? 81  VAL A CG2 1 
ATOM   627  N N   . ILE A 1 82  ? 6.133   2.905   -3.423  1.00 8.96  ? 82  ILE A N   1 
ATOM   628  C CA  . ILE A 1 82  ? 7.287   3.774   -3.223  1.00 8.21  ? 82  ILE A CA  1 
ATOM   629  C C   . ILE A 1 82  ? 7.932   3.454   -1.870  1.00 7.59  ? 82  ILE A C   1 
ATOM   630  O O   . ILE A 1 82  ? 7.249   3.626   -0.810  1.00 10.05 ? 82  ILE A O   1 
ATOM   631  C CB  . ILE A 1 82  ? 6.811   5.255   -3.235  1.00 12.97 ? 82  ILE A CB  1 
ATOM   632  C CG1 . ILE A 1 82  ? 6.111   5.637   -4.558  1.00 16.45 ? 82  ILE A CG1 1 
ATOM   633  C CG2 . ILE A 1 82  ? 7.987   6.216   -3.089  1.00 12.20 ? 82  ILE A CG2 1 
ATOM   634  C CD1 . ILE A 1 82  ? 5.245   6.871   -4.369  1.00 24.06 ? 82  ILE A CD1 1 
ATOM   635  N N   . CYS A 1 83  ? 9.173   2.983   -1.906  1.00 7.81  ? 83  CYS A N   1 
ATOM   636  C CA  . CYS A 1 83  ? 9.788   2.462   -0.649  1.00 5.43  ? 83  CYS A CA  1 
ATOM   637  C C   . CYS A 1 83  ? 11.148  3.185   -0.398  1.00 12.21 ? 83  CYS A C   1 
ATOM   638  O O   . CYS A 1 83  ? 11.903  3.352   -1.378  1.00 11.72 ? 83  CYS A O   1 
ATOM   639  C CB  . CYS A 1 83  ? 10.240  1.051   -1.069  1.00 9.65  ? 83  CYS A CB  1 
ATOM   640  S SG  . CYS A 1 83  ? 8.815   -0.062  -1.100  1.00 12.72 ? 83  CYS A SG  1 
ATOM   641  N N   . THR A 1 84  ? 11.362  3.546   0.857   1.00 6.17  ? 84  THR A N   1 
ATOM   642  C CA  . THR A 1 84  ? 12.643  4.245   1.163   1.00 8.79  ? 84  THR A CA  1 
ATOM   643  C C   . THR A 1 84  ? 13.257  3.395   2.281   1.00 9.22  ? 84  THR A C   1 
ATOM   644  O O   . THR A 1 84  ? 12.487  3.030   3.174   1.00 9.39  ? 84  THR A O   1 
ATOM   645  C CB  . THR A 1 84  ? 12.374  5.687   1.671   1.00 12.45 ? 84  THR A CB  1 
ATOM   646  O OG1 . THR A 1 84  ? 11.769  6.420   0.638   1.00 8.28  ? 84  THR A OG1 1 
ATOM   647  C CG2 . THR A 1 84  ? 13.668  6.435   2.058   1.00 10.34 ? 84  THR A CG2 1 
ATOM   648  N N   . ASN A 1 85  ? 14.565  3.352   2.379   1.00 6.94  ? 85  ASN A N   1 
ATOM   649  C CA  . ASN A 1 85  ? 15.212  2.620   3.458   1.00 8.41  ? 85  ASN A CA  1 
ATOM   650  C C   . ASN A 1 85  ? 15.651  3.653   4.504   1.00 12.04 ? 85  ASN A C   1 
ATOM   651  O O   . ASN A 1 85  ? 16.494  4.477   4.252   1.00 10.22 ? 85  ASN A O   1 
ATOM   652  C CB  . ASN A 1 85  ? 16.415  1.854   2.873   1.00 8.88  ? 85  ASN A CB  1 
ATOM   653  C CG  . ASN A 1 85  ? 17.244  1.155   3.923   1.00 16.87 ? 85  ASN A CG  1 
ATOM   654  O OD1 . ASN A 1 85  ? 16.974  1.339   5.119   1.00 13.75 ? 85  ASN A OD1 1 
ATOM   655  N ND2 . ASN A 1 85  ? 18.214  0.363   3.486   1.00 12.06 ? 85  ASN A ND2 1 
ATOM   656  N N   . ILE A 1 86  ? 14.958  3.676   5.649   1.00 7.35  ? 86  ILE A N   1 
ATOM   657  C CA  . ILE A 1 86  ? 15.344  4.625   6.700   1.00 9.81  ? 86  ILE A CA  1 
ATOM   658  C C   . ILE A 1 86  ? 16.067  3.837   7.820   1.00 10.16 ? 86  ILE A C   1 
ATOM   659  O O   . ILE A 1 86  ? 16.177  4.273   8.949   1.00 12.54 ? 86  ILE A O   1 
ATOM   660  C CB  . ILE A 1 86  ? 14.087  5.394   7.205   1.00 11.54 ? 86  ILE A CB  1 
ATOM   661  C CG1 . ILE A 1 86  ? 13.091  4.521   7.913   1.00 5.73  ? 86  ILE A CG1 1 
ATOM   662  C CG2 . ILE A 1 86  ? 13.498  6.212   6.051   1.00 13.59 ? 86  ILE A CG2 1 
ATOM   663  C CD1 . ILE A 1 86  ? 11.916  5.202   8.638   1.00 13.33 ? 86  ILE A CD1 1 
ATOM   664  N N   . GLY A 1 87  ? 16.539  2.652   7.524   1.00 6.46  ? 87  GLY A N   1 
ATOM   665  C CA  . GLY A 1 87  ? 17.236  1.739   8.476   1.00 7.87  ? 87  GLY A CA  1 
ATOM   666  C C   . GLY A 1 87  ? 18.750  2.056   8.435   1.00 16.37 ? 87  GLY A C   1 
ATOM   667  O O   . GLY A 1 87  ? 19.202  3.134   8.022   1.00 14.54 ? 87  GLY A O   1 
ATOM   668  N N   . LYS A 1 88  ? 19.534  1.175   9.042   1.00 14.25 ? 88  LYS A N   1 
ATOM   669  C CA  . LYS A 1 88  ? 20.962  1.452   9.177   1.00 18.02 ? 88  LYS A CA  1 
ATOM   670  C C   . LYS A 1 88  ? 21.778  0.377   8.462   1.00 18.36 ? 88  LYS A C   1 
ATOM   671  O O   . LYS A 1 88  ? 23.014  0.469   8.564   1.00 14.84 ? 88  LYS A O   1 
ATOM   672  C CB  . LYS A 1 88  ? 21.354  1.602   10.663  1.00 21.72 ? 88  LYS A CB  1 
ATOM   673  C CG  . LYS A 1 88  ? 21.000  2.983   11.292  1.00 20.73 ? 88  LYS A CG  1 
ATOM   674  C CD  . LYS A 1 88  ? 21.782  3.500   12.488  1.00 22.19 ? 88  LYS A CD  1 
ATOM   675  C CE  . LYS A 1 88  ? 21.894  2.508   13.622  1.00 24.68 ? 88  LYS A CE  1 
ATOM   676  N NZ  . LYS A 1 88  ? 22.452  2.916   14.947  1.00 20.13 ? 88  LYS A NZ  1 
ATOM   677  N N   . SER A 1 89  ? 21.119  -0.417  7.601   1.00 11.69 ? 89  SER A N   1 
ATOM   678  C CA  . SER A 1 89  ? 21.967  -1.209  6.686   1.00 13.57 ? 89  SER A CA  1 
ATOM   679  C C   . SER A 1 89  ? 21.099  -1.529  5.433   1.00 17.74 ? 89  SER A C   1 
ATOM   680  O O   . SER A 1 89  ? 19.899  -1.265  5.436   1.00 13.11 ? 89  SER A O   1 
ATOM   681  C CB  . SER A 1 89  ? 22.355  -2.561  7.307   1.00 20.06 ? 89  SER A CB  1 
ATOM   682  O OG  . SER A 1 89  ? 23.564  -3.006  6.601   1.00 26.99 ? 89  SER A OG  1 
ATOM   683  N N   . ASN A 1 90  ? 21.752  -1.954  4.364   1.00 11.20 ? 90  ASN A N   1 
ATOM   684  C CA  . ASN A 1 90  ? 21.007  -2.316  3.146   1.00 11.89 ? 90  ASN A CA  1 
ATOM   685  C C   . ASN A 1 90  ? 19.848  -3.262  3.332   1.00 14.59 ? 90  ASN A C   1 
ATOM   686  O O   . ASN A 1 90  ? 19.931  -4.123  4.174   1.00 15.96 ? 90  ASN A O   1 
ATOM   687  C CB  . ASN A 1 90  ? 22.004  -3.213  2.328   1.00 27.78 ? 90  ASN A CB  1 
ATOM   688  C CG  . ASN A 1 90  ? 22.153  -2.309  1.116   1.00 35.11 ? 90  ASN A CG  1 
ATOM   689  O OD1 . ASN A 1 90  ? 21.373  -2.441  0.175   1.00 35.23 ? 90  ASN A OD1 1 
ATOM   690  N ND2 . ASN A 1 90  ? 23.113  -1.458  1.427   1.00 34.29 ? 90  ASN A ND2 1 
ATOM   691  N N   . ILE A 1 91  ? 18.795  -3.123  2.545   1.00 12.99 ? 91  ILE A N   1 
ATOM   692  C CA  . ILE A 1 91  ? 17.684  -4.053  2.631   1.00 12.89 ? 91  ILE A CA  1 
ATOM   693  C C   . ILE A 1 91  ? 17.658  -4.904  1.369   1.00 13.91 ? 91  ILE A C   1 
ATOM   694  O O   . ILE A 1 91  ? 17.754  -4.257  0.315   1.00 14.79 ? 91  ILE A O   1 
ATOM   695  C CB  . ILE A 1 91  ? 16.393  -3.231  2.720   1.00 11.24 ? 91  ILE A CB  1 
ATOM   696  C CG1 . ILE A 1 91  ? 16.305  -2.753  4.170   1.00 9.88  ? 91  ILE A CG1 1 
ATOM   697  C CG2 . ILE A 1 91  ? 15.178  -4.171  2.440   1.00 16.17 ? 91  ILE A CG2 1 
ATOM   698  C CD1 . ILE A 1 91  ? 15.239  -1.624  4.329   1.00 13.58 ? 91  ILE A CD1 1 
ATOM   699  N N   . LYS A 1 92  ? 17.601  -6.222  1.518   1.00 11.00 ? 92  LYS A N   1 
ATOM   700  C CA  . LYS A 1 92  ? 17.550  -7.024  0.310   1.00 14.70 ? 92  LYS A CA  1 
ATOM   701  C C   . LYS A 1 92  ? 16.174  -7.727  0.241   1.00 15.62 ? 92  LYS A C   1 
ATOM   702  O O   . LYS A 1 92  ? 15.821  -8.341  1.231   1.00 19.72 ? 92  LYS A O   1 
ATOM   703  C CB  . LYS A 1 92  ? 18.655  -8.100  0.305   1.00 20.13 ? 92  LYS A CB  1 
ATOM   704  C CG  . LYS A 1 92  ? 18.384  -9.162  -0.787  1.00 33.81 ? 92  LYS A CG  1 
ATOM   705  C CD  . LYS A 1 92  ? 19.736  -9.806  -1.143  1.00 44.86 ? 92  LYS A CD  1 
ATOM   706  C CE  . LYS A 1 92  ? 19.569  -11.058 -1.985  1.00 46.37 ? 92  LYS A CE  1 
ATOM   707  N NZ  . LYS A 1 92  ? 20.716  -11.222 -2.924  1.00 47.09 ? 92  LYS A NZ  1 
ATOM   708  N N   . LEU A 1 93  ? 15.447  -7.402  -0.810  1.00 17.24 ? 93  LEU A N   1 
ATOM   709  C CA  . LEU A 1 93  ? 14.139  -7.981  -1.008  1.00 11.49 ? 93  LEU A CA  1 
ATOM   710  C C   . LEU A 1 93  ? 14.293  -9.095  -2.067  1.00 15.68 ? 93  LEU A C   1 
ATOM   711  O O   . LEU A 1 93  ? 14.985  -8.911  -3.076  1.00 16.32 ? 93  LEU A O   1 
ATOM   712  C CB  . LEU A 1 93  ? 13.154  -6.930  -1.518  1.00 17.91 ? 93  LEU A CB  1 
ATOM   713  C CG  . LEU A 1 93  ? 12.989  -5.712  -0.545  1.00 21.95 ? 93  LEU A CG  1 
ATOM   714  C CD1 . LEU A 1 93  ? 12.246  -4.631  -1.293  1.00 24.63 ? 93  LEU A CD1 1 
ATOM   715  C CD2 . LEU A 1 93  ? 12.232  -6.179  0.700   1.00 20.63 ? 93  LEU A CD2 1 
ATOM   716  N N   . ILE A 1 94  ? 13.824  -10.279 -1.718  1.00 17.48 ? 94  ILE A N   1 
ATOM   717  C CA  . ILE A 1 94  ? 13.948  -11.355 -2.716  1.00 17.45 ? 94  ILE A CA  1 
ATOM   718  C C   . ILE A 1 94  ? 12.633  -11.514 -3.465  1.00 17.16 ? 94  ILE A C   1 
ATOM   719  O O   . ILE A 1 94  ? 11.522  -11.310 -2.961  1.00 13.16 ? 94  ILE A O   1 
ATOM   720  C CB  . ILE A 1 94  ? 14.581  -12.630 -2.186  1.00 25.39 ? 94  ILE A CB  1 
ATOM   721  C CG1 . ILE A 1 94  ? 13.664  -13.658 -1.648  1.00 35.84 ? 94  ILE A CG1 1 
ATOM   722  C CG2 . ILE A 1 94  ? 15.795  -12.308 -1.272  1.00 28.87 ? 94  ILE A CG2 1 
ATOM   723  C CD1 . ILE A 1 94  ? 13.065  -13.674 -0.294  1.00 43.85 ? 94  ILE A CD1 1 
ATOM   724  N N   . GLU A 1 95  ? 12.726  -11.989 -4.721  1.00 15.04 ? 95  GLU A N   1 
ATOM   725  C CA  . GLU A 1 95  ? 11.516  -12.285 -5.488  1.00 12.20 ? 95  GLU A CA  1 
ATOM   726  C C   . GLU A 1 95  ? 10.560  -13.145 -4.685  1.00 17.04 ? 95  GLU A C   1 
ATOM   727  O O   . GLU A 1 95  ? 10.941  -14.158 -4.067  1.00 16.61 ? 95  GLU A O   1 
ATOM   728  C CB  . GLU A 1 95  ? 11.976  -13.061 -6.774  1.00 18.61 ? 95  GLU A CB  1 
ATOM   729  C CG  . GLU A 1 95  ? 10.781  -13.343 -7.672  1.00 30.62 ? 95  GLU A CG  1 
ATOM   730  C CD  . GLU A 1 95  ? 11.208  -13.896 -9.020  1.00 33.85 ? 95  GLU A CD  1 
ATOM   731  O OE1 . GLU A 1 95  ? 12.388  -13.792 -9.369  1.00 32.67 ? 95  GLU A OE1 1 
ATOM   732  O OE2 . GLU A 1 95  ? 10.340  -14.420 -9.723  1.00 40.19 ? 95  GLU A OE2 1 
ATOM   733  N N   . GLY A 1 96  ? 9.296   -12.701 -4.653  1.00 17.41 ? 96  GLY A N   1 
ATOM   734  C CA  . GLY A 1 96  ? 8.172   -13.352 -4.012  1.00 17.32 ? 96  GLY A CA  1 
ATOM   735  C C   . GLY A 1 96  ? 8.032   -13.113 -2.537  1.00 16.84 ? 96  GLY A C   1 
ATOM   736  O O   . GLY A 1 96  ? 7.004   -13.494 -1.982  1.00 15.32 ? 96  GLY A O   1 
ATOM   737  N N   . GLN A 1 97  ? 8.903   -12.349 -1.908  1.00 14.68 ? 97  GLN A N   1 
ATOM   738  C CA  . GLN A 1 97  ? 8.792   -11.997 -0.491  1.00 16.62 ? 97  GLN A CA  1 
ATOM   739  C C   . GLN A 1 97  ? 7.589   -11.067 -0.271  1.00 13.52 ? 97  GLN A C   1 
ATOM   740  O O   . GLN A 1 97  ? 7.397   -10.166 -1.119  1.00 12.37 ? 97  GLN A O   1 
ATOM   741  C CB  . GLN A 1 97  ? 10.057  -11.123 -0.243  1.00 20.77 ? 97  GLN A CB  1 
ATOM   742  C CG  . GLN A 1 97  ? 10.217  -10.750 1.198   1.00 25.42 ? 97  GLN A CG  1 
ATOM   743  C CD  . GLN A 1 97  ? 11.529  -10.094 1.577   1.00 26.33 ? 97  GLN A CD  1 
ATOM   744  O OE1 . GLN A 1 97  ? 12.547  -10.234 0.886   1.00 18.99 ? 97  GLN A OE1 1 
ATOM   745  N NE2 . GLN A 1 97  ? 11.463  -9.506  2.765   1.00 35.99 ? 97  GLN A NE2 1 
ATOM   746  N N   . LYS A 1 98  ? 6.886   -11.111 0.823   1.00 11.87 ? 98  LYS A N   1 
ATOM   747  C CA  . LYS A 1 98  ? 5.781   -10.193 1.155   1.00 12.16 ? 98  LYS A CA  1 
ATOM   748  C C   . LYS A 1 98  ? 6.363   -8.891  1.709   1.00 12.10 ? 98  LYS A C   1 
ATOM   749  O O   . LYS A 1 98  ? 7.239   -8.888  2.717   1.00 2.01  ? 98  LYS A O   1 
ATOM   750  C CB  . LYS A 1 98  ? 4.882   -10.948 2.167   1.00 15.93 ? 98  LYS A CB  1 
ATOM   751  C CG  . LYS A 1 98  ? 4.093   -12.105 1.544   1.00 22.18 ? 98  LYS A CG  1 
ATOM   752  C CD  . LYS A 1 98  ? 4.945   -13.315 1.220   1.00 40.90 ? 98  LYS A CD  1 
ATOM   753  C CE  . LYS A 1 98  ? 4.241   -14.268 0.250   1.00 50.92 ? 98  LYS A CE  1 
ATOM   754  N NZ  . LYS A 1 98  ? 5.260   -15.110 -0.448  1.00 48.64 ? 98  LYS A NZ  1 
ATOM   755  N N   . PHE A 1 99  ? 6.146   -7.759  1.062   1.00 9.81  ? 99  PHE A N   1 
ATOM   756  C CA  . PHE A 1 99  ? 6.862   -6.534  1.455   1.00 10.63 ? 99  PHE A CA  1 
ATOM   757  C C   . PHE A 1 99  ? 5.925   -5.372  1.862   1.00 7.17  ? 99  PHE A C   1 
ATOM   758  O O   . PHE A 1 99  ? 6.462   -4.284  2.144   1.00 10.14 ? 99  PHE A O   1 
ATOM   759  C CB  . PHE A 1 99  ? 7.806   -6.034  0.386   1.00 8.92  ? 99  PHE A CB  1 
ATOM   760  C CG  . PHE A 1 99  ? 7.182   -5.389  -0.832  1.00 11.63 ? 99  PHE A CG  1 
ATOM   761  C CD1 . PHE A 1 99  ? 6.432   -6.058  -1.763  1.00 12.21 ? 99  PHE A CD1 1 
ATOM   762  C CD2 . PHE A 1 99  ? 7.372   -4.017  -0.982  1.00 12.95 ? 99  PHE A CD2 1 
ATOM   763  C CE1 . PHE A 1 99  ? 5.862   -5.369  -2.835  1.00 12.25 ? 99  PHE A CE1 1 
ATOM   764  C CE2 . PHE A 1 99  ? 6.826   -3.315  -2.054  1.00 14.36 ? 99  PHE A CE2 1 
ATOM   765  C CZ  . PHE A 1 99  ? 6.068   -3.995  -3.005  1.00 12.54 ? 99  PHE A CZ  1 
ATOM   766  N N   . ALA A 1 100 ? 4.669   -5.532  1.589   1.00 10.88 ? 100 ALA A N   1 
ATOM   767  C CA  . ALA A 1 100 ? 3.713   -4.437  1.860   1.00 10.38 ? 100 ALA A CA  1 
ATOM   768  C C   . ALA A 1 100 ? 2.384   -5.093  2.008   1.00 7.25  ? 100 ALA A C   1 
ATOM   769  O O   . ALA A 1 100 ? 2.164   -6.254  1.662   1.00 10.04 ? 100 ALA A O   1 
ATOM   770  C CB  . ALA A 1 100 ? 3.714   -3.451  0.691   1.00 12.04 ? 100 ALA A CB  1 
ATOM   771  N N   . GLN A 1 101 ? 1.353   -4.347  2.474   1.00 6.30  ? 101 GLN A N   1 
ATOM   772  C CA  . GLN A 1 101 ? 0.016   -4.839  2.427   1.00 6.09  ? 101 GLN A CA  1 
ATOM   773  C C   . GLN A 1 101 ? -1.007  -3.785  1.973   1.00 5.38  ? 101 GLN A C   1 
ATOM   774  O O   . GLN A 1 101 ? -0.724  -2.595  2.050   1.00 12.74 ? 101 GLN A O   1 
ATOM   775  C CB  . GLN A 1 101 ? -0.420  -5.263  3.868   1.00 14.06 ? 101 GLN A CB  1 
ATOM   776  C CG  . GLN A 1 101 ? -0.434  -4.091  4.853   1.00 16.36 ? 101 GLN A CG  1 
ATOM   777  C CD  . GLN A 1 101 ? -0.814  -4.660  6.244   1.00 14.48 ? 101 GLN A CD  1 
ATOM   778  O OE1 . GLN A 1 101 ? -1.827  -5.359  6.303   1.00 17.22 ? 101 GLN A OE1 1 
ATOM   779  N NE2 . GLN A 1 101 ? -0.068  -4.450  7.277   1.00 12.52 ? 101 GLN A NE2 1 
ATOM   780  N N   . LEU A 1 102 ? -2.099  -4.228  1.410   1.00 5.44  ? 102 LEU A N   1 
ATOM   781  C CA  . LEU A 1 102 ? -3.161  -3.389  0.861   1.00 4.61  ? 102 LEU A CA  1 
ATOM   782  C C   . LEU A 1 102 ? -4.362  -3.558  1.728   1.00 5.17  ? 102 LEU A C   1 
ATOM   783  O O   . LEU A 1 102 ? -4.957  -4.649  1.821   1.00 7.95  ? 102 LEU A O   1 
ATOM   784  C CB  . LEU A 1 102 ? -3.441  -3.944  -0.567  1.00 10.03 ? 102 LEU A CB  1 
ATOM   785  C CG  . LEU A 1 102 ? -4.688  -3.227  -1.210  1.00 9.61  ? 102 LEU A CG  1 
ATOM   786  C CD1 . LEU A 1 102 ? -4.408  -1.752  -1.375  1.00 9.70  ? 102 LEU A CD1 1 
ATOM   787  C CD2 . LEU A 1 102 ? -4.872  -3.941  -2.571  1.00 9.69  ? 102 LEU A CD2 1 
ATOM   788  N N   . ILE A 1 103 ? -4.909  -2.460  2.240   1.00 3.64  ? 103 ILE A N   1 
ATOM   789  C CA  . ILE A 1 103 ? -6.054  -2.475  3.136   1.00 5.03  ? 103 ILE A CA  1 
ATOM   790  C C   . ILE A 1 103 ? -7.118  -1.620  2.390   1.00 9.92  ? 103 ILE A C   1 
ATOM   791  O O   . ILE A 1 103 ? -6.792  -0.560  1.877   1.00 9.94  ? 103 ILE A O   1 
ATOM   792  C CB  . ILE A 1 103 ? -5.759  -1.733  4.458   1.00 8.26  ? 103 ILE A CB  1 
ATOM   793  C CG1 . ILE A 1 103 ? -4.695  -2.599  5.169   1.00 8.59  ? 103 ILE A CG1 1 
ATOM   794  C CG2 . ILE A 1 103 ? -7.007  -1.586  5.332   1.00 7.98  ? 103 ILE A CG2 1 
ATOM   795  C CD1 . ILE A 1 103 ? -4.007  -1.898  6.331   1.00 6.69  ? 103 ILE A CD1 1 
ATOM   796  N N   . ILE A 1 104 ? -8.364  -2.059  2.429   1.00 6.88  ? 104 ILE A N   1 
ATOM   797  C CA  . ILE A 1 104 ? -9.406  -1.312  1.667   1.00 3.10  ? 104 ILE A CA  1 
ATOM   798  C C   . ILE A 1 104 ? -10.268 -0.567  2.692   1.00 9.27  ? 104 ILE A C   1 
ATOM   799  O O   . ILE A 1 104 ? -10.711 -1.175  3.712   1.00 9.59  ? 104 ILE A O   1 
ATOM   800  C CB  . ILE A 1 104 ? -10.324 -2.284  0.892   1.00 3.78  ? 104 ILE A CB  1 
ATOM   801  C CG1 . ILE A 1 104 ? -9.479  -3.170  -0.055  1.00 11.99 ? 104 ILE A CG1 1 
ATOM   802  C CG2 . ILE A 1 104 ? -11.402 -1.501  0.080   1.00 11.51 ? 104 ILE A CG2 1 
ATOM   803  C CD1 . ILE A 1 104 ? -8.639  -2.303  -1.015  1.00 13.01 ? 104 ILE A CD1 1 
ATOM   804  N N   . LEU A 1 105 ? -10.422 0.757   2.561   1.00 9.30  ? 105 LEU A N   1 
ATOM   805  C CA  . LEU A 1 105 ? -11.169 1.533   3.587   1.00 7.71  ? 105 LEU A CA  1 
ATOM   806  C C   . LEU A 1 105 ? -12.251 2.421   2.932   1.00 7.94  ? 105 LEU A C   1 
ATOM   807  O O   . LEU A 1 105 ? -12.066 2.706   1.740   1.00 13.26 ? 105 LEU A O   1 
ATOM   808  C CB  . LEU A 1 105 ? -10.213 2.632   4.202   1.00 6.34  ? 105 LEU A CB  1 
ATOM   809  C CG  . LEU A 1 105 ? -9.002  2.029   4.937   1.00 15.67 ? 105 LEU A CG  1 
ATOM   810  C CD1 . LEU A 1 105 ? -7.994  3.099   5.356   1.00 16.26 ? 105 LEU A CD1 1 
ATOM   811  C CD2 . LEU A 1 105 ? -9.484  1.271   6.152   1.00 15.11 ? 105 LEU A CD2 1 
ATOM   812  N N   . GLN A 1 106 ? -13.296 2.751   3.679   1.00 9.92  ? 106 GLN A N   1 
ATOM   813  C CA  . GLN A 1 106 ? -14.261 3.713   3.114   1.00 11.10 ? 106 GLN A CA  1 
ATOM   814  C C   . GLN A 1 106 ? -13.908 5.130   3.585   1.00 14.88 ? 106 GLN A C   1 
ATOM   815  O O   . GLN A 1 106 ? -13.457 5.209   4.725   1.00 13.62 ? 106 GLN A O   1 
ATOM   816  C CB  . GLN A 1 106 ? -15.659 3.419   3.740   1.00 14.80 ? 106 GLN A CB  1 
ATOM   817  C CG  . GLN A 1 106 ? -16.189 2.081   3.204   1.00 22.92 ? 106 GLN A CG  1 
ATOM   818  C CD  . GLN A 1 106 ? -17.717 2.118   3.388   1.00 41.72 ? 106 GLN A CD  1 
ATOM   819  O OE1 . GLN A 1 106 ? -18.302 2.998   4.040   1.00 44.80 ? 106 GLN A OE1 1 
ATOM   820  N NE2 . GLN A 1 106 ? -18.348 1.124   2.785   1.00 49.15 ? 106 GLN A NE2 1 
ATOM   821  N N   . HIS A 1 107 ? -14.057 6.127   2.751   1.00 9.03  ? 107 HIS A N   1 
ATOM   822  C CA  . HIS A 1 107 ? -13.784 7.502   3.275   1.00 8.96  ? 107 HIS A CA  1 
ATOM   823  C C   . HIS A 1 107 ? -15.158 8.191   3.336   1.00 13.37 ? 107 HIS A C   1 
ATOM   824  O O   . HIS A 1 107 ? -16.171 7.667   2.825   1.00 9.96  ? 107 HIS A O   1 
ATOM   825  C CB  . HIS A 1 107 ? -12.822 8.217   2.318   1.00 7.84  ? 107 HIS A CB  1 
ATOM   826  C CG  . HIS A 1 107 ? -13.346 8.488   0.932   1.00 10.53 ? 107 HIS A CG  1 
ATOM   827  N ND1 . HIS A 1 107 ? -14.295 9.444   0.627   1.00 13.05 ? 107 HIS A ND1 1 
ATOM   828  C CD2 . HIS A 1 107 ? -12.995 7.932   -0.269  1.00 7.70  ? 107 HIS A CD2 1 
ATOM   829  C CE1 . HIS A 1 107 ? -14.541 9.461   -0.658  1.00 14.38 ? 107 HIS A CE1 1 
ATOM   830  N NE2 . HIS A 1 107 ? -13.787 8.529   -1.213  1.00 8.20  ? 107 HIS A NE2 1 
ATOM   831  N N   . HIS A 1 108 ? -15.215 9.358   3.925   1.00 12.57 ? 108 HIS A N   1 
ATOM   832  C CA  . HIS A 1 108 ? -16.404 10.187  4.040   1.00 12.39 ? 108 HIS A CA  1 
ATOM   833  C C   . HIS A 1 108 ? -15.990 11.588  3.579   1.00 10.97 ? 108 HIS A C   1 
ATOM   834  O O   . HIS A 1 108 ? -16.523 12.582  4.093   1.00 17.06 ? 108 HIS A O   1 
ATOM   835  C CB  . HIS A 1 108 ? -16.859 10.182  5.538   1.00 15.53 ? 108 HIS A CB  1 
ATOM   836  C CG  . HIS A 1 108 ? -17.133 8.750   5.953   1.00 24.80 ? 108 HIS A CG  1 
ATOM   837  N ND1 . HIS A 1 108 ? -18.306 8.083   5.825   1.00 28.03 ? 108 HIS A ND1 1 
ATOM   838  C CD2 . HIS A 1 108 ? -16.245 7.858   6.510   1.00 22.22 ? 108 HIS A CD2 1 
ATOM   839  C CE1 . HIS A 1 108 ? -18.180 6.848   6.277   1.00 28.98 ? 108 HIS A CE1 1 
ATOM   840  N NE2 . HIS A 1 108 ? -16.927 6.717   6.683   1.00 25.38 ? 108 HIS A NE2 1 
ATOM   841  N N   . SER A 1 109 ? -15.206 11.675  2.518   1.00 9.86  ? 109 SER A N   1 
ATOM   842  C CA  . SER A 1 109 ? -14.656 12.928  2.013   1.00 12.99 ? 109 SER A CA  1 
ATOM   843  C C   . SER A 1 109 ? -15.567 13.583  0.930   1.00 22.31 ? 109 SER A C   1 
ATOM   844  O O   . SER A 1 109 ? -15.274 13.482  -0.313  1.00 29.20 ? 109 SER A O   1 
ATOM   845  C CB  . SER A 1 109 ? -13.350 12.713  1.337   1.00 10.19 ? 109 SER A CB  1 
ATOM   846  O OG  . SER A 1 109 ? -12.267 12.177  2.123   1.00 8.55  ? 109 SER A OG  1 
ATOM   847  N N   . ASN A 1 110 ? -16.808 13.714  1.233   1.00 23.66 ? 110 ASN A N   1 
ATOM   848  C CA  . ASN A 1 110 ? -17.836 14.111  0.224   1.00 23.84 ? 110 ASN A CA  1 
ATOM   849  C C   . ASN A 1 110 ? -18.965 14.710  1.039   1.00 24.99 ? 110 ASN A C   1 
ATOM   850  O O   . ASN A 1 110 ? -18.837 14.656  2.276   1.00 32.74 ? 110 ASN A O   1 
ATOM   851  C CB  . ASN A 1 110 ? -18.171 12.889  -0.579  1.00 25.87 ? 110 ASN A CB  1 
ATOM   852  C CG  . ASN A 1 110 ? -18.500 11.727  0.370   1.00 38.82 ? 110 ASN A CG  1 
ATOM   853  O OD1 . ASN A 1 110 ? -19.398 11.904  1.190   1.00 31.79 ? 110 ASN A OD1 1 
ATOM   854  N ND2 . ASN A 1 110 ? -17.774 10.621  0.261   1.00 37.86 ? 110 ASN A ND2 1 
ATOM   855  N N   . SER A 1 111 ? -19.988 15.301  0.449   1.00 23.06 ? 111 SER A N   1 
ATOM   856  C CA  . SER A 1 111 ? -21.086 15.846  1.206   1.00 21.99 ? 111 SER A CA  1 
ATOM   857  C C   . SER A 1 111 ? -20.666 16.997  2.131   1.00 22.15 ? 111 SER A C   1 
ATOM   858  O O   . SER A 1 111 ? -20.949 16.958  3.333   1.00 25.79 ? 111 SER A O   1 
ATOM   859  C CB  . SER A 1 111 ? -21.733 14.776  2.117   1.00 24.68 ? 111 SER A CB  1 
ATOM   860  O OG  . SER A 1 111 ? -22.104 13.624  1.418   1.00 29.99 ? 111 SER A OG  1 
ATOM   861  N N   . ARG A 1 112 ? -20.333 18.123  1.543   1.00 18.08 ? 112 ARG A N   1 
ATOM   862  C CA  . ARG A 1 112 ? -19.991 19.292  2.366   1.00 18.17 ? 112 ARG A CA  1 
ATOM   863  C C   . ARG A 1 112 ? -21.246 19.856  3.037   1.00 22.41 ? 112 ARG A C   1 
ATOM   864  O O   . ARG A 1 112 ? -22.304 19.922  2.379   1.00 20.90 ? 112 ARG A O   1 
ATOM   865  C CB  . ARG A 1 112 ? -19.486 20.321  1.321   1.00 18.08 ? 112 ARG A CB  1 
ATOM   866  C CG  . ARG A 1 112 ? -18.901 21.515  2.112   1.00 13.68 ? 112 ARG A CG  1 
ATOM   867  C CD  . ARG A 1 112 ? -18.361 22.522  1.069   1.00 17.71 ? 112 ARG A CD  1 
ATOM   868  N NE  . ARG A 1 112 ? -17.735 23.641  1.742   1.00 19.47 ? 112 ARG A NE  1 
ATOM   869  C CZ  . ARG A 1 112 ? -17.257 24.745  1.195   1.00 15.09 ? 112 ARG A CZ  1 
ATOM   870  N NH1 . ARG A 1 112 ? -17.328 24.887  -0.137  1.00 20.87 ? 112 ARG A NH1 1 
ATOM   871  N NH2 . ARG A 1 112 ? -16.649 25.668  1.901   1.00 16.37 ? 112 ARG A NH2 1 
ATOM   872  N N   . GLN A 1 113 ? -21.150 20.254  4.266   1.00 15.61 ? 113 GLN A N   1 
ATOM   873  C CA  . GLN A 1 113 ? -22.216 20.873  5.081   1.00 13.62 ? 113 GLN A CA  1 
ATOM   874  C C   . GLN A 1 113 ? -21.801 22.290  5.426   1.00 12.42 ? 113 GLN A C   1 
ATOM   875  O O   . GLN A 1 113 ? -20.598 22.582  5.493   1.00 15.00 ? 113 GLN A O   1 
ATOM   876  C CB  . GLN A 1 113 ? -22.302 20.153  6.470   1.00 20.82 ? 113 GLN A CB  1 
ATOM   877  C CG  . GLN A 1 113 ? -22.421 18.643  6.234   1.00 32.87 ? 113 GLN A CG  1 
ATOM   878  C CD  . GLN A 1 113 ? -23.729 18.212  5.639   1.00 35.33 ? 113 GLN A CD  1 
ATOM   879  O OE1 . GLN A 1 113 ? -23.792 17.427  4.670   1.00 33.95 ? 113 GLN A OE1 1 
ATOM   880  N NE2 . GLN A 1 113 ? -24.768 18.722  6.283   1.00 39.36 ? 113 GLN A NE2 1 
ATOM   881  N N   . PRO A 1 114 ? -22.743 23.166  5.785   1.00 13.83 ? 114 PRO A N   1 
ATOM   882  C CA  . PRO A 1 114 ? -22.466 24.484  6.251   1.00 13.31 ? 114 PRO A CA  1 
ATOM   883  C C   . PRO A 1 114 ? -21.653 24.449  7.549   1.00 9.84  ? 114 PRO A C   1 
ATOM   884  O O   . PRO A 1 114 ? -21.805 23.508  8.289   1.00 11.34 ? 114 PRO A O   1 
ATOM   885  C CB  . PRO A 1 114 ? -23.880 25.048  6.612   1.00 14.24 ? 114 PRO A CB  1 
ATOM   886  C CG  . PRO A 1 114 ? -24.772 24.266  5.690   1.00 21.47 ? 114 PRO A CG  1 
ATOM   887  C CD  . PRO A 1 114 ? -24.222 22.842  5.732   1.00 18.43 ? 114 PRO A CD  1 
ATOM   888  N N   . TRP A 1 115 ? -20.832 25.394  7.773   1.00 12.46 ? 115 TRP A N   1 
ATOM   889  C CA  . TRP A 1 115 ? -20.016 25.646  8.950   1.00 9.38  ? 115 TRP A CA  1 
ATOM   890  C C   . TRP A 1 115 ? -20.946 25.943  10.134  1.00 17.08 ? 115 TRP A C   1 
ATOM   891  O O   . TRP A 1 115 ? -21.949 26.668  10.012  1.00 12.92 ? 115 TRP A O   1 
ATOM   892  C CB  . TRP A 1 115 ? -19.214 26.957  8.664   1.00 9.90  ? 115 TRP A CB  1 
ATOM   893  C CG  . TRP A 1 115 ? -18.109 27.078  9.733   1.00 12.42 ? 115 TRP A CG  1 
ATOM   894  C CD1 . TRP A 1 115 ? -18.125 27.851  10.836  1.00 13.88 ? 115 TRP A CD1 1 
ATOM   895  C CD2 . TRP A 1 115 ? -16.906 26.323  9.773   1.00 12.20 ? 115 TRP A CD2 1 
ATOM   896  N NE1 . TRP A 1 115 ? -16.940 27.668  11.579  1.00 15.32 ? 115 TRP A NE1 1 
ATOM   897  C CE2 . TRP A 1 115 ? -16.194 26.730  10.938  1.00 17.56 ? 115 TRP A CE2 1 
ATOM   898  C CE3 . TRP A 1 115 ? -16.328 25.358  8.918   1.00 13.40 ? 115 TRP A CE3 1 
ATOM   899  C CZ2 . TRP A 1 115 ? -14.920 26.240  11.212  1.00 20.11 ? 115 TRP A CZ2 1 
ATOM   900  C CZ3 . TRP A 1 115 ? -15.081 24.850  9.245   1.00 16.30 ? 115 TRP A CZ3 1 
ATOM   901  C CH2 . TRP A 1 115 ? -14.392 25.287  10.408  1.00 13.43 ? 115 TRP A CH2 1 
ATOM   902  N N   . ASP A 1 116 ? -20.650 25.303  11.263  1.00 12.31 ? 116 ASP A N   1 
ATOM   903  C CA  . ASP A 1 116 ? -21.431 25.628  12.502  1.00 12.12 ? 116 ASP A CA  1 
ATOM   904  C C   . ASP A 1 116 ? -20.627 26.647  13.253  1.00 13.36 ? 116 ASP A C   1 
ATOM   905  O O   . ASP A 1 116 ? -19.599 26.389  13.918  1.00 15.28 ? 116 ASP A O   1 
ATOM   906  C CB  . ASP A 1 116 ? -21.508 24.382  13.373  1.00 17.74 ? 116 ASP A CB  1 
ATOM   907  C CG  . ASP A 1 116 ? -22.326 24.627  14.647  1.00 26.56 ? 116 ASP A CG  1 
ATOM   908  O OD1 . ASP A 1 116 ? -22.800 25.745  14.924  1.00 20.52 ? 116 ASP A OD1 1 
ATOM   909  O OD2 . ASP A 1 116 ? -22.430 23.618  15.354  1.00 28.57 ? 116 ASP A OD2 1 
ATOM   910  N N   . GLU A 1 117 ? -21.173 27.855  13.342  1.00 13.46 ? 117 GLU A N   1 
ATOM   911  C CA  . GLU A 1 117 ? -20.490 28.960  14.007  1.00 14.31 ? 117 GLU A CA  1 
ATOM   912  C C   . GLU A 1 117 ? -20.510 28.848  15.536  1.00 19.61 ? 117 GLU A C   1 
ATOM   913  O O   . GLU A 1 117 ? -19.760 29.536  16.236  1.00 23.82 ? 117 GLU A O   1 
ATOM   914  C CB  . GLU A 1 117 ? -21.378 30.177  13.669  1.00 30.97 ? 117 GLU A CB  1 
ATOM   915  C CG  . GLU A 1 117 ? -21.181 30.664  12.231  1.00 46.72 ? 117 GLU A CG  1 
ATOM   916  C CD  . GLU A 1 117 ? -20.432 31.990  12.306  1.00 57.09 ? 117 GLU A CD  1 
ATOM   917  O OE1 . GLU A 1 117 ? -21.120 33.032  12.461  1.00 56.36 ? 117 GLU A OE1 1 
ATOM   918  O OE2 . GLU A 1 117 ? -19.189 31.926  12.224  1.00 60.78 ? 117 GLU A OE2 1 
ATOM   919  N N   . ASN A 1 118 ? -21.386 28.031  16.087  1.00 20.08 ? 118 ASN A N   1 
ATOM   920  C CA  . ASN A 1 118 ? -21.548 27.850  17.527  1.00 20.87 ? 118 ASN A CA  1 
ATOM   921  C C   . ASN A 1 118 ? -20.717 26.758  18.146  1.00 26.68 ? 118 ASN A C   1 
ATOM   922  O O   . ASN A 1 118 ? -20.543 26.672  19.373  1.00 24.22 ? 118 ASN A O   1 
ATOM   923  C CB  . ASN A 1 118 ? -23.035 27.414  17.749  1.00 23.93 ? 118 ASN A CB  1 
ATOM   924  C CG  . ASN A 1 118 ? -23.874 28.673  17.438  1.00 29.67 ? 118 ASN A CG  1 
ATOM   925  O OD1 . ASN A 1 118 ? -23.396 29.765  17.736  1.00 30.24 ? 118 ASN A OD1 1 
ATOM   926  N ND2 . ASN A 1 118 ? -25.025 28.393  16.871  1.00 27.81 ? 118 ASN A ND2 1 
ATOM   927  N N   . LYS A 1 119 ? -20.057 25.994  17.247  1.00 26.47 ? 119 LYS A N   1 
ATOM   928  C CA  . LYS A 1 119 ? -19.186 24.939  17.727  1.00 25.30 ? 119 LYS A CA  1 
ATOM   929  C C   . LYS A 1 119 ? -18.078 25.491  18.616  1.00 26.57 ? 119 LYS A C   1 
ATOM   930  O O   . LYS A 1 119 ? -17.326 26.446  18.376  1.00 26.91 ? 119 LYS A O   1 
ATOM   931  C CB  . LYS A 1 119 ? -18.643 24.039  16.616  1.00 27.02 ? 119 LYS A CB  1 
ATOM   932  C CG  . LYS A 1 119 ? -17.693 23.011  17.232  1.00 32.56 ? 119 LYS A CG  1 
ATOM   933  C CD  . LYS A 1 119 ? -17.143 21.968  16.287  1.00 34.22 ? 119 LYS A CD  1 
ATOM   934  C CE  . LYS A 1 119 ? -16.257 20.974  17.047  1.00 41.93 ? 119 LYS A CE  1 
ATOM   935  N NZ  . LYS A 1 119 ? -15.379 20.256  16.049  1.00 39.90 ? 119 LYS A NZ  1 
ATOM   936  N N   . ILE A 1 120 ? -18.071 24.899  19.795  1.00 29.37 ? 120 ILE A N   1 
ATOM   937  C CA  . ILE A 1 120 ? -17.102 25.205  20.854  1.00 35.65 ? 120 ILE A CA  1 
ATOM   938  C C   . ILE A 1 120 ? -17.565 26.334  21.757  1.00 40.52 ? 120 ILE A C   1 
ATOM   939  O O   . ILE A 1 120 ? -18.448 25.904  22.586  1.00 43.83 ? 120 ILE A O   1 
ATOM   940  C CB  . ILE A 1 120 ? -15.705 25.259  20.236  1.00 43.31 ? 120 ILE A CB  1 
ATOM   941  C CG1 . ILE A 1 120 ? -14.918 24.015  20.708  1.00 33.31 ? 120 ILE A CG1 1 
ATOM   942  C CG2 . ILE A 1 120 ? -14.975 26.567  20.502  1.00 46.65 ? 120 ILE A CG2 1 
ATOM   943  C CD1 . ILE A 1 120 ? -15.818 22.775  20.877  1.00 31.67 ? 120 ILE A CD1 1 
HETATM 944  O O   . HOH B 2 .   ? 1.879   -12.142 -3.264  1.00 19.64 ? 135 HOH A O   1 
HETATM 945  O O   . HOH B 2 .   ? 0.645   6.210   5.614   0.33 9.05  ? 136 HOH A O   1 
HETATM 946  O O   . HOH B 2 .   ? 15.581  8.610   -0.710  1.00 10.02 ? 137 HOH A O   1 
HETATM 947  O O   . HOH B 2 .   ? -18.391 23.931  4.619   1.00 10.66 ? 138 HOH A O   1 
HETATM 948  O O   . HOH B 2 .   ? 6.327   -3.247  4.662   1.00 10.75 ? 139 HOH A O   1 
HETATM 949  O O   . HOH B 2 .   ? 3.776   11.194  3.022   1.00 10.89 ? 140 HOH A O   1 
HETATM 950  O O   . HOH B 2 .   ? -11.302 7.062   -3.525  1.00 12.13 ? 141 HOH A O   1 
HETATM 951  O O   . HOH B 2 .   ? 3.493   3.726   -2.386  1.00 13.19 ? 142 HOH A O   1 
HETATM 952  O O   . HOH B 2 .   ? -13.911 8.107   -3.959  1.00 13.54 ? 143 HOH A O   1 
HETATM 953  O O   . HOH B 2 .   ? 16.587  -8.795  -9.891  1.00 14.19 ? 144 HOH A O   1 
HETATM 954  O O   . HOH B 2 .   ? -0.841  -10.358 -14.025 1.00 15.42 ? 145 HOH A O   1 
HETATM 955  O O   . HOH B 2 .   ? 11.237  1.815   10.621  1.00 15.72 ? 146 HOH A O   1 
HETATM 956  O O   . HOH B 2 .   ? 2.146   -2.647  10.126  1.00 17.51 ? 147 HOH A O   1 
HETATM 957  O O   . HOH B 2 .   ? 1.477   4.218   2.936   1.00 19.01 ? 148 HOH A O   1 
HETATM 958  O O   . HOH B 2 .   ? 7.193   -0.844  5.693   1.00 19.03 ? 149 HOH A O   1 
HETATM 959  O O   . HOH B 2 .   ? -21.350 27.892  21.677  1.00 19.56 ? 150 HOH A O   1 
HETATM 960  O O   . HOH B 2 .   ? 18.365  -3.763  -6.963  1.00 19.87 ? 151 HOH A O   1 
HETATM 961  O O   . HOH B 2 .   ? -2.435  -11.804 2.118   1.00 19.87 ? 152 HOH A O   1 
HETATM 962  O O   . HOH B 2 .   ? -2.732  -7.490  7.539   1.00 20.15 ? 153 HOH A O   1 
HETATM 963  O O   . HOH B 2 .   ? 14.683  -12.050 -9.154  1.00 20.72 ? 154 HOH A O   1 
HETATM 964  O O   . HOH B 2 .   ? -4.111  9.534   -3.990  1.00 20.78 ? 155 HOH A O   1 
HETATM 965  O O   . HOH B 2 .   ? -14.824 3.245   8.027   0.33 21.13 ? 156 HOH A O   1 
HETATM 966  O O   . HOH B 2 .   ? -5.344  -12.038 -12.008 1.00 21.72 ? 157 HOH A O   1 
HETATM 967  O O   . HOH B 2 .   ? -11.248 1.569   -8.109  1.00 22.07 ? 158 HOH A O   1 
HETATM 968  O O   . HOH B 2 .   ? -11.275 -10.811 -10.904 1.00 22.24 ? 159 HOH A O   1 
HETATM 969  O O   . HOH B 2 .   ? 17.110  6.894   -4.440  1.00 22.76 ? 160 HOH A O   1 
HETATM 970  O O   . HOH B 2 .   ? 18.041  -2.199  7.217   1.00 25.45 ? 161 HOH A O   1 
HETATM 971  O O   . HOH B 2 .   ? 0.265   3.034   -7.922  1.00 25.53 ? 162 HOH A O   1 
HETATM 972  O O   . HOH B 2 .   ? -5.776  -0.288  -9.507  1.00 25.55 ? 163 HOH A O   1 
HETATM 973  O O   . HOH B 2 .   ? -14.305 5.713   7.289   1.00 25.60 ? 164 HOH A O   1 
HETATM 974  O O   . HOH B 2 .   ? 4.229   7.218   7.353   0.33 25.93 ? 165 HOH A O   1 
HETATM 975  O O   . HOH B 2 .   ? -16.496 2.547   -8.051  1.00 26.26 ? 166 HOH A O   1 
HETATM 976  O O   . HOH B 2 .   ? 3.671   3.179   5.565   1.00 26.55 ? 167 HOH A O   1 
HETATM 977  O O   . HOH B 2 .   ? 12.969  3.179   -8.666  1.00 26.90 ? 168 HOH A O   1 
HETATM 978  O O   . HOH B 2 .   ? 2.240   -6.153  10.312  1.00 27.34 ? 169 HOH A O   1 
HETATM 979  O O   . HOH B 2 .   ? 1.308   2.875   -3.794  1.00 27.41 ? 170 HOH A O   1 
HETATM 980  O O   . HOH B 2 .   ? -10.345 -15.210 -4.068  1.00 28.07 ? 171 HOH A O   1 
HETATM 981  O O   . HOH B 2 .   ? -4.521  -13.161 -7.763  1.00 28.17 ? 172 HOH A O   1 
HETATM 982  O O   . HOH B 2 .   ? -16.649 11.292  -2.745  1.00 28.24 ? 173 HOH A O   1 
HETATM 983  O O   . HOH B 2 .   ? 5.683   -6.195  -11.576 1.00 28.91 ? 174 HOH A O   1 
HETATM 984  O O   . HOH B 2 .   ? 7.767   -13.053 2.596   1.00 28.98 ? 175 HOH A O   1 
HETATM 985  O O   . HOH B 2 .   ? -10.654 -0.668  -13.951 1.00 29.23 ? 176 HOH A O   1 
HETATM 986  O O   . HOH B 2 .   ? -10.026 0.803   -10.912 1.00 29.40 ? 177 HOH A O   1 
HETATM 987  O O   . HOH B 2 .   ? 4.714   -8.653  9.376   1.00 29.52 ? 178 HOH A O   1 
HETATM 988  O O   . HOH B 2 .   ? 6.614   -12.323 -7.173  1.00 29.64 ? 179 HOH A O   1 
HETATM 989  O O   . HOH B 2 .   ? -2.434  -7.870  -13.864 1.00 30.40 ? 180 HOH A O   1 
HETATM 990  O O   . HOH B 2 .   ? -8.731  -13.487 -0.065  1.00 30.43 ? 181 HOH A O   1 
HETATM 991  O O   . HOH B 2 .   ? -15.574 -3.372  -6.953  1.00 30.46 ? 182 HOH A O   1 
HETATM 992  O O   . HOH B 2 .   ? -8.701  1.853   -7.495  1.00 30.57 ? 183 HOH A O   1 
HETATM 993  O O   . HOH B 2 .   ? -23.451 24.084  17.842  1.00 30.82 ? 184 HOH A O   1 
HETATM 994  O O   . HOH B 2 .   ? 12.941  -15.937 -4.541  1.00 31.77 ? 185 HOH A O   1 
HETATM 995  O O   . HOH B 2 .   ? -4.302  6.957   -6.799  1.00 31.96 ? 186 HOH A O   1 
HETATM 996  O O   . HOH B 2 .   ? -16.995 -5.790  2.251   1.00 32.37 ? 187 HOH A O   1 
HETATM 997  O O   . HOH B 2 .   ? -2.438  -10.556 4.941   1.00 32.67 ? 188 HOH A O   1 
HETATM 998  O O   . HOH B 2 .   ? -7.797  -1.226  -15.147 1.00 32.78 ? 189 HOH A O   1 
HETATM 999  O O   . HOH B 2 .   ? 10.931  -2.617  -13.446 1.00 32.83 ? 190 HOH A O   1 
HETATM 1000 O O   . HOH B 2 .   ? -9.055  9.207   -9.227  1.00 32.84 ? 191 HOH A O   1 
HETATM 1001 O O   . HOH B 2 .   ? 19.089  5.977   8.384   1.00 32.93 ? 192 HOH A O   1 
HETATM 1002 O O   . HOH B 2 .   ? -15.689 -4.281  -9.686  1.00 32.98 ? 193 HOH A O   1 
HETATM 1003 O O   . HOH B 2 .   ? 17.107  6.870   9.826   1.00 33.99 ? 194 HOH A O   1 
HETATM 1004 O O   . HOH B 2 .   ? -10.550 -12.678 4.018   1.00 34.57 ? 195 HOH A O   1 
HETATM 1005 O O   . HOH B 2 .   ? -17.548 8.230   -5.390  1.00 34.90 ? 196 HOH A O   1 
HETATM 1006 O O   . HOH B 2 .   ? 11.877  9.401   -1.575  1.00 35.14 ? 197 HOH A O   1 
HETATM 1007 O O   . HOH B 2 .   ? -9.701  -16.882 6.877   1.00 35.65 ? 198 HOH A O   1 
HETATM 1008 O O   . HOH B 2 .   ? 17.401  -7.107  4.266   1.00 35.72 ? 199 HOH A O   1 
HETATM 1009 O O   . HOH B 2 .   ? 10.408  -15.493 -1.326  1.00 35.72 ? 200 HOH A O   1 
HETATM 1010 O O   . HOH B 2 .   ? -14.494 0.973   -9.131  1.00 36.38 ? 201 HOH A O   1 
HETATM 1011 O O   . HOH B 2 .   ? -4.658  -13.760 -5.289  1.00 36.48 ? 202 HOH A O   1 
HETATM 1012 O O   . HOH B 2 .   ? -10.319 -12.383 -1.637  1.00 36.50 ? 203 HOH A O   1 
HETATM 1013 O O   . HOH B 2 .   ? 15.199  -14.937 -5.864  1.00 36.78 ? 204 HOH A O   1 
HETATM 1014 O O   . HOH B 2 .   ? 4.729   -9.556  -12.063 1.00 36.85 ? 205 HOH A O   1 
HETATM 1015 O O   . HOH B 2 .   ? 3.640   -2.111  -12.980 1.00 37.18 ? 206 HOH A O   1 
HETATM 1016 O O   . HOH B 2 .   ? -24.047 28.086  12.101  1.00 37.45 ? 207 HOH A O   1 
HETATM 1017 O O   . HOH B 2 .   ? 19.968  -11.523 -7.228  1.00 37.63 ? 208 HOH A O   1 
HETATM 1018 O O   . HOH B 2 .   ? 3.961   6.957   4.715   1.00 38.05 ? 209 HOH A O   1 
HETATM 1019 O O   . HOH B 2 .   ? -7.542  -1.381  -12.584 1.00 38.33 ? 210 HOH A O   1 
HETATM 1020 O O   . HOH B 2 .   ? 0.761   2.459   8.587   1.00 38.45 ? 211 HOH A O   1 
HETATM 1021 O O   . HOH B 2 .   ? -1.026  -6.234  -15.572 1.00 38.49 ? 212 HOH A O   1 
HETATM 1022 O O   . HOH B 2 .   ? 12.393  -1.793  -9.117  1.00 38.58 ? 213 HOH A O   1 
HETATM 1023 O O   . HOH B 2 .   ? 13.774  6.940   -7.011  1.00 38.65 ? 214 HOH A O   1 
HETATM 1024 O O   . HOH B 2 .   ? 18.434  -1.813  9.729   1.00 38.96 ? 215 HOH A O   1 
HETATM 1025 O O   . HOH B 2 .   ? 14.619  0.125   -9.608  1.00 39.10 ? 216 HOH A O   1 
HETATM 1026 O O   . HOH B 2 .   ? -16.583 28.972  13.943  1.00 39.23 ? 217 HOH A O   1 
HETATM 1027 O O   . HOH B 2 .   ? 1.708   -5.298  13.392  1.00 39.47 ? 218 HOH A O   1 
HETATM 1028 O O   . HOH B 2 .   ? -2.790  -16.123 -2.910  1.00 39.48 ? 219 HOH A O   1 
HETATM 1029 O O   . HOH B 2 .   ? -19.866 22.866  20.407  1.00 39.48 ? 220 HOH A O   1 
HETATM 1030 O O   . HOH B 2 .   ? -11.109 6.773   -13.398 1.00 39.53 ? 221 HOH A O   1 
HETATM 1031 O O   . HOH B 2 .   ? 1.711   6.027   -3.973  0.50 39.93 ? 222 HOH A O   1 
HETATM 1032 O O   . HOH B 2 .   ? 12.346  -8.275  10.344  1.00 40.15 ? 223 HOH A O   1 
HETATM 1033 O O   . HOH B 2 .   ? -6.646  8.750   -9.790  1.00 40.70 ? 224 HOH A O   1 
HETATM 1034 O O   . HOH B 2 .   ? -17.783 11.829  7.895   1.00 41.28 ? 225 HOH A O   1 
HETATM 1035 O O   . HOH B 2 .   ? 15.429  -10.845 2.094   1.00 41.35 ? 226 HOH A O   1 
HETATM 1036 O O   . HOH B 2 .   ? -18.834 7.784   2.272   1.00 41.55 ? 227 HOH A O   1 
HETATM 1037 O O   . HOH B 2 .   ? 15.495  -0.462  11.360  1.00 41.60 ? 228 HOH A O   1 
HETATM 1038 O O   . HOH B 2 .   ? 10.717  -11.360 -12.090 1.00 42.05 ? 229 HOH A O   1 
HETATM 1039 O O   . HOH B 2 .   ? 25.066  1.008   -2.418  1.00 42.18 ? 230 HOH A O   1 
HETATM 1040 O O   . HOH B 2 .   ? -1.060  -9.714  6.829   1.00 42.41 ? 231 HOH A O   1 
HETATM 1041 O O   . HOH B 2 .   ? -4.660  -7.976  -15.215 1.00 42.87 ? 232 HOH A O   1 
HETATM 1042 O O   . HOH B 2 .   ? -19.819 18.359  -1.379  1.00 43.74 ? 233 HOH A O   1 
HETATM 1043 O O   . HOH B 2 .   ? 2.876   4.999   -6.533  1.00 44.08 ? 234 HOH A O   1 
HETATM 1044 O O   . HOH B 2 .   ? 14.118  -8.505  3.493   1.00 44.21 ? 235 HOH A O   1 
HETATM 1045 O O   . HOH B 2 .   ? 24.654  -1.053  -0.649  1.00 44.33 ? 236 HOH A O   1 
HETATM 1046 O O   . HOH B 2 .   ? 21.102  -4.971  0.298   1.00 44.38 ? 237 HOH A O   1 
HETATM 1047 O O   . HOH B 2 .   ? 8.105   -10.446 4.779   1.00 44.52 ? 238 HOH A O   1 
HETATM 1048 O O   . HOH B 2 .   ? -8.241  -14.666 14.293  1.00 44.89 ? 239 HOH A O   1 
HETATM 1049 O O   . HOH B 2 .   ? 20.267  2.475   -5.043  1.00 45.07 ? 240 HOH A O   1 
HETATM 1050 O O   . HOH B 2 .   ? 20.651  -0.179  -5.771  1.00 45.07 ? 241 HOH A O   1 
HETATM 1051 O O   . HOH B 2 .   ? 1.317   8.994   2.083   1.00 45.15 ? 242 HOH A O   1 
HETATM 1052 O O   . HOH B 2 .   ? 22.568  8.198   5.017   1.00 45.25 ? 243 HOH A O   1 
HETATM 1053 O O   . HOH B 2 .   ? 1.271   5.412   -11.819 1.00 46.03 ? 244 HOH A O   1 
HETATM 1054 O O   . HOH B 2 .   ? -23.714 18.981  0.236   1.00 46.27 ? 245 HOH A O   1 
HETATM 1055 O O   . HOH B 2 .   ? 10.917  0.911   -10.832 1.00 46.46 ? 246 HOH A O   1 
HETATM 1056 O O   . HOH B 2 .   ? -21.780 18.289  9.043   1.00 46.82 ? 247 HOH A O   1 
HETATM 1057 O O   . HOH B 2 .   ? -14.275 -13.538 3.983   1.00 46.90 ? 248 HOH A O   1 
HETATM 1058 O O   . HOH B 2 .   ? 17.995  7.221   5.647   1.00 48.11 ? 249 HOH A O   1 
HETATM 1059 O O   . HOH B 2 .   ? 19.326  9.577   5.514   1.00 48.30 ? 250 HOH A O   1 
HETATM 1060 O O   . HOH B 2 .   ? 16.987  4.478   -6.275  1.00 48.56 ? 251 HOH A O   1 
HETATM 1061 O O   . HOH B 2 .   ? -10.904 -15.755 11.705  1.00 48.98 ? 252 HOH A O   1 
HETATM 1062 O O   . HOH B 2 .   ? -24.833 25.975  10.526  1.00 49.47 ? 253 HOH A O   1 
HETATM 1063 O O   . HOH B 2 .   ? -17.120 3.991   7.045   1.00 49.69 ? 254 HOH A O   1 
HETATM 1064 O O   . HOH B 2 .   ? 16.653  8.714   8.051   1.00 50.18 ? 255 HOH A O   1 
HETATM 1065 O O   . HOH B 2 .   ? 1.534   5.516   -8.909  1.00 50.24 ? 256 HOH A O   1 
HETATM 1066 O O   . HOH B 2 .   ? 17.782  -5.002  6.443   1.00 50.99 ? 257 HOH A O   1 
HETATM 1067 O O   . HOH B 2 .   ? -8.541  -17.782 -1.952  1.00 51.33 ? 258 HOH A O   1 
HETATM 1068 O O   . HOH B 2 .   ? 1.850   -7.885  8.109   1.00 52.94 ? 259 HOH A O   1 
HETATM 1069 O O   . HOH B 2 .   ? -25.529 26.106  15.581  1.00 54.63 ? 260 HOH A O   1 
HETATM 1070 O O   . HOH B 2 .   ? 1.739   0.188   -15.147 1.00 54.73 ? 261 HOH A O   1 
HETATM 1071 O O   . HOH B 2 .   ? -24.202 19.143  9.206   1.00 55.21 ? 262 HOH A O   1 
HETATM 1072 O O   . HOH B 2 .   ? -0.236  -15.111 -7.007  1.00 55.83 ? 263 HOH A O   1 
HETATM 1073 O O   . HOH B 2 .   ? 4.153   4.798   -9.660  1.00 56.79 ? 264 HOH A O   1 
HETATM 1074 O O   . HOH B 2 .   ? 1.484   -11.796 6.147   1.00 58.47 ? 265 HOH A O   1 
HETATM 1075 O O   . HOH B 2 .   ? -15.873 28.502  0.695   1.00 59.55 ? 266 HOH A O   1 
HETATM 1076 O O   . HOH B 2 .   ? 17.250  -14.848 -8.045  1.00 59.77 ? 267 HOH A O   1 
# 
